data_8QNS
#
_entry.id   8QNS
#
_cell.length_a   110.087
_cell.length_b   115.619
_cell.length_c   192.727
_cell.angle_alpha   90.000
_cell.angle_beta   90.000
_cell.angle_gamma   90.000
#
_symmetry.space_group_name_H-M   'P 21 21 21'
#
loop_
_entity.id
_entity.type
_entity.pdbx_description
1 polymer 'Apoptosis-inducing factor 1, mitochondrial'
2 polymer 'Mitochondrial intermembrane space import and assembly protein 40'
3 non-polymer 'FLAVIN-ADENINE DINUCLEOTIDE'
4 non-polymer NICOTINAMIDE-ADENINE-DINUCLEOTIDE
5 water water
#
loop_
_entity_poly.entity_id
_entity_poly.type
_entity_poly.pdbx_seq_one_letter_code
_entity_poly.pdbx_strand_id
1 'polypeptide(L)'
;MGLSPEEKQRRAIASATEGGSVPQIRAPSHVPFLLIGGGTAAFAAARSIRARDPGARVLIVSEDPELPYMRPPLSKELWF
SDDPNVTKTLQFRQWNGKERSIYFQPPSFYVSAQDLPNIENGGVAVLTGKKVVHLDVRGNMVKLNDGSQITFEKCLIATG
GTPRSLSAIDRAGAEVKSRTTLFRKIGDFRALEKISREVKSITVIGGGFLGSELACALGRKSQASGIEVIQLFPEKGNMG
KILPQYLSNWTMEKVKREGVKVMPNAIVQSVGVSGGRLLIKLKDGRKVETDHIVTAVGLEPNVELAKTGGLEIDSDFGGF
RVNAELQARSNIWVAGDAACFYDIKLGRRRVEHHDHAVVSGRLAGENMTGAAKPYWHQSMFWSDLGPDVGYEAIGLVDSS
LPTVGVFAKATAQDNPKSATEQSGTGIRSESETESEASEITIPPSAPAVPQVPVEGEDYGKGVIFYLRDKVVVGIVLWNV
FNRMPIARKIIKDGEQHEDLNEVAKLFNIHEDLVPRGSHHHHHH
;
A,D,G,J
2 'polypeptide(L)' MSYCRQEGKDRIIFVTKEDHETPSSAE M,N,O,P
#
loop_
_chem_comp.id
_chem_comp.type
_chem_comp.name
_chem_comp.formula
FAD non-polymer 'FLAVIN-ADENINE DINUCLEOTIDE' 'C27 H33 N9 O15 P2'
NAD non-polymer NICOTINAMIDE-ADENINE-DINUCLEOTIDE 'C21 H27 N7 O14 P2'
#
# COMPACT_ATOMS: atom_id res chain seq x y z
N ILE A 25 -29.89 46.37 22.28
CA ILE A 25 -28.43 46.12 22.29
C ILE A 25 -27.81 46.40 20.93
N ARG A 26 -26.60 46.98 20.95
CA ARG A 26 -25.91 47.35 19.74
C ARG A 26 -24.83 46.33 19.40
N ALA A 27 -24.71 46.06 18.10
CA ALA A 27 -23.71 45.16 17.57
C ALA A 27 -22.36 45.86 17.61
N PRO A 28 -21.26 45.13 17.94
CA PRO A 28 -19.91 45.66 17.85
C PRO A 28 -19.45 45.80 16.39
N SER A 29 -18.87 46.97 16.08
CA SER A 29 -18.53 47.33 14.72
C SER A 29 -17.54 46.35 14.12
N HIS A 30 -16.65 45.83 14.96
CA HIS A 30 -15.68 44.84 14.53
C HIS A 30 -15.50 43.75 15.59
N VAL A 31 -15.16 42.55 15.11
CA VAL A 31 -14.90 41.39 15.95
C VAL A 31 -13.92 40.51 15.19
N PRO A 32 -12.91 39.89 15.85
CA PRO A 32 -11.96 39.02 15.15
C PRO A 32 -12.55 37.72 14.57
N PHE A 33 -13.55 37.14 15.26
CA PHE A 33 -14.15 35.87 14.83
C PHE A 33 -15.65 36.00 14.67
N LEU A 34 -16.13 35.99 13.43
CA LEU A 34 -17.55 36.10 13.19
C LEU A 34 -18.09 34.77 12.66
N LEU A 35 -19.08 34.21 13.36
CA LEU A 35 -19.68 32.96 12.93
C LEU A 35 -21.12 33.23 12.50
N ILE A 36 -21.32 33.25 11.18
CA ILE A 36 -22.64 33.42 10.63
C ILE A 36 -23.37 32.11 10.82
N GLY A 37 -24.43 32.15 11.63
CA GLY A 37 -25.38 31.05 11.68
C GLY A 37 -25.25 30.24 12.97
N GLY A 38 -25.98 30.72 13.99
CA GLY A 38 -25.87 30.23 15.35
C GLY A 38 -26.61 28.92 15.61
N GLY A 39 -26.02 27.85 15.06
CA GLY A 39 -26.49 26.48 15.22
C GLY A 39 -25.45 25.57 15.87
N THR A 40 -25.51 24.28 15.54
CA THR A 40 -24.65 23.29 16.17
C THR A 40 -23.24 23.47 15.64
N ALA A 41 -23.13 23.89 14.38
CA ALA A 41 -21.82 24.09 13.79
C ALA A 41 -21.13 25.28 14.45
N ALA A 42 -21.85 26.39 14.58
CA ALA A 42 -21.25 27.61 15.10
C ALA A 42 -20.66 27.38 16.49
N PHE A 43 -21.35 26.56 17.27
CA PHE A 43 -21.01 26.44 18.67
C PHE A 43 -19.70 25.70 18.82
N ALA A 44 -19.55 24.60 18.08
CA ALA A 44 -18.33 23.82 18.10
C ALA A 44 -17.13 24.67 17.70
N ALA A 45 -17.34 25.45 16.63
CA ALA A 45 -16.33 26.34 16.12
C ALA A 45 -15.87 27.25 17.24
N ALA A 46 -16.83 27.94 17.85
CA ALA A 46 -16.50 28.95 18.85
C ALA A 46 -15.77 28.32 20.03
N ARG A 47 -16.27 27.17 20.45
CA ARG A 47 -15.63 26.40 21.50
C ARG A 47 -14.22 26.03 21.08
N SER A 48 -14.03 25.56 19.84
CA SER A 48 -12.72 25.19 19.33
C SER A 48 -11.83 26.41 19.13
N ILE A 49 -12.41 27.57 18.78
CA ILE A 49 -11.63 28.78 18.64
C ILE A 49 -11.13 29.17 20.03
N ARG A 50 -12.05 29.21 20.99
CA ARG A 50 -11.71 29.67 22.32
C ARG A 50 -10.61 28.78 22.87
N ALA A 51 -10.64 27.51 22.48
CA ALA A 51 -9.72 26.54 23.01
C ALA A 51 -8.34 26.74 22.40
N ARG A 52 -8.28 26.73 21.08
CA ARG A 52 -7.00 26.78 20.41
C ARG A 52 -6.29 28.11 20.70
N ASP A 53 -7.05 29.22 20.59
CA ASP A 53 -6.56 30.54 20.93
C ASP A 53 -7.33 31.07 22.13
N PRO A 54 -6.77 31.06 23.36
CA PRO A 54 -7.53 31.49 24.53
C PRO A 54 -7.70 32.99 24.48
N GLY A 55 -8.73 33.49 25.17
CA GLY A 55 -9.07 34.89 25.15
C GLY A 55 -9.56 35.34 23.77
N ALA A 56 -10.10 34.40 22.99
CA ALA A 56 -10.64 34.77 21.71
C ALA A 56 -11.87 35.64 21.93
N ARG A 57 -12.25 36.39 20.89
CA ARG A 57 -13.45 37.20 20.93
C ARG A 57 -14.33 36.72 19.78
N VAL A 58 -15.38 35.98 20.13
CA VAL A 58 -16.19 35.31 19.12
C VAL A 58 -17.63 35.80 19.18
N LEU A 59 -18.19 36.15 18.01
CA LEU A 59 -19.56 36.60 17.88
C LEU A 59 -20.36 35.64 16.98
N ILE A 60 -21.37 34.99 17.55
CA ILE A 60 -22.23 34.17 16.74
C ILE A 60 -23.45 35.01 16.40
N VAL A 61 -23.66 35.26 15.11
CA VAL A 61 -24.84 35.95 14.66
C VAL A 61 -25.87 34.92 14.22
N SER A 62 -27.04 34.93 14.86
CA SER A 62 -28.03 33.87 14.66
C SER A 62 -29.40 34.47 14.36
N GLU A 63 -29.99 34.09 13.22
CA GLU A 63 -31.27 34.65 12.83
C GLU A 63 -32.33 34.09 13.77
N ASP A 64 -32.07 32.88 14.28
CA ASP A 64 -32.90 32.23 15.28
C ASP A 64 -32.77 33.03 16.59
N PRO A 65 -33.87 33.24 17.34
CA PRO A 65 -33.78 33.90 18.65
C PRO A 65 -33.35 32.98 19.81
N GLU A 66 -33.49 31.67 19.60
CA GLU A 66 -32.98 30.70 20.56
C GLU A 66 -31.46 30.64 20.48
N LEU A 67 -30.80 30.58 21.64
CA LEU A 67 -29.37 30.35 21.67
C LEU A 67 -29.07 28.96 21.13
N PRO A 68 -27.85 28.70 20.65
CA PRO A 68 -27.49 27.38 20.12
C PRO A 68 -27.88 26.19 21.02
N TYR A 69 -28.70 25.33 20.40
CA TYR A 69 -29.20 24.10 20.99
C TYR A 69 -29.03 22.99 19.98
N MET A 70 -29.16 21.75 20.45
CA MET A 70 -28.99 20.58 19.61
C MET A 70 -30.36 20.11 19.13
N ARG A 71 -30.41 19.52 17.94
CA ARG A 71 -31.68 19.20 17.33
C ARG A 71 -32.06 17.74 17.59
N PRO A 72 -31.14 16.75 17.64
CA PRO A 72 -31.56 15.36 17.78
C PRO A 72 -32.71 15.13 18.75
N PRO A 73 -32.73 15.71 19.95
CA PRO A 73 -33.81 15.46 20.88
C PRO A 73 -35.19 15.80 20.32
N LEU A 74 -35.24 16.74 19.40
CA LEU A 74 -36.56 17.20 18.97
C LEU A 74 -37.37 16.13 18.22
N SER A 75 -36.75 15.00 17.77
CA SER A 75 -37.45 13.92 17.07
C SER A 75 -37.48 12.65 17.92
N LYS A 76 -36.70 12.65 19.01
CA LYS A 76 -36.42 11.43 19.74
C LYS A 76 -36.63 11.65 21.23
N GLU A 77 -35.68 12.34 21.86
CA GLU A 77 -35.48 12.27 23.30
C GLU A 77 -36.56 13.07 24.04
N LEU A 78 -37.03 14.19 23.46
CA LEU A 78 -38.05 15.02 24.11
C LEU A 78 -39.46 14.45 23.93
N TRP A 79 -39.68 13.52 22.99
CA TRP A 79 -40.98 12.91 22.85
C TRP A 79 -41.18 11.82 23.89
N PHE A 80 -40.10 11.32 24.46
CA PHE A 80 -40.22 10.19 25.37
C PHE A 80 -40.11 10.63 26.82
N SER A 81 -39.99 11.94 27.04
CA SER A 81 -39.85 12.47 28.39
C SER A 81 -41.18 12.28 29.12
N ASP A 82 -41.10 11.70 30.32
CA ASP A 82 -42.28 11.46 31.15
C ASP A 82 -42.81 12.78 31.65
N ASP A 83 -41.89 13.68 32.02
CA ASP A 83 -42.24 14.97 32.59
C ASP A 83 -43.08 15.76 31.60
N PRO A 84 -44.36 16.10 31.93
CA PRO A 84 -45.25 16.76 30.98
C PRO A 84 -44.84 18.21 30.75
N ASN A 85 -43.96 18.71 31.62
CA ASN A 85 -43.41 20.05 31.48
C ASN A 85 -42.23 20.04 30.50
N VAL A 86 -42.05 18.96 29.76
CA VAL A 86 -40.91 18.89 28.88
C VAL A 86 -40.96 20.04 27.88
N THR A 87 -42.16 20.47 27.46
CA THR A 87 -42.26 21.46 26.40
C THR A 87 -41.72 22.80 26.88
N LYS A 88 -41.59 22.96 28.20
CA LYS A 88 -41.13 24.20 28.80
C LYS A 88 -39.70 24.04 29.31
N THR A 89 -39.34 22.87 29.86
CA THR A 89 -38.02 22.64 30.46
C THR A 89 -36.97 22.25 29.43
N LEU A 90 -37.43 21.69 28.32
CA LEU A 90 -36.57 21.28 27.22
C LEU A 90 -35.39 20.46 27.75
N GLN A 91 -35.66 19.61 28.74
CA GLN A 91 -34.65 18.70 29.25
C GLN A 91 -34.98 17.27 28.86
N PHE A 92 -33.98 16.41 28.98
CA PHE A 92 -34.15 14.99 28.64
C PHE A 92 -33.16 14.16 29.46
N ARG A 93 -33.37 12.86 29.53
CA ARG A 93 -32.44 11.97 30.28
C ARG A 93 -31.63 11.18 29.26
N GLN A 94 -30.32 11.35 29.28
CA GLN A 94 -29.46 10.69 28.26
C GLN A 94 -29.52 9.18 28.41
N TRP A 95 -29.19 8.46 27.34
CA TRP A 95 -29.17 7.00 27.37
C TRP A 95 -28.32 6.46 28.53
N ASN A 96 -27.53 7.33 29.18
CA ASN A 96 -26.78 6.95 30.35
C ASN A 96 -27.54 7.34 31.64
N GLY A 97 -28.77 7.83 31.52
CA GLY A 97 -29.61 8.10 32.67
C GLY A 97 -29.44 9.49 33.27
N LYS A 98 -28.46 10.27 32.77
CA LYS A 98 -28.16 11.62 33.24
C LYS A 98 -29.06 12.63 32.52
N GLU A 99 -29.55 13.64 33.27
CA GLU A 99 -30.53 14.60 32.74
C GLU A 99 -29.83 15.87 32.31
N ARG A 100 -30.15 16.38 31.12
CA ARG A 100 -29.52 17.59 30.61
C ARG A 100 -30.52 18.38 29.79
N SER A 101 -30.06 19.49 29.23
CA SER A 101 -30.86 20.39 28.41
C SER A 101 -30.36 20.34 26.98
N ILE A 102 -31.21 20.73 26.03
CA ILE A 102 -30.84 20.67 24.62
C ILE A 102 -29.91 21.84 24.29
N TYR A 103 -29.94 22.88 25.11
CA TYR A 103 -29.07 24.01 24.87
C TYR A 103 -27.65 23.59 25.19
N PHE A 104 -26.70 24.14 24.43
CA PHE A 104 -25.34 23.68 24.57
C PHE A 104 -24.83 24.20 25.90
N GLN A 105 -24.99 25.50 26.12
CA GLN A 105 -24.70 26.01 27.44
C GLN A 105 -25.79 27.00 27.82
N PRO A 106 -25.90 27.32 29.13
CA PRO A 106 -26.81 28.35 29.62
C PRO A 106 -26.40 29.73 29.17
N PRO A 107 -27.36 30.68 29.12
CA PRO A 107 -27.08 32.07 28.73
C PRO A 107 -25.94 32.74 29.49
N SER A 108 -25.79 32.41 30.78
CA SER A 108 -24.82 33.03 31.67
C SER A 108 -23.41 32.79 31.17
N PHE A 109 -23.21 31.75 30.36
CA PHE A 109 -21.89 31.42 29.88
C PHE A 109 -21.59 32.07 28.53
N TYR A 110 -22.43 33.01 28.10
CA TYR A 110 -22.16 33.79 26.91
C TYR A 110 -21.92 35.23 27.36
N VAL A 111 -21.06 35.96 26.65
CA VAL A 111 -20.89 37.36 26.92
C VAL A 111 -21.85 38.13 26.01
N SER A 112 -21.98 39.43 26.30
CA SER A 112 -22.90 40.29 25.57
C SER A 112 -22.18 40.92 24.38
N ALA A 113 -22.96 41.28 23.35
CA ALA A 113 -22.44 41.79 22.10
C ALA A 113 -21.76 43.13 22.35
N GLN A 114 -22.34 43.85 23.30
CA GLN A 114 -21.84 45.13 23.72
C GLN A 114 -20.46 44.92 24.35
N ASP A 115 -20.37 43.98 25.31
CA ASP A 115 -19.22 43.89 26.20
C ASP A 115 -18.12 43.00 25.60
N LEU A 116 -18.35 42.45 24.41
CA LEU A 116 -17.45 41.47 23.83
C LEU A 116 -16.09 42.08 23.49
N PRO A 117 -16.02 43.22 22.76
CA PRO A 117 -14.72 43.80 22.42
C PRO A 117 -14.08 44.60 23.56
N ASN A 118 -14.36 44.21 24.82
CA ASN A 118 -13.70 44.80 25.96
C ASN A 118 -13.38 43.74 26.99
N ILE A 119 -14.37 42.89 27.32
CA ILE A 119 -14.25 41.92 28.39
C ILE A 119 -12.90 41.21 28.31
N GLU A 120 -12.30 40.99 29.48
CA GLU A 120 -10.97 40.44 29.63
C GLU A 120 -11.02 38.95 29.33
N ASN A 121 -10.15 38.50 28.41
CA ASN A 121 -10.18 37.14 27.89
C ASN A 121 -11.45 36.89 27.08
N GLY A 122 -11.91 37.91 26.37
CA GLY A 122 -12.93 37.74 25.34
C GLY A 122 -14.07 36.85 25.80
N GLY A 123 -14.42 35.86 24.97
CA GLY A 123 -15.58 35.04 25.24
C GLY A 123 -16.45 34.88 23.99
N VAL A 124 -17.66 34.34 24.19
CA VAL A 124 -18.55 34.12 23.07
C VAL A 124 -19.83 34.89 23.27
N ALA A 125 -20.12 35.78 22.32
CA ALA A 125 -21.38 36.51 22.34
C ALA A 125 -22.28 35.97 21.23
N VAL A 126 -23.58 35.84 21.54
CA VAL A 126 -24.56 35.38 20.57
C VAL A 126 -25.55 36.50 20.29
N LEU A 127 -25.62 36.93 19.04
CA LEU A 127 -26.58 37.95 18.60
C LEU A 127 -27.85 37.24 18.14
N THR A 128 -28.85 37.21 19.02
CA THR A 128 -30.08 36.49 18.72
C THR A 128 -30.97 37.37 17.89
N GLY A 129 -31.75 36.75 17.02
CA GLY A 129 -32.70 37.46 16.17
C GLY A 129 -32.03 38.44 15.22
N LYS A 130 -30.96 38.00 14.54
CA LYS A 130 -30.25 38.82 13.57
C LYS A 130 -29.74 37.96 12.42
N LYS A 131 -30.19 38.26 11.19
CA LYS A 131 -29.78 37.59 9.98
C LYS A 131 -28.71 38.39 9.23
N VAL A 132 -27.63 37.73 8.81
CA VAL A 132 -26.70 38.34 7.88
C VAL A 132 -27.34 38.24 6.52
N VAL A 133 -27.31 39.37 5.79
CA VAL A 133 -27.99 39.50 4.51
C VAL A 133 -27.00 39.83 3.39
N HIS A 134 -25.71 39.99 3.74
CA HIS A 134 -24.73 40.29 2.72
C HIS A 134 -23.35 40.07 3.27
N LEU A 135 -22.52 39.40 2.47
CA LEU A 135 -21.19 39.05 2.89
C LEU A 135 -20.20 39.73 1.94
N ASP A 136 -19.63 40.84 2.43
CA ASP A 136 -18.66 41.58 1.64
C ASP A 136 -17.30 40.93 1.79
N VAL A 137 -17.07 39.95 0.92
CA VAL A 137 -15.90 39.12 1.03
C VAL A 137 -14.70 40.02 0.90
N ARG A 138 -14.70 40.84 -0.17
CA ARG A 138 -13.56 41.66 -0.57
C ARG A 138 -13.15 42.51 0.64
N GLY A 139 -14.12 43.07 1.36
CA GLY A 139 -13.83 43.98 2.46
C GLY A 139 -13.95 43.37 3.86
N ASN A 140 -14.12 42.05 3.94
CA ASN A 140 -14.17 41.36 5.22
C ASN A 140 -15.26 41.92 6.11
N MET A 141 -16.46 42.08 5.55
CA MET A 141 -17.51 42.71 6.31
C MET A 141 -18.82 42.00 6.04
N VAL A 142 -19.69 41.96 7.04
CA VAL A 142 -21.05 41.49 6.85
C VAL A 142 -22.00 42.67 7.13
N LYS A 143 -23.15 42.64 6.46
CA LYS A 143 -24.20 43.62 6.64
C LYS A 143 -25.38 42.84 7.22
N LEU A 144 -25.95 43.36 8.30
CA LEU A 144 -27.05 42.67 8.95
C LEU A 144 -28.39 43.17 8.39
N ASN A 145 -29.43 42.42 8.70
CA ASN A 145 -30.77 42.73 8.24
C ASN A 145 -31.16 44.14 8.67
N ASP A 146 -30.63 44.62 9.80
CA ASP A 146 -31.03 45.92 10.36
C ASP A 146 -30.08 47.03 9.91
N GLY A 147 -29.26 46.76 8.89
CA GLY A 147 -28.33 47.73 8.34
C GLY A 147 -26.94 47.57 8.94
N SER A 148 -26.90 47.38 10.27
CA SER A 148 -25.66 47.42 11.03
C SER A 148 -24.64 46.46 10.42
N GLN A 149 -23.42 46.96 10.24
CA GLN A 149 -22.36 46.21 9.61
C GLN A 149 -21.29 45.87 10.65
N ILE A 150 -20.66 44.72 10.44
CA ILE A 150 -19.65 44.18 11.35
C ILE A 150 -18.49 43.68 10.51
N THR A 151 -17.29 44.15 10.79
CA THR A 151 -16.12 43.65 10.11
C THR A 151 -15.48 42.53 10.94
N PHE A 152 -14.69 41.69 10.27
CA PHE A 152 -14.15 40.49 10.86
C PHE A 152 -12.72 40.27 10.40
N GLU A 153 -11.96 39.47 11.17
CA GLU A 153 -10.68 38.97 10.72
C GLU A 153 -10.92 37.60 10.10
N LYS A 154 -11.61 36.73 10.84
CA LYS A 154 -11.94 35.43 10.32
C LYS A 154 -13.45 35.24 10.38
N CYS A 155 -13.99 34.54 9.41
CA CYS A 155 -15.42 34.35 9.36
C CYS A 155 -15.76 32.91 9.00
N LEU A 156 -16.82 32.39 9.62
CA LEU A 156 -17.29 31.06 9.31
C LEU A 156 -18.74 31.18 8.89
N ILE A 157 -19.10 30.48 7.82
CA ILE A 157 -20.50 30.33 7.46
C ILE A 157 -20.93 29.00 8.05
N ALA A 158 -22.03 29.03 8.79
CA ALA A 158 -22.56 27.83 9.39
C ALA A 158 -24.07 27.96 9.38
N THR A 159 -24.58 28.27 8.19
CA THR A 159 -25.99 28.59 8.00
C THR A 159 -26.84 27.32 8.05
N GLY A 160 -26.22 26.14 8.03
CA GLY A 160 -26.99 24.91 8.13
C GLY A 160 -27.93 24.74 6.94
N GLY A 161 -29.24 24.78 7.16
CA GLY A 161 -30.19 24.61 6.08
C GLY A 161 -31.66 24.65 6.52
N THR A 162 -32.54 24.75 5.53
CA THR A 162 -33.96 24.86 5.76
C THR A 162 -34.66 23.61 5.21
N PRO A 163 -35.77 23.09 5.81
CA PRO A 163 -36.37 21.84 5.34
C PRO A 163 -37.15 22.07 4.05
N ARG A 164 -37.01 21.11 3.13
CA ARG A 164 -37.65 21.18 1.83
C ARG A 164 -39.16 20.99 2.04
N SER A 165 -39.93 21.77 1.26
CA SER A 165 -41.39 21.68 1.20
C SER A 165 -41.82 20.80 0.04
N LEU A 166 -42.93 20.10 0.24
CA LEU A 166 -43.45 19.24 -0.80
C LEU A 166 -44.16 20.13 -1.79
N SER A 167 -43.90 19.88 -3.07
CA SER A 167 -44.45 20.69 -4.14
C SER A 167 -45.97 20.76 -4.05
N ALA A 168 -46.62 19.61 -3.87
CA ALA A 168 -48.06 19.51 -3.84
C ALA A 168 -48.67 20.43 -2.76
N ILE A 169 -48.01 20.52 -1.61
CA ILE A 169 -48.45 21.36 -0.51
C ILE A 169 -48.39 22.82 -0.92
N ASP A 170 -47.32 23.20 -1.64
CA ASP A 170 -47.12 24.59 -2.04
C ASP A 170 -48.27 25.01 -2.95
N ARG A 171 -48.57 24.14 -3.91
CA ARG A 171 -49.59 24.41 -4.92
C ARG A 171 -50.99 24.57 -4.28
N ALA A 172 -51.26 23.86 -3.16
CA ALA A 172 -52.59 23.84 -2.56
C ALA A 172 -52.92 25.20 -1.94
N GLY A 173 -54.19 25.39 -1.56
CA GLY A 173 -54.64 26.64 -0.97
C GLY A 173 -54.13 26.81 0.45
N ALA A 174 -54.26 28.04 0.99
CA ALA A 174 -53.69 28.41 2.28
C ALA A 174 -54.45 27.76 3.44
N GLU A 175 -55.61 27.17 3.17
CA GLU A 175 -56.34 26.44 4.20
C GLU A 175 -55.53 25.20 4.56
N VAL A 176 -55.10 24.47 3.53
CA VAL A 176 -54.33 23.24 3.71
C VAL A 176 -52.90 23.62 4.10
N LYS A 177 -52.40 24.74 3.54
CA LYS A 177 -51.04 25.21 3.82
C LYS A 177 -50.88 25.53 5.30
N SER A 178 -51.94 26.10 5.91
CA SER A 178 -51.92 26.50 7.31
C SER A 178 -51.88 25.27 8.21
N ARG A 179 -52.41 24.14 7.72
CA ARG A 179 -52.43 22.90 8.49
C ARG A 179 -51.32 21.97 8.02
N THR A 180 -50.13 22.54 7.74
CA THR A 180 -48.95 21.76 7.35
C THR A 180 -47.68 22.34 7.98
N THR A 181 -46.96 21.52 8.76
CA THR A 181 -45.75 21.98 9.42
C THR A 181 -44.56 21.21 8.87
N LEU A 182 -43.40 21.87 8.96
CA LEU A 182 -42.12 21.26 8.69
C LEU A 182 -41.39 21.14 10.01
N PHE A 183 -40.24 20.46 10.03
CA PHE A 183 -39.60 20.20 11.32
C PHE A 183 -38.10 20.52 11.28
N ARG A 184 -37.69 21.33 12.25
CA ARG A 184 -36.32 21.77 12.41
C ARG A 184 -36.20 22.46 13.78
N LYS A 185 -36.92 23.58 13.96
CA LYS A 185 -36.70 24.48 15.10
C LYS A 185 -37.36 23.94 16.37
N ILE A 186 -37.28 24.72 17.45
CA ILE A 186 -37.84 24.31 18.72
C ILE A 186 -39.36 24.43 18.63
N GLY A 187 -39.82 25.57 18.13
CA GLY A 187 -41.26 25.78 18.01
C GLY A 187 -41.95 24.69 17.19
N ASP A 188 -41.24 24.15 16.19
CA ASP A 188 -41.74 23.07 15.35
C ASP A 188 -42.17 21.92 16.26
N PHE A 189 -41.28 21.57 17.21
CA PHE A 189 -41.55 20.52 18.19
C PHE A 189 -42.70 20.93 19.09
N ARG A 190 -42.58 22.11 19.70
CA ARG A 190 -43.54 22.58 20.68
C ARG A 190 -44.96 22.66 20.10
N ALA A 191 -45.07 23.00 18.80
CA ALA A 191 -46.37 23.13 18.16
C ALA A 191 -46.91 21.77 17.75
N LEU A 192 -46.03 20.92 17.22
CA LEU A 192 -46.47 19.59 16.83
C LEU A 192 -46.75 18.72 18.05
N GLU A 193 -46.23 19.07 19.22
CA GLU A 193 -46.52 18.33 20.44
C GLU A 193 -47.94 18.64 20.89
N LYS A 194 -48.35 19.90 20.72
CA LYS A 194 -49.71 20.34 20.99
C LYS A 194 -50.65 19.66 19.99
N ILE A 195 -50.33 19.79 18.70
CA ILE A 195 -51.17 19.26 17.64
C ILE A 195 -51.36 17.76 17.84
N SER A 196 -50.42 17.09 18.50
CA SER A 196 -50.51 15.66 18.79
C SER A 196 -51.59 15.36 19.82
N ARG A 197 -51.89 16.35 20.66
CA ARG A 197 -52.91 16.16 21.69
C ARG A 197 -54.24 16.75 21.22
N GLU A 198 -54.34 17.17 19.95
CA GLU A 198 -55.53 17.86 19.47
C GLU A 198 -56.24 17.05 18.39
N VAL A 199 -55.51 16.65 17.35
CA VAL A 199 -56.13 16.00 16.20
C VAL A 199 -56.26 14.51 16.43
N LYS A 200 -56.94 13.83 15.51
CA LYS A 200 -57.20 12.40 15.61
C LYS A 200 -56.28 11.62 14.68
N SER A 201 -55.68 12.32 13.70
CA SER A 201 -54.87 11.66 12.68
C SER A 201 -53.80 12.61 12.19
N ILE A 202 -52.53 12.20 12.27
CA ILE A 202 -51.42 12.97 11.72
C ILE A 202 -50.72 12.12 10.67
N THR A 203 -50.51 12.71 9.48
CA THR A 203 -49.80 12.05 8.40
C THR A 203 -48.47 12.73 8.13
N VAL A 204 -47.41 11.93 8.25
CA VAL A 204 -46.06 12.36 7.95
C VAL A 204 -45.75 11.95 6.51
N ILE A 205 -45.30 12.90 5.70
CA ILE A 205 -44.93 12.60 4.33
C ILE A 205 -43.41 12.60 4.24
N GLY A 206 -42.84 11.52 3.72
CA GLY A 206 -41.40 11.39 3.57
C GLY A 206 -40.89 10.30 4.50
N GLY A 207 -39.92 9.53 4.02
CA GLY A 207 -39.47 8.36 4.75
C GLY A 207 -38.07 8.58 5.29
N GLY A 208 -37.80 9.85 5.59
CA GLY A 208 -36.44 10.24 5.88
C GLY A 208 -36.06 9.85 7.31
N PHE A 209 -34.82 10.18 7.66
CA PHE A 209 -34.33 10.15 9.02
C PHE A 209 -35.43 10.74 9.90
N LEU A 210 -35.82 11.97 9.58
CA LEU A 210 -36.74 12.73 10.41
C LEU A 210 -38.11 12.10 10.28
N GLY A 211 -38.50 11.85 9.02
CA GLY A 211 -39.77 11.21 8.73
C GLY A 211 -40.00 10.07 9.70
N SER A 212 -39.06 9.13 9.69
CA SER A 212 -39.23 7.91 10.45
C SER A 212 -39.24 8.23 11.95
N GLU A 213 -38.35 9.13 12.38
CA GLU A 213 -38.14 9.38 13.80
C GLU A 213 -39.39 10.05 14.39
N LEU A 214 -40.10 10.83 13.56
CA LEU A 214 -41.30 11.47 14.03
C LEU A 214 -42.42 10.46 13.99
N ALA A 215 -42.45 9.66 12.93
CA ALA A 215 -43.49 8.65 12.83
C ALA A 215 -43.43 7.74 14.04
N CYS A 216 -42.22 7.42 14.54
CA CYS A 216 -42.07 6.51 15.68
C CYS A 216 -42.31 7.22 17.02
N ALA A 217 -42.07 8.54 17.03
CA ALA A 217 -42.26 9.33 18.23
C ALA A 217 -43.75 9.44 18.46
N LEU A 218 -44.49 9.79 17.40
CA LEU A 218 -45.94 9.89 17.44
C LEU A 218 -46.53 8.50 17.67
N GLY A 219 -45.95 7.49 17.02
CA GLY A 219 -46.38 6.12 17.20
C GLY A 219 -46.37 5.68 18.67
N ARG A 220 -45.36 6.10 19.43
CA ARG A 220 -45.24 5.67 20.81
C ARG A 220 -46.25 6.46 21.62
N LYS A 221 -46.49 7.73 21.22
CA LYS A 221 -47.43 8.57 21.95
C LYS A 221 -48.85 8.06 21.74
N SER A 222 -49.06 7.46 20.56
CA SER A 222 -50.35 6.92 20.18
C SER A 222 -50.69 5.70 21.01
N GLN A 223 -49.70 5.09 21.67
CA GLN A 223 -49.96 3.94 22.53
C GLN A 223 -50.90 4.36 23.66
N ALA A 224 -50.80 5.63 24.07
CA ALA A 224 -51.65 6.17 25.11
C ALA A 224 -52.79 7.01 24.53
N SER A 225 -52.48 7.87 23.55
CA SER A 225 -53.47 8.80 23.02
C SER A 225 -54.42 8.11 22.04
N GLY A 226 -53.94 7.07 21.34
CA GLY A 226 -54.76 6.31 20.41
C GLY A 226 -54.87 6.94 19.02
N ILE A 227 -54.09 8.00 18.79
CA ILE A 227 -54.15 8.81 17.58
C ILE A 227 -53.70 7.99 16.38
N GLU A 228 -54.30 8.28 15.22
CA GLU A 228 -53.86 7.64 13.98
C GLU A 228 -52.53 8.25 13.54
N VAL A 229 -51.55 7.36 13.33
CA VAL A 229 -50.26 7.81 12.82
C VAL A 229 -50.03 7.16 11.45
N ILE A 230 -49.97 8.01 10.41
CA ILE A 230 -49.74 7.59 9.04
C ILE A 230 -48.41 8.17 8.56
N GLN A 231 -47.66 7.34 7.82
CA GLN A 231 -46.41 7.75 7.18
C GLN A 231 -46.38 7.18 5.77
N LEU A 232 -46.20 8.06 4.78
CA LEU A 232 -46.19 7.67 3.38
C LEU A 232 -45.01 8.32 2.69
N PHE A 233 -44.46 7.60 1.71
CA PHE A 233 -43.26 8.03 1.03
C PHE A 233 -43.13 7.22 -0.25
N PRO A 234 -42.40 7.73 -1.26
CA PRO A 234 -42.27 7.05 -2.55
C PRO A 234 -41.36 5.82 -2.62
N GLU A 235 -40.47 5.61 -1.64
CA GLU A 235 -39.63 4.44 -1.63
C GLU A 235 -40.44 3.19 -1.29
N LYS A 236 -39.83 2.02 -1.51
CA LYS A 236 -40.45 0.74 -1.25
C LYS A 236 -40.32 0.37 0.23
N GLY A 237 -39.44 1.05 0.95
CA GLY A 237 -39.24 0.80 2.38
C GLY A 237 -38.67 2.02 3.09
N ASN A 238 -38.77 2.01 4.43
CA ASN A 238 -38.33 3.13 5.25
C ASN A 238 -36.84 3.36 5.01
N MET A 239 -36.43 4.63 5.09
CA MET A 239 -35.04 5.04 5.02
C MET A 239 -34.39 4.52 3.75
N GLY A 240 -35.15 4.61 2.64
CA GLY A 240 -34.78 3.96 1.38
C GLY A 240 -33.61 4.62 0.64
N LYS A 241 -33.08 5.71 1.18
CA LYS A 241 -31.96 6.40 0.58
C LYS A 241 -30.64 5.98 1.21
N ILE A 242 -30.69 5.29 2.35
CA ILE A 242 -29.45 4.90 3.03
C ILE A 242 -29.50 3.43 3.46
N LEU A 243 -30.63 2.75 3.33
CA LEU A 243 -30.68 1.35 3.69
C LEU A 243 -30.88 0.47 2.46
N PRO A 244 -30.18 -0.69 2.37
CA PRO A 244 -30.42 -1.63 1.28
C PRO A 244 -31.80 -2.25 1.43
N GLN A 245 -32.45 -2.51 0.29
CA GLN A 245 -33.84 -2.90 0.22
C GLN A 245 -34.27 -3.85 1.33
N TYR A 246 -33.53 -4.93 1.56
CA TYR A 246 -33.97 -5.95 2.50
C TYR A 246 -34.09 -5.32 3.87
N LEU A 247 -33.02 -4.67 4.31
CA LEU A 247 -33.03 -4.03 5.60
C LEU A 247 -34.07 -2.91 5.61
N SER A 248 -34.16 -2.19 4.49
CA SER A 248 -35.10 -1.10 4.36
C SER A 248 -36.50 -1.62 4.64
N ASN A 249 -36.82 -2.78 4.06
CA ASN A 249 -38.13 -3.36 4.20
C ASN A 249 -38.32 -3.79 5.65
N TRP A 250 -37.28 -4.40 6.23
CA TRP A 250 -37.38 -4.95 7.57
C TRP A 250 -37.62 -3.83 8.59
N THR A 251 -36.92 -2.69 8.38
CA THR A 251 -37.03 -1.49 9.21
C THR A 251 -38.42 -0.89 9.10
N MET A 252 -38.98 -0.85 7.89
CA MET A 252 -40.34 -0.44 7.72
C MET A 252 -41.22 -1.28 8.64
N GLU A 253 -41.00 -2.60 8.66
CA GLU A 253 -41.91 -3.48 9.36
C GLU A 253 -41.77 -3.28 10.87
N LYS A 254 -40.60 -2.79 11.33
CA LYS A 254 -40.34 -2.52 12.75
C LYS A 254 -40.90 -1.17 13.21
N VAL A 255 -40.88 -0.19 12.30
CA VAL A 255 -41.62 1.05 12.44
C VAL A 255 -43.09 0.68 12.59
N LYS A 256 -43.62 -0.12 11.66
CA LYS A 256 -45.01 -0.50 11.75
C LYS A 256 -45.32 -0.87 13.20
N ARG A 257 -44.49 -1.71 13.83
CA ARG A 257 -44.84 -2.26 15.13
C ARG A 257 -45.01 -1.13 16.14
N GLU A 258 -44.37 0.02 15.92
CA GLU A 258 -44.36 1.06 16.94
C GLU A 258 -45.65 1.86 16.91
N GLY A 259 -46.47 1.63 15.89
CA GLY A 259 -47.80 2.22 15.84
C GLY A 259 -47.94 3.19 14.67
N VAL A 260 -47.55 2.74 13.47
CA VAL A 260 -47.55 3.59 12.30
C VAL A 260 -48.22 2.85 11.13
N LYS A 261 -49.16 3.54 10.47
CA LYS A 261 -49.66 3.10 9.17
C LYS A 261 -48.66 3.59 8.13
N VAL A 262 -47.89 2.65 7.58
CA VAL A 262 -46.85 2.97 6.62
C VAL A 262 -47.32 2.66 5.20
N MET A 263 -47.26 3.68 4.34
CA MET A 263 -47.71 3.57 2.97
C MET A 263 -46.54 3.82 2.02
N PRO A 264 -45.71 2.81 1.75
CA PRO A 264 -44.60 2.98 0.81
C PRO A 264 -45.14 3.12 -0.61
N ASN A 265 -44.31 3.62 -1.51
CA ASN A 265 -44.70 3.72 -2.91
C ASN A 265 -45.80 4.76 -3.08
N ALA A 266 -45.72 5.80 -2.24
CA ALA A 266 -46.68 6.90 -2.25
C ALA A 266 -46.06 8.17 -2.87
N ILE A 267 -46.59 8.50 -4.06
CA ILE A 267 -46.28 9.74 -4.76
C ILE A 267 -47.53 10.61 -4.61
N VAL A 268 -47.42 11.70 -3.84
CA VAL A 268 -48.56 12.55 -3.57
C VAL A 268 -48.89 13.32 -4.84
N GLN A 269 -50.19 13.45 -5.15
CA GLN A 269 -50.60 14.18 -6.35
C GLN A 269 -51.23 15.52 -6.00
N SER A 270 -52.08 15.55 -4.96
CA SER A 270 -52.67 16.80 -4.52
C SER A 270 -53.30 16.64 -3.14
N VAL A 271 -53.27 17.73 -2.37
CA VAL A 271 -53.82 17.71 -1.03
C VAL A 271 -54.85 18.82 -0.91
N GLY A 272 -56.12 18.43 -0.80
CA GLY A 272 -57.22 19.35 -0.61
C GLY A 272 -57.79 19.25 0.80
N VAL A 273 -58.95 19.87 1.01
CA VAL A 273 -59.60 19.87 2.31
C VAL A 273 -60.99 19.31 2.10
N SER A 274 -61.21 18.03 2.46
CA SER A 274 -62.50 17.38 2.25
C SER A 274 -63.13 17.00 3.59
N GLY A 275 -64.32 17.57 3.89
CA GLY A 275 -65.02 17.28 5.13
C GLY A 275 -64.37 17.92 6.36
N GLY A 276 -63.69 19.07 6.15
CA GLY A 276 -62.95 19.76 7.20
C GLY A 276 -61.64 19.07 7.54
N ARG A 277 -61.23 18.10 6.72
CA ARG A 277 -60.03 17.31 6.97
C ARG A 277 -59.21 17.23 5.68
N LEU A 278 -57.88 17.22 5.84
CA LEU A 278 -56.94 17.18 4.72
C LEU A 278 -57.10 15.85 4.00
N LEU A 279 -57.21 15.91 2.66
CA LEU A 279 -57.29 14.71 1.83
C LEU A 279 -56.10 14.64 0.89
N ILE A 280 -55.32 13.55 1.05
CA ILE A 280 -54.12 13.30 0.28
C ILE A 280 -54.44 12.27 -0.81
N LYS A 281 -54.52 12.73 -2.06
CA LYS A 281 -54.74 11.84 -3.19
C LYS A 281 -53.39 11.51 -3.79
N LEU A 282 -53.05 10.20 -3.82
CA LEU A 282 -51.78 9.74 -4.38
C LEU A 282 -51.93 9.47 -5.86
N LYS A 283 -50.79 9.46 -6.58
CA LYS A 283 -50.78 9.19 -8.01
C LYS A 283 -51.26 7.75 -8.29
N ASP A 284 -51.02 6.81 -7.35
CA ASP A 284 -51.45 5.44 -7.54
C ASP A 284 -52.94 5.29 -7.28
N GLY A 285 -53.54 6.30 -6.66
CA GLY A 285 -54.99 6.40 -6.63
C GLY A 285 -55.54 6.37 -5.22
N ARG A 286 -54.71 5.92 -4.28
CA ARG A 286 -55.13 5.78 -2.89
C ARG A 286 -55.41 7.19 -2.37
N LYS A 287 -56.41 7.30 -1.48
CA LYS A 287 -56.71 8.55 -0.81
C LYS A 287 -56.46 8.37 0.69
N VAL A 288 -56.12 9.46 1.38
CA VAL A 288 -55.84 9.42 2.81
C VAL A 288 -56.51 10.62 3.46
N GLU A 289 -57.39 10.35 4.42
CA GLU A 289 -58.00 11.44 5.15
C GLU A 289 -57.22 11.61 6.44
N THR A 290 -56.86 12.85 6.76
CA THR A 290 -56.12 13.15 7.97
C THR A 290 -56.36 14.61 8.38
N ASP A 291 -55.95 14.96 9.62
CA ASP A 291 -56.18 16.28 10.19
C ASP A 291 -54.97 17.21 10.04
N HIS A 292 -53.75 16.66 10.12
CA HIS A 292 -52.57 17.50 10.03
C HIS A 292 -51.52 16.71 9.27
N ILE A 293 -50.62 17.44 8.60
CA ILE A 293 -49.59 16.86 7.76
C ILE A 293 -48.26 17.46 8.14
N VAL A 294 -47.22 16.61 8.17
CA VAL A 294 -45.88 17.09 8.41
C VAL A 294 -44.96 16.57 7.31
N THR A 295 -44.39 17.48 6.51
CA THR A 295 -43.53 17.06 5.41
C THR A 295 -42.07 17.05 5.87
N ALA A 296 -41.48 15.87 5.74
CA ALA A 296 -40.09 15.66 6.02
C ALA A 296 -39.50 15.02 4.78
N VAL A 297 -39.21 15.88 3.80
CA VAL A 297 -38.86 15.43 2.46
C VAL A 297 -37.49 15.98 2.08
N GLY A 298 -36.63 16.17 3.08
CA GLY A 298 -35.25 16.53 2.82
C GLY A 298 -34.95 17.96 3.22
N LEU A 299 -33.69 18.36 3.02
CA LEU A 299 -33.16 19.60 3.53
C LEU A 299 -32.49 20.34 2.38
N GLU A 300 -32.80 21.64 2.26
CA GLU A 300 -32.12 22.55 1.35
C GLU A 300 -31.14 23.45 2.10
N PRO A 301 -29.85 23.55 1.69
CA PRO A 301 -28.90 24.40 2.41
C PRO A 301 -29.22 25.89 2.29
N ASN A 302 -28.90 26.66 3.33
CA ASN A 302 -29.11 28.11 3.30
C ASN A 302 -27.93 28.80 2.62
N VAL A 303 -27.90 28.73 1.30
CA VAL A 303 -26.75 29.23 0.56
C VAL A 303 -27.08 30.61 -0.01
N GLU A 304 -27.62 31.47 0.82
CA GLU A 304 -28.21 32.72 0.35
C GLU A 304 -27.07 33.67 0.00
N LEU A 305 -26.13 33.76 0.94
CA LEU A 305 -25.07 34.74 0.89
C LEU A 305 -24.09 34.42 -0.24
N ALA A 306 -24.32 33.31 -0.95
CA ALA A 306 -23.35 32.87 -1.94
C ALA A 306 -23.26 33.90 -3.04
N LYS A 307 -24.41 34.30 -3.54
CA LYS A 307 -24.49 35.27 -4.62
C LYS A 307 -23.93 36.61 -4.16
N THR A 308 -24.28 37.05 -2.95
CA THR A 308 -23.85 38.34 -2.44
C THR A 308 -22.31 38.40 -2.40
N GLY A 309 -21.67 37.28 -2.09
CA GLY A 309 -20.24 37.25 -1.85
C GLY A 309 -19.46 36.70 -3.03
N GLY A 310 -20.15 35.94 -3.88
CA GLY A 310 -19.51 35.32 -5.03
C GLY A 310 -18.70 34.12 -4.58
N LEU A 311 -19.30 33.31 -3.71
CA LEU A 311 -18.76 32.04 -3.27
C LEU A 311 -19.42 30.91 -4.05
N GLU A 312 -18.72 29.78 -4.18
CA GLU A 312 -19.10 28.76 -5.14
C GLU A 312 -20.00 27.76 -4.42
N ILE A 313 -20.95 27.22 -5.19
CA ILE A 313 -21.94 26.25 -4.74
C ILE A 313 -21.74 24.93 -5.46
N ASP A 314 -21.78 23.82 -4.73
CA ASP A 314 -21.60 22.54 -5.38
C ASP A 314 -22.83 22.26 -6.22
N SER A 315 -22.63 22.19 -7.54
CA SER A 315 -23.68 22.00 -8.53
C SER A 315 -24.38 20.66 -8.31
N ASP A 316 -23.63 19.66 -7.84
CA ASP A 316 -24.11 18.31 -7.69
C ASP A 316 -24.65 18.11 -6.27
N PHE A 317 -23.92 18.59 -5.26
CA PHE A 317 -24.15 18.19 -3.88
C PHE A 317 -24.89 19.27 -3.07
N GLY A 318 -24.81 20.51 -3.56
CA GLY A 318 -25.44 21.64 -2.88
C GLY A 318 -24.55 22.13 -1.77
N GLY A 319 -24.85 23.32 -1.28
CA GLY A 319 -24.04 23.91 -0.22
C GLY A 319 -22.77 24.58 -0.77
N PHE A 320 -22.09 25.31 0.11
CA PHE A 320 -20.91 26.03 -0.28
C PHE A 320 -19.78 25.05 -0.58
N ARG A 321 -18.97 25.37 -1.60
CA ARG A 321 -17.91 24.49 -2.04
C ARG A 321 -16.67 24.92 -1.31
N VAL A 322 -16.22 24.07 -0.39
CA VAL A 322 -15.04 24.35 0.41
C VAL A 322 -14.05 23.20 0.24
N ASN A 323 -12.76 23.48 0.41
CA ASN A 323 -11.71 22.50 0.12
C ASN A 323 -11.63 21.48 1.26
N ALA A 324 -10.49 20.77 1.32
CA ALA A 324 -10.31 19.68 2.26
C ALA A 324 -10.32 20.20 3.70
N GLU A 325 -9.92 21.47 3.90
CA GLU A 325 -9.82 22.10 5.22
C GLU A 325 -11.04 23.00 5.50
N LEU A 326 -12.16 22.74 4.81
CA LEU A 326 -13.41 23.45 4.99
C LEU A 326 -13.25 24.94 4.75
N GLN A 327 -12.38 25.33 3.82
CA GLN A 327 -12.07 26.73 3.58
C GLN A 327 -12.61 27.12 2.21
N ALA A 328 -13.15 28.34 2.12
CA ALA A 328 -13.82 28.78 0.91
C ALA A 328 -12.97 29.80 0.19
N ARG A 329 -12.55 30.80 0.95
CA ARG A 329 -11.65 31.85 0.49
C ARG A 329 -10.73 32.16 1.64
N SER A 330 -9.86 33.14 1.43
CA SER A 330 -8.80 33.42 2.38
C SER A 330 -9.30 33.48 3.81
N ASN A 331 -10.43 34.15 4.05
CA ASN A 331 -10.84 34.38 5.42
C ASN A 331 -12.27 33.91 5.63
N ILE A 332 -12.67 32.89 4.89
CA ILE A 332 -14.03 32.41 5.01
C ILE A 332 -14.02 30.90 5.03
N TRP A 333 -14.56 30.31 6.09
CA TRP A 333 -14.74 28.88 6.19
C TRP A 333 -16.23 28.52 6.18
N VAL A 334 -16.55 27.25 5.88
CA VAL A 334 -17.92 26.77 5.97
C VAL A 334 -17.92 25.38 6.62
N ALA A 335 -18.97 25.13 7.41
CA ALA A 335 -19.10 23.92 8.20
C ALA A 335 -20.57 23.57 8.47
N GLY A 336 -20.79 22.41 9.03
CA GLY A 336 -22.14 21.96 9.26
C GLY A 336 -22.76 21.43 7.99
N ASP A 337 -24.08 21.53 7.92
CA ASP A 337 -24.83 20.94 6.83
C ASP A 337 -24.64 21.76 5.58
N ALA A 338 -24.27 23.05 5.74
CA ALA A 338 -24.20 23.96 4.61
C ALA A 338 -22.94 23.74 3.76
N ALA A 339 -22.04 22.85 4.21
CA ALA A 339 -20.69 22.77 3.69
C ALA A 339 -20.52 21.52 2.86
N CYS A 340 -20.01 21.72 1.65
CA CYS A 340 -19.65 20.64 0.74
C CYS A 340 -18.15 20.59 0.62
N PHE A 341 -17.52 19.71 1.38
CA PHE A 341 -16.08 19.69 1.51
C PHE A 341 -15.51 18.55 0.67
N TYR A 342 -14.17 18.45 0.67
CA TYR A 342 -13.46 17.38 -0.02
C TYR A 342 -12.84 16.47 1.03
N ASP A 343 -13.48 15.31 1.20
CA ASP A 343 -12.99 14.27 2.08
C ASP A 343 -11.88 13.56 1.34
N ILE A 344 -10.67 13.65 1.87
CA ILE A 344 -9.50 13.22 1.13
C ILE A 344 -9.56 11.72 0.83
N LYS A 345 -10.28 10.92 1.62
CA LYS A 345 -10.38 9.49 1.37
C LYS A 345 -11.65 9.18 0.56
N LEU A 346 -12.80 9.68 1.01
CA LEU A 346 -14.07 9.25 0.45
C LEU A 346 -14.50 10.08 -0.75
N GLY A 347 -13.81 11.21 -0.96
CA GLY A 347 -14.18 12.11 -2.03
C GLY A 347 -15.09 13.23 -1.56
N ARG A 348 -15.52 14.07 -2.50
CA ARG A 348 -16.22 15.29 -2.18
C ARG A 348 -17.63 14.91 -1.81
N ARG A 349 -18.14 15.60 -0.81
CA ARG A 349 -19.46 15.31 -0.29
C ARG A 349 -19.90 16.45 0.61
N ARG A 350 -21.20 16.50 0.86
CA ARG A 350 -21.78 17.35 1.89
C ARG A 350 -22.63 16.46 2.80
N VAL A 351 -22.49 16.62 4.11
CA VAL A 351 -23.14 15.72 5.04
C VAL A 351 -23.92 16.52 6.08
N GLU A 352 -25.14 16.03 6.37
CA GLU A 352 -26.12 16.78 7.13
C GLU A 352 -26.48 16.05 8.42
N HIS A 353 -25.48 15.76 9.24
CA HIS A 353 -25.72 15.10 10.52
C HIS A 353 -25.23 15.97 11.66
N HIS A 354 -25.41 15.48 12.87
CA HIS A 354 -25.13 16.27 14.04
C HIS A 354 -23.66 16.19 14.39
N ASP A 355 -23.12 14.97 14.45
CA ASP A 355 -21.71 14.82 14.74
C ASP A 355 -20.90 15.52 13.64
N HIS A 356 -21.44 15.59 12.41
CA HIS A 356 -20.75 16.26 11.32
C HIS A 356 -20.65 17.76 11.59
N ALA A 357 -21.79 18.37 11.91
CA ALA A 357 -21.81 19.77 12.32
C ALA A 357 -20.79 20.08 13.42
N VAL A 358 -20.58 19.14 14.34
CA VAL A 358 -19.67 19.32 15.46
C VAL A 358 -18.23 19.11 15.02
N VAL A 359 -17.96 17.97 14.41
CA VAL A 359 -16.62 17.66 13.97
C VAL A 359 -16.10 18.77 13.06
N SER A 360 -16.89 19.13 12.03
CA SER A 360 -16.49 20.12 11.05
C SER A 360 -16.38 21.51 11.69
N GLY A 361 -17.30 21.82 12.58
CA GLY A 361 -17.22 23.08 13.31
C GLY A 361 -15.93 23.16 14.12
N ARG A 362 -15.63 22.09 14.86
CA ARG A 362 -14.39 21.99 15.58
C ARG A 362 -13.22 22.34 14.65
N LEU A 363 -13.19 21.69 13.48
CA LEU A 363 -12.08 21.80 12.55
C LEU A 363 -12.00 23.21 12.00
N ALA A 364 -13.12 23.75 11.56
CA ALA A 364 -13.14 25.10 11.04
C ALA A 364 -12.53 26.07 12.06
N GLY A 365 -12.94 25.91 13.31
CA GLY A 365 -12.43 26.75 14.38
C GLY A 365 -10.92 26.60 14.52
N GLU A 366 -10.42 25.38 14.37
CA GLU A 366 -8.99 25.15 14.46
C GLU A 366 -8.33 25.91 13.31
N ASN A 367 -8.85 25.73 12.10
CA ASN A 367 -8.20 26.31 10.94
C ASN A 367 -8.29 27.83 10.95
N MET A 368 -9.33 28.35 11.61
CA MET A 368 -9.54 29.79 11.67
C MET A 368 -8.45 30.40 12.52
N THR A 369 -8.05 29.65 13.54
CA THR A 369 -6.98 30.07 14.42
C THR A 369 -5.63 29.67 13.84
N GLY A 370 -5.62 28.83 12.80
CA GLY A 370 -4.50 28.71 11.88
C GLY A 370 -3.90 27.31 11.76
N ALA A 371 -4.67 26.26 12.03
CA ALA A 371 -4.15 24.91 12.12
C ALA A 371 -3.94 24.37 10.72
N ALA A 372 -4.81 24.83 9.81
CA ALA A 372 -4.85 24.38 8.43
C ALA A 372 -4.71 22.86 8.31
N LYS A 373 -5.41 22.12 9.17
CA LYS A 373 -5.42 20.67 9.12
C LYS A 373 -6.69 20.21 8.42
N PRO A 374 -6.62 19.13 7.61
CA PRO A 374 -7.69 18.76 6.71
C PRO A 374 -8.60 17.84 7.46
N TYR A 375 -9.82 17.72 6.93
CA TYR A 375 -10.82 16.80 7.44
C TYR A 375 -10.25 15.40 7.24
N TRP A 376 -9.86 14.82 8.37
CA TRP A 376 -9.30 13.49 8.41
C TRP A 376 -10.17 12.65 9.34
N HIS A 377 -10.54 13.25 10.48
CA HIS A 377 -11.34 12.52 11.45
C HIS A 377 -12.77 12.45 10.96
N GLN A 378 -13.32 11.25 10.93
CA GLN A 378 -14.60 11.04 10.28
C GLN A 378 -15.71 11.45 11.25
N SER A 379 -16.80 12.00 10.73
CA SER A 379 -17.98 12.23 11.54
C SER A 379 -18.94 11.07 11.34
N MET A 380 -19.92 10.93 12.23
CA MET A 380 -20.85 9.81 12.13
C MET A 380 -22.27 10.26 12.45
N PHE A 381 -23.20 9.30 12.45
CA PHE A 381 -24.57 9.60 12.80
C PHE A 381 -25.17 8.35 13.41
N TRP A 382 -26.35 8.55 13.98
CA TRP A 382 -27.08 7.51 14.65
C TRP A 382 -28.55 7.85 14.51
N SER A 383 -29.37 6.82 14.45
CA SER A 383 -30.82 6.94 14.47
C SER A 383 -31.32 5.78 15.32
N ASP A 384 -32.43 6.01 16.01
CA ASP A 384 -33.09 4.98 16.77
C ASP A 384 -34.56 5.07 16.36
N LEU A 385 -35.07 4.01 15.70
CA LEU A 385 -36.49 3.88 15.34
C LEU A 385 -37.15 2.82 16.20
N GLY A 386 -37.58 3.22 17.40
CA GLY A 386 -38.12 2.28 18.37
C GLY A 386 -36.99 1.54 19.07
N PRO A 387 -37.30 0.56 19.93
CA PRO A 387 -36.25 -0.16 20.66
C PRO A 387 -35.59 -1.24 19.81
N ASP A 388 -36.23 -1.62 18.70
CA ASP A 388 -35.73 -2.71 17.89
C ASP A 388 -34.69 -2.22 16.89
N VAL A 389 -34.75 -0.93 16.54
CA VAL A 389 -33.87 -0.39 15.53
C VAL A 389 -33.00 0.70 16.17
N GLY A 390 -31.69 0.48 16.15
CA GLY A 390 -30.72 1.50 16.55
C GLY A 390 -29.37 1.27 15.86
N TYR A 391 -28.92 2.26 15.07
CA TYR A 391 -27.73 2.05 14.26
C TYR A 391 -26.84 3.29 14.26
N GLU A 392 -25.59 3.06 14.58
CA GLU A 392 -24.54 4.03 14.30
C GLU A 392 -24.11 3.77 12.87
N ALA A 393 -23.60 4.81 12.20
CA ALA A 393 -23.15 4.71 10.81
C ALA A 393 -22.04 5.72 10.51
N ILE A 394 -21.15 5.37 9.56
CA ILE A 394 -20.02 6.22 9.24
C ILE A 394 -19.76 6.20 7.73
N GLY A 395 -19.28 7.36 7.25
CA GLY A 395 -18.85 7.52 5.88
C GLY A 395 -20.01 7.38 4.89
N LEU A 396 -19.68 6.81 3.73
CA LEU A 396 -20.55 6.83 2.57
C LEU A 396 -21.65 5.79 2.72
N VAL A 397 -22.71 6.19 3.41
CA VAL A 397 -23.85 5.33 3.57
C VAL A 397 -24.93 5.81 2.61
N ASP A 398 -25.13 5.02 1.55
CA ASP A 398 -25.96 5.39 0.42
C ASP A 398 -26.49 4.11 -0.21
N SER A 399 -27.81 3.92 -0.08
CA SER A 399 -28.49 2.70 -0.48
C SER A 399 -28.20 2.36 -1.95
N SER A 400 -27.78 3.34 -2.74
CA SER A 400 -27.49 3.13 -4.15
C SER A 400 -26.20 2.34 -4.39
N LEU A 401 -25.29 2.28 -3.42
CA LEU A 401 -24.09 1.49 -3.58
C LEU A 401 -24.37 0.00 -3.42
N PRO A 402 -23.38 -0.88 -3.75
CA PRO A 402 -23.48 -2.30 -3.41
C PRO A 402 -23.12 -2.56 -1.94
N THR A 403 -23.94 -3.38 -1.27
CA THR A 403 -23.81 -3.61 0.15
C THR A 403 -23.48 -5.05 0.44
N VAL A 404 -22.97 -5.30 1.64
CA VAL A 404 -22.74 -6.65 2.09
C VAL A 404 -23.15 -6.71 3.54
N GLY A 405 -24.37 -7.13 3.81
CA GLY A 405 -24.79 -7.21 5.19
C GLY A 405 -24.37 -8.53 5.81
N VAL A 406 -23.73 -8.48 6.97
CA VAL A 406 -23.46 -9.69 7.74
C VAL A 406 -24.26 -9.60 9.05
N PHE A 407 -25.19 -10.54 9.24
CA PHE A 407 -26.08 -10.50 10.38
C PHE A 407 -25.89 -11.77 11.20
N ALA A 408 -26.35 -11.73 12.45
CA ALA A 408 -26.34 -12.87 13.35
C ALA A 408 -27.57 -13.75 13.07
N LYS A 409 -27.39 -15.06 13.05
CA LYS A 409 -28.48 -15.99 12.80
C LYS A 409 -28.80 -16.65 14.13
N ALA A 410 -29.91 -17.37 14.24
CA ALA A 410 -30.29 -17.88 15.56
C ALA A 410 -29.63 -19.24 15.83
N THR A 411 -29.06 -19.36 17.04
CA THR A 411 -28.26 -20.50 17.47
C THR A 411 -27.30 -20.92 16.35
N GLU A 455 -38.49 -17.83 9.59
CA GLU A 455 -39.97 -17.94 9.44
C GLU A 455 -40.55 -16.63 8.90
N GLU A 457 -36.67 -13.75 8.21
CA GLU A 457 -35.22 -13.63 8.48
C GLU A 457 -35.00 -12.52 9.49
N ASP A 458 -34.05 -12.75 10.41
CA ASP A 458 -33.81 -11.85 11.53
C ASP A 458 -32.59 -11.01 11.24
N TYR A 459 -32.85 -9.77 10.80
CA TYR A 459 -31.83 -8.73 10.65
C TYR A 459 -31.76 -7.91 11.94
N GLY A 460 -31.87 -8.58 13.09
CA GLY A 460 -31.95 -7.86 14.34
C GLY A 460 -30.64 -7.15 14.61
N LYS A 461 -29.55 -7.79 14.17
CA LYS A 461 -28.22 -7.35 14.53
C LYS A 461 -27.20 -7.86 13.51
N GLY A 462 -26.27 -6.98 13.14
CA GLY A 462 -25.26 -7.30 12.16
C GLY A 462 -24.55 -6.03 11.73
N VAL A 463 -23.70 -6.12 10.70
CA VAL A 463 -22.99 -4.98 10.17
C VAL A 463 -23.09 -4.97 8.65
N ILE A 464 -23.24 -3.78 8.09
CA ILE A 464 -23.47 -3.65 6.68
C ILE A 464 -22.36 -2.79 6.09
N PHE A 465 -21.67 -3.33 5.08
CA PHE A 465 -20.57 -2.66 4.41
C PHE A 465 -21.08 -2.05 3.11
N TYR A 466 -20.55 -0.85 2.79
CA TYR A 466 -20.87 -0.15 1.54
C TYR A 466 -19.62 -0.10 0.67
N LEU A 467 -19.76 -0.54 -0.57
CA LEU A 467 -18.60 -0.75 -1.41
C LEU A 467 -18.59 0.22 -2.57
N ARG A 468 -17.36 0.49 -3.04
CA ARG A 468 -17.08 1.34 -4.19
C ARG A 468 -15.69 0.96 -4.68
N ASP A 469 -15.64 0.19 -5.77
CA ASP A 469 -14.40 -0.32 -6.37
C ASP A 469 -13.82 -1.42 -5.50
N LYS A 470 -14.70 -2.24 -4.90
CA LYS A 470 -14.31 -3.29 -3.98
C LYS A 470 -13.61 -2.71 -2.74
N VAL A 471 -14.02 -1.50 -2.33
CA VAL A 471 -13.51 -0.86 -1.14
C VAL A 471 -14.64 -0.38 -0.25
N VAL A 472 -14.48 -0.59 1.06
CA VAL A 472 -15.50 -0.22 2.01
C VAL A 472 -15.41 1.27 2.19
N VAL A 473 -16.55 1.93 1.98
CA VAL A 473 -16.61 3.38 1.99
C VAL A 473 -17.60 3.85 3.05
N GLY A 474 -18.57 3.02 3.39
CA GLY A 474 -19.49 3.33 4.45
C GLY A 474 -19.85 2.07 5.24
N ILE A 475 -20.19 2.24 6.51
CA ILE A 475 -20.53 1.11 7.34
C ILE A 475 -21.78 1.48 8.10
N VAL A 476 -22.63 0.49 8.41
CA VAL A 476 -23.76 0.69 9.28
C VAL A 476 -23.71 -0.39 10.35
N LEU A 477 -23.57 0.03 11.59
CA LEU A 477 -23.53 -0.91 12.69
C LEU A 477 -24.96 -1.12 13.16
N TRP A 478 -25.55 -2.26 12.79
CA TRP A 478 -26.97 -2.51 12.96
C TRP A 478 -27.22 -3.11 14.34
N ASN A 479 -27.68 -2.28 15.29
CA ASN A 479 -27.89 -2.69 16.66
C ASN A 479 -26.60 -3.24 17.25
N VAL A 480 -25.45 -2.79 16.74
CA VAL A 480 -24.15 -3.11 17.32
C VAL A 480 -23.54 -1.80 17.83
N PHE A 481 -23.35 -1.74 19.16
CA PHE A 481 -23.07 -0.49 19.85
C PHE A 481 -21.65 -0.43 20.41
N ASN A 482 -21.08 0.78 20.37
CA ASN A 482 -19.76 1.07 20.91
C ASN A 482 -18.68 0.41 20.07
N ARG A 483 -18.90 0.41 18.75
CA ARG A 483 -18.01 -0.27 17.83
C ARG A 483 -17.54 0.69 16.75
N MET A 484 -17.83 1.96 16.93
CA MET A 484 -17.58 2.91 15.88
C MET A 484 -16.07 3.03 15.60
N PRO A 485 -15.18 2.92 16.61
CA PRO A 485 -13.75 3.02 16.35
C PRO A 485 -13.26 1.97 15.36
N ILE A 486 -13.72 0.73 15.52
CA ILE A 486 -13.32 -0.36 14.66
C ILE A 486 -13.70 -0.03 13.23
N ALA A 487 -14.98 0.33 13.03
CA ALA A 487 -15.49 0.71 11.73
C ALA A 487 -14.65 1.86 11.17
N ARG A 488 -14.34 2.84 12.02
CA ARG A 488 -13.62 4.04 11.61
C ARG A 488 -12.28 3.62 10.95
N LYS A 489 -11.65 2.58 11.52
CA LYS A 489 -10.37 2.11 11.04
C LYS A 489 -10.54 1.56 9.63
N ILE A 490 -11.63 0.86 9.43
CA ILE A 490 -11.85 0.13 8.20
C ILE A 490 -12.01 1.12 7.05
N ILE A 491 -12.57 2.29 7.38
CA ILE A 491 -12.76 3.33 6.38
C ILE A 491 -11.39 3.92 6.06
N LYS A 492 -10.64 4.25 7.11
CA LYS A 492 -9.29 4.79 6.95
C LYS A 492 -8.50 3.86 6.04
N ASP A 493 -8.48 2.56 6.39
CA ASP A 493 -7.72 1.55 5.68
C ASP A 493 -8.13 1.43 4.22
N GLY A 494 -9.44 1.37 3.96
CA GLY A 494 -9.92 1.19 2.59
C GLY A 494 -9.11 0.11 1.86
N GLU A 495 -9.13 -1.09 2.41
CA GLU A 495 -8.44 -2.21 1.82
C GLU A 495 -9.38 -2.85 0.80
N GLN A 496 -8.84 -3.66 -0.11
CA GLN A 496 -9.68 -4.47 -1.00
C GLN A 496 -9.80 -5.90 -0.48
N HIS A 497 -10.63 -6.05 0.58
CA HIS A 497 -10.74 -7.27 1.35
C HIS A 497 -11.47 -8.34 0.55
N GLU A 498 -10.82 -9.51 0.47
CA GLU A 498 -11.28 -10.61 -0.35
C GLU A 498 -12.62 -11.10 0.21
N ASP A 499 -12.66 -11.29 1.53
CA ASP A 499 -13.87 -11.74 2.21
C ASP A 499 -14.14 -10.81 3.38
N LEU A 500 -15.33 -10.21 3.35
CA LEU A 500 -15.77 -9.24 4.34
C LEU A 500 -16.34 -9.95 5.55
N ASN A 501 -16.57 -11.26 5.44
CA ASN A 501 -17.07 -12.02 6.57
C ASN A 501 -16.02 -12.00 7.68
N GLU A 502 -14.74 -12.07 7.33
CA GLU A 502 -13.70 -11.96 8.34
C GLU A 502 -13.77 -10.59 8.98
N VAL A 503 -13.91 -9.55 8.13
CA VAL A 503 -13.88 -8.19 8.61
C VAL A 503 -15.03 -7.99 9.59
N ALA A 504 -16.13 -8.70 9.34
CA ALA A 504 -17.31 -8.64 10.17
C ALA A 504 -17.04 -9.23 11.56
N LYS A 505 -16.16 -10.23 11.62
CA LYS A 505 -15.92 -10.90 12.90
C LYS A 505 -15.28 -9.93 13.87
N LEU A 506 -14.74 -8.82 13.36
CA LEU A 506 -14.08 -7.83 14.19
C LEU A 506 -15.09 -7.09 15.06
N PHE A 507 -16.36 -7.16 14.68
CA PHE A 507 -17.41 -6.41 15.42
C PHE A 507 -18.12 -7.33 16.42
N ASN A 508 -17.56 -8.52 16.64
CA ASN A 508 -18.17 -9.48 17.61
C ASN A 508 -19.68 -9.29 17.55
N ILE A 509 -20.27 -9.54 16.39
CA ILE A 509 -21.72 -9.33 16.21
C ILE A 509 -22.48 -10.16 17.25
N HIS A 510 -22.44 -11.48 17.13
CA HIS A 510 -23.23 -12.35 18.03
C HIS A 510 -23.17 -11.86 19.47
N GLU A 511 -22.01 -11.35 19.90
CA GLU A 511 -21.84 -10.95 21.31
C GLU A 511 -22.87 -9.88 21.71
N ASP A 512 -23.31 -9.90 22.97
CA ASP A 512 -24.35 -8.95 23.44
C ASP A 512 -23.85 -7.52 23.29
N LEU A 513 -22.59 -7.28 23.64
CA LEU A 513 -21.98 -5.93 23.49
C LEU A 513 -22.58 -4.96 24.53
N VAL A 514 -22.75 -3.69 24.15
CA VAL A 514 -23.28 -2.70 25.07
C VAL A 514 -24.58 -2.17 24.44
N PRO A 515 -25.65 -1.81 25.21
CA PRO A 515 -26.91 -1.37 24.63
C PRO A 515 -27.22 0.12 24.69
N ARG A 516 -26.22 0.97 24.42
CA ARG A 516 -26.39 2.42 24.35
C ARG A 516 -27.56 2.78 23.43
N GLY A 517 -28.51 3.56 23.93
CA GLY A 517 -29.64 4.07 23.14
C GLY A 517 -30.46 2.94 22.51
N ILE B 25 23.12 20.60 -9.87
CA ILE B 25 23.81 19.94 -8.73
C ILE B 25 23.23 20.46 -7.41
N ARG B 26 22.90 19.56 -6.47
CA ARG B 26 22.63 19.86 -5.06
C ARG B 26 21.48 20.84 -4.87
N ALA B 27 20.28 20.27 -4.78
CA ALA B 27 19.08 20.99 -4.42
C ALA B 27 19.19 21.47 -2.99
N PRO B 28 18.74 22.71 -2.69
CA PRO B 28 18.64 23.19 -1.30
C PRO B 28 17.51 22.51 -0.50
N SER B 29 17.81 22.06 0.74
CA SER B 29 16.91 21.23 1.51
C SER B 29 15.64 21.97 1.91
N HIS B 30 15.67 23.32 1.90
CA HIS B 30 14.50 24.13 2.16
C HIS B 30 14.55 25.41 1.34
N VAL B 31 13.37 25.92 0.96
CA VAL B 31 13.24 27.13 0.18
C VAL B 31 11.87 27.72 0.48
N PRO B 32 11.76 29.04 0.75
CA PRO B 32 10.46 29.63 1.09
C PRO B 32 9.41 29.58 -0.03
N PHE B 33 9.85 29.67 -1.28
CA PHE B 33 8.91 29.61 -2.39
C PHE B 33 9.30 28.52 -3.39
N LEU B 34 8.48 27.47 -3.44
CA LEU B 34 8.74 26.40 -4.38
C LEU B 34 7.68 26.41 -5.49
N LEU B 35 8.15 26.52 -6.72
CA LEU B 35 7.28 26.47 -7.89
C LEU B 35 7.54 25.18 -8.66
N ILE B 36 6.60 24.25 -8.57
CA ILE B 36 6.71 23.01 -9.32
C ILE B 36 6.23 23.29 -10.74
N GLY B 37 7.12 23.07 -11.71
CA GLY B 37 6.72 23.17 -13.10
C GLY B 37 7.23 24.45 -13.76
N GLY B 38 8.48 24.37 -14.22
CA GLY B 38 9.17 25.52 -14.76
C GLY B 38 8.73 25.89 -16.18
N GLY B 39 7.49 26.37 -16.27
CA GLY B 39 6.93 26.84 -17.52
C GLY B 39 6.65 28.33 -17.52
N THR B 40 5.62 28.72 -18.29
CA THR B 40 5.24 30.11 -18.45
C THR B 40 4.58 30.59 -17.17
N ALA B 41 3.85 29.68 -16.51
CA ALA B 41 3.12 30.02 -15.30
C ALA B 41 4.10 30.27 -14.15
N ALA B 42 5.08 29.37 -14.06
CA ALA B 42 6.03 29.43 -12.98
C ALA B 42 6.76 30.76 -13.04
N PHE B 43 7.12 31.19 -14.24
CA PHE B 43 7.94 32.37 -14.35
C PHE B 43 7.16 33.59 -13.86
N ALA B 44 5.95 33.78 -14.36
CA ALA B 44 5.15 34.95 -14.00
C ALA B 44 5.05 35.07 -12.49
N ALA B 45 4.79 33.91 -11.85
CA ALA B 45 4.65 33.79 -10.41
C ALA B 45 5.92 34.25 -9.70
N ALA B 46 7.06 33.68 -10.08
CA ALA B 46 8.31 34.02 -9.44
C ALA B 46 8.54 35.52 -9.61
N ARG B 47 8.24 36.04 -10.79
CA ARG B 47 8.40 37.45 -11.06
C ARG B 47 7.54 38.24 -10.08
N SER B 48 6.29 37.81 -9.94
CA SER B 48 5.33 38.52 -9.11
C SER B 48 5.73 38.41 -7.64
N ILE B 49 6.19 37.23 -7.22
CA ILE B 49 6.62 37.03 -5.86
C ILE B 49 7.75 38.01 -5.59
N ARG B 50 8.78 37.95 -6.43
CA ARG B 50 9.95 38.79 -6.24
C ARG B 50 9.51 40.24 -6.19
N ALA B 51 8.48 40.57 -6.96
CA ALA B 51 8.02 41.94 -7.01
C ALA B 51 7.32 42.29 -5.70
N ARG B 52 6.31 41.53 -5.30
CA ARG B 52 5.53 41.93 -4.15
C ARG B 52 6.39 41.88 -2.89
N ASP B 53 7.23 40.85 -2.78
CA ASP B 53 8.18 40.72 -1.68
C ASP B 53 9.57 40.69 -2.28
N PRO B 54 10.31 41.82 -2.24
CA PRO B 54 11.65 41.85 -2.82
C PRO B 54 12.61 41.12 -1.89
N GLY B 55 13.70 40.62 -2.44
CA GLY B 55 14.60 39.76 -1.71
C GLY B 55 14.04 38.36 -1.42
N ALA B 56 12.99 37.94 -2.13
CA ALA B 56 12.44 36.61 -1.96
C ALA B 56 13.44 35.60 -2.50
N ARG B 57 13.26 34.36 -2.08
CA ARG B 57 14.09 33.26 -2.54
C ARG B 57 13.17 32.27 -3.22
N VAL B 58 13.24 32.15 -4.55
CA VAL B 58 12.31 31.31 -5.28
C VAL B 58 13.05 30.18 -5.97
N LEU B 59 12.48 28.99 -5.94
CA LEU B 59 13.09 27.91 -6.68
C LEU B 59 12.07 27.33 -7.65
N ILE B 60 12.41 27.33 -8.94
CA ILE B 60 11.56 26.73 -9.93
C ILE B 60 12.15 25.37 -10.28
N VAL B 61 11.40 24.31 -9.97
CA VAL B 61 11.81 22.95 -10.31
C VAL B 61 11.15 22.54 -11.63
N SER B 62 11.97 22.22 -12.63
CA SER B 62 11.50 21.98 -13.99
C SER B 62 12.04 20.66 -14.51
N GLU B 63 11.14 19.77 -14.98
CA GLU B 63 11.57 18.48 -15.51
C GLU B 63 12.22 18.70 -16.88
N ASP B 64 11.77 19.76 -17.54
CA ASP B 64 12.39 20.24 -18.75
C ASP B 64 13.79 20.72 -18.41
N PRO B 65 14.81 20.40 -19.25
CA PRO B 65 16.15 20.95 -19.07
C PRO B 65 16.23 22.39 -19.55
N GLU B 66 15.30 22.79 -20.42
CA GLU B 66 15.23 24.16 -20.90
C GLU B 66 14.75 25.10 -19.78
N LEU B 67 15.38 26.27 -19.65
CA LEU B 67 14.90 27.32 -18.76
C LEU B 67 13.56 27.84 -19.28
N PRO B 68 12.73 28.44 -18.40
CA PRO B 68 11.44 28.95 -18.83
C PRO B 68 11.44 29.79 -20.11
N TYR B 69 10.62 29.32 -21.06
CA TYR B 69 10.43 29.96 -22.35
C TYR B 69 8.97 29.91 -22.76
N MET B 70 8.61 30.78 -23.71
CA MET B 70 7.23 30.89 -24.15
C MET B 70 7.01 29.98 -25.34
N ARG B 71 5.77 29.50 -25.47
CA ARG B 71 5.42 28.45 -26.42
C ARG B 71 4.86 29.02 -27.72
N PRO B 72 4.03 30.10 -27.75
CA PRO B 72 3.45 30.59 -29.00
C PRO B 72 4.35 30.69 -30.24
N PRO B 73 5.59 31.22 -30.15
CA PRO B 73 6.48 31.25 -31.32
C PRO B 73 6.68 29.89 -31.99
N LEU B 74 6.59 28.81 -31.22
CA LEU B 74 6.90 27.49 -31.74
C LEU B 74 5.89 27.09 -32.83
N SER B 75 4.76 27.78 -32.92
CA SER B 75 3.77 27.43 -33.93
C SER B 75 3.60 28.55 -34.96
N LYS B 76 4.18 29.73 -34.69
CA LYS B 76 3.90 30.90 -35.50
C LYS B 76 5.19 31.64 -35.84
N GLU B 77 5.74 32.37 -34.87
CA GLU B 77 6.75 33.38 -35.13
C GLU B 77 8.01 32.70 -35.68
N LEU B 78 8.45 31.60 -35.08
CA LEU B 78 9.72 30.98 -35.42
C LEU B 78 9.67 30.30 -36.78
N TRP B 79 8.46 29.98 -37.29
CA TRP B 79 8.35 29.37 -38.61
C TRP B 79 8.53 30.41 -39.72
N PHE B 80 8.45 31.69 -39.36
CA PHE B 80 8.49 32.75 -40.34
C PHE B 80 9.76 33.58 -40.20
N SER B 81 10.71 33.12 -39.39
CA SER B 81 12.02 33.75 -39.33
C SER B 81 12.79 33.49 -40.64
N ASP B 82 13.32 34.56 -41.26
CA ASP B 82 14.09 34.45 -42.50
C ASP B 82 15.48 33.85 -42.22
N ASP B 83 16.04 34.19 -41.04
CA ASP B 83 17.34 33.70 -40.61
C ASP B 83 17.32 32.17 -40.53
N PRO B 84 18.08 31.43 -41.39
CA PRO B 84 18.06 29.97 -41.39
C PRO B 84 18.69 29.38 -40.13
N ASN B 85 19.30 30.24 -39.30
CA ASN B 85 19.85 29.84 -38.01
C ASN B 85 18.79 29.92 -36.92
N VAL B 86 17.50 30.02 -37.29
CA VAL B 86 16.45 30.25 -36.30
C VAL B 86 16.40 29.09 -35.29
N THR B 87 16.63 27.86 -35.76
CA THR B 87 16.56 26.65 -34.94
C THR B 87 17.63 26.65 -33.84
N LYS B 88 18.65 27.50 -33.98
CA LYS B 88 19.75 27.56 -33.02
C LYS B 88 19.71 28.87 -32.24
N THR B 89 19.19 29.98 -32.81
CA THR B 89 19.14 31.25 -32.09
C THR B 89 17.86 31.35 -31.28
N LEU B 90 16.79 30.72 -31.76
CA LEU B 90 15.51 30.75 -31.07
C LEU B 90 15.07 32.19 -30.82
N GLN B 91 15.28 33.04 -31.84
CA GLN B 91 14.87 34.42 -31.80
C GLN B 91 13.84 34.69 -32.90
N PHE B 92 13.04 35.72 -32.69
CA PHE B 92 12.04 36.12 -33.67
C PHE B 92 11.82 37.63 -33.58
N ARG B 93 11.41 38.23 -34.71
CA ARG B 93 11.01 39.62 -34.75
C ARG B 93 9.52 39.71 -34.45
N GLN B 94 9.20 40.46 -33.39
CA GLN B 94 7.83 40.63 -32.93
C GLN B 94 7.03 41.40 -33.98
N TRP B 95 5.71 41.50 -33.76
CA TRP B 95 4.83 42.19 -34.69
C TRP B 95 5.11 43.71 -34.72
N ASN B 96 6.10 44.16 -33.94
CA ASN B 96 6.45 45.57 -33.89
C ASN B 96 7.88 45.77 -34.40
N GLY B 97 8.48 44.74 -35.02
CA GLY B 97 9.79 44.87 -35.63
C GLY B 97 10.95 44.54 -34.70
N LYS B 98 10.70 44.47 -33.38
CA LYS B 98 11.74 44.29 -32.37
C LYS B 98 12.08 42.80 -32.22
N GLU B 99 13.37 42.47 -32.22
CA GLU B 99 13.81 41.09 -32.18
C GLU B 99 14.13 40.69 -30.74
N ARG B 100 13.57 39.55 -30.31
CA ARG B 100 13.79 39.01 -28.97
C ARG B 100 13.94 37.49 -29.06
N SER B 101 14.15 36.88 -27.88
CA SER B 101 14.27 35.44 -27.73
C SER B 101 13.01 34.88 -27.08
N ILE B 102 12.77 33.57 -27.20
CA ILE B 102 11.57 32.94 -26.65
C ILE B 102 11.76 32.76 -25.15
N TYR B 103 13.00 32.70 -24.69
CA TYR B 103 13.27 32.55 -23.27
C TYR B 103 12.85 33.81 -22.55
N PHE B 104 12.44 33.69 -21.30
CA PHE B 104 11.87 34.84 -20.63
C PHE B 104 12.99 35.77 -20.23
N GLN B 105 14.02 35.20 -19.61
CA GLN B 105 15.22 35.96 -19.40
C GLN B 105 16.39 35.02 -19.65
N PRO B 106 17.59 35.61 -19.88
CA PRO B 106 18.81 34.84 -20.01
C PRO B 106 19.20 34.11 -18.74
N PRO B 107 20.03 33.06 -18.85
CA PRO B 107 20.54 32.33 -17.69
C PRO B 107 21.27 33.17 -16.62
N SER B 108 21.92 34.26 -17.05
CA SER B 108 22.65 35.10 -16.12
C SER B 108 21.72 35.70 -15.06
N PHE B 109 20.43 35.87 -15.38
CA PHE B 109 19.47 36.50 -14.47
C PHE B 109 18.77 35.45 -13.60
N TYR B 110 19.35 34.26 -13.52
CA TYR B 110 18.89 33.25 -12.59
C TYR B 110 20.05 32.92 -11.66
N VAL B 111 19.75 32.74 -10.37
CA VAL B 111 20.76 32.33 -9.43
C VAL B 111 20.82 30.80 -9.42
N SER B 112 21.84 30.27 -8.73
CA SER B 112 22.08 28.83 -8.68
C SER B 112 21.36 28.22 -7.49
N ALA B 113 21.03 26.92 -7.62
CA ALA B 113 20.26 26.21 -6.62
C ALA B 113 21.01 26.14 -5.30
N GLN B 114 22.35 26.11 -5.40
CA GLN B 114 23.19 26.06 -4.22
C GLN B 114 23.24 27.44 -3.59
N ASP B 115 23.38 28.48 -4.42
CA ASP B 115 23.64 29.82 -3.91
C ASP B 115 22.35 30.57 -3.57
N LEU B 116 21.20 29.91 -3.70
CA LEU B 116 19.91 30.57 -3.50
C LEU B 116 19.69 30.88 -2.02
N PRO B 117 19.86 29.92 -1.09
CA PRO B 117 19.59 30.20 0.32
C PRO B 117 20.69 30.99 1.04
N ASN B 118 21.47 31.78 0.29
CA ASN B 118 22.51 32.62 0.88
C ASN B 118 22.55 33.97 0.20
N ILE B 119 22.56 33.98 -1.14
CA ILE B 119 22.70 35.19 -1.92
C ILE B 119 21.84 36.29 -1.33
N GLU B 120 22.38 37.51 -1.40
CA GLU B 120 21.75 38.66 -0.80
C GLU B 120 20.61 39.13 -1.69
N ASN B 121 19.43 39.30 -1.09
CA ASN B 121 18.20 39.67 -1.80
C ASN B 121 17.71 38.47 -2.63
N GLY B 122 17.98 37.27 -2.11
CA GLY B 122 17.45 36.06 -2.71
C GLY B 122 17.57 36.12 -4.23
N GLY B 123 16.47 35.79 -4.91
CA GLY B 123 16.49 35.60 -6.36
C GLY B 123 15.71 34.37 -6.81
N VAL B 124 15.86 34.03 -8.10
CA VAL B 124 15.15 32.91 -8.68
C VAL B 124 16.13 31.90 -9.26
N ALA B 125 16.08 30.69 -8.71
CA ALA B 125 16.92 29.60 -9.17
C ALA B 125 16.03 28.58 -9.88
N VAL B 126 16.52 28.11 -11.03
CA VAL B 126 15.81 27.11 -11.80
C VAL B 126 16.60 25.81 -11.69
N LEU B 127 15.93 24.78 -11.21
CA LEU B 127 16.47 23.43 -11.24
C LEU B 127 16.00 22.78 -12.53
N THR B 128 16.89 22.68 -13.51
CA THR B 128 16.54 22.07 -14.77
C THR B 128 16.70 20.55 -14.65
N GLY B 129 15.87 19.82 -15.40
CA GLY B 129 15.98 18.38 -15.50
C GLY B 129 15.67 17.66 -14.19
N LYS B 130 14.66 18.15 -13.49
CA LYS B 130 14.30 17.58 -12.20
C LYS B 130 12.77 17.62 -12.09
N LYS B 131 12.19 16.41 -11.95
CA LYS B 131 10.76 16.21 -11.76
C LYS B 131 10.43 15.95 -10.30
N VAL B 132 9.41 16.66 -9.81
CA VAL B 132 8.84 16.38 -8.51
C VAL B 132 7.95 15.17 -8.72
N VAL B 133 8.10 14.20 -7.85
CA VAL B 133 7.41 12.94 -8.01
C VAL B 133 6.50 12.69 -6.81
N HIS B 134 6.54 13.59 -5.82
CA HIS B 134 5.71 13.45 -4.64
C HIS B 134 5.60 14.79 -3.94
N LEU B 135 4.36 15.09 -3.53
CA LEU B 135 4.03 16.32 -2.84
C LEU B 135 3.48 15.98 -1.47
N ASP B 136 4.33 16.10 -0.46
CA ASP B 136 3.92 15.80 0.89
C ASP B 136 3.23 17.03 1.46
N VAL B 137 1.90 17.08 1.27
CA VAL B 137 1.12 18.25 1.59
C VAL B 137 1.21 18.53 3.08
N ARG B 138 0.98 17.48 3.89
CA ARG B 138 0.89 17.57 5.34
C ARG B 138 2.19 18.17 5.83
N GLY B 139 3.31 17.72 5.24
CA GLY B 139 4.65 18.05 5.72
C GLY B 139 5.37 19.17 4.95
N ASN B 140 4.66 19.79 4.01
CA ASN B 140 5.15 20.94 3.28
C ASN B 140 6.47 20.61 2.57
N MET B 141 6.50 19.44 1.94
CA MET B 141 7.73 18.90 1.38
C MET B 141 7.43 18.27 0.02
N VAL B 142 8.40 18.36 -0.90
CA VAL B 142 8.35 17.64 -2.16
C VAL B 142 9.55 16.71 -2.26
N LYS B 143 9.32 15.55 -2.84
CA LYS B 143 10.34 14.55 -3.08
C LYS B 143 10.63 14.63 -4.58
N LEU B 144 11.91 14.71 -4.96
CA LEU B 144 12.28 14.77 -6.36
C LEU B 144 12.60 13.36 -6.89
N ASN B 145 12.70 13.24 -8.22
CA ASN B 145 12.93 11.96 -8.88
C ASN B 145 14.26 11.33 -8.44
N ASP B 146 15.23 12.15 -8.03
CA ASP B 146 16.53 11.66 -7.60
C ASP B 146 16.58 11.44 -6.10
N GLY B 147 15.42 11.42 -5.42
CA GLY B 147 15.38 11.15 -3.99
C GLY B 147 15.40 12.42 -3.16
N SER B 148 16.20 13.41 -3.58
CA SER B 148 16.41 14.64 -2.84
C SER B 148 15.08 15.34 -2.54
N GLN B 149 14.89 15.74 -1.27
CA GLN B 149 13.65 16.35 -0.79
C GLN B 149 13.86 17.83 -0.51
N ILE B 150 12.81 18.60 -0.77
CA ILE B 150 12.87 20.02 -0.49
C ILE B 150 11.61 20.40 0.25
N THR B 151 11.80 21.17 1.33
CA THR B 151 10.71 21.72 2.11
C THR B 151 10.47 23.17 1.70
N PHE B 152 9.24 23.62 1.94
CA PHE B 152 8.78 24.89 1.43
C PHE B 152 7.81 25.53 2.39
N GLU B 153 7.71 26.85 2.28
CA GLU B 153 6.73 27.62 3.01
C GLU B 153 5.49 27.73 2.15
N LYS B 154 5.69 28.20 0.94
CA LYS B 154 4.61 28.31 -0.02
C LYS B 154 5.03 27.52 -1.26
N CYS B 155 4.05 26.85 -1.87
CA CYS B 155 4.32 26.04 -3.05
C CYS B 155 3.30 26.37 -4.14
N LEU B 156 3.77 26.42 -5.39
CA LEU B 156 2.85 26.60 -6.48
C LEU B 156 2.98 25.40 -7.40
N ILE B 157 1.83 24.85 -7.81
CA ILE B 157 1.79 23.83 -8.84
C ILE B 157 1.48 24.51 -10.17
N ALA B 158 2.40 24.32 -11.13
CA ALA B 158 2.31 24.92 -12.47
C ALA B 158 2.79 23.93 -13.51
N THR B 159 2.25 22.71 -13.44
CA THR B 159 2.74 21.61 -14.24
C THR B 159 2.25 21.76 -15.68
N GLY B 160 1.39 22.74 -15.94
CA GLY B 160 0.86 22.88 -17.29
C GLY B 160 0.19 21.59 -17.79
N GLY B 161 0.75 20.96 -18.81
CA GLY B 161 0.09 19.80 -19.39
C GLY B 161 0.87 19.15 -20.55
N THR B 162 0.45 17.93 -20.91
CA THR B 162 1.12 17.12 -21.91
C THR B 162 0.15 16.93 -23.08
N PRO B 163 0.60 16.91 -24.36
CA PRO B 163 -0.33 16.84 -25.48
C PRO B 163 -0.93 15.43 -25.58
N ARG B 164 -2.20 15.38 -26.00
CA ARG B 164 -2.94 14.13 -26.07
C ARG B 164 -2.52 13.48 -27.36
N SER B 165 -2.40 12.14 -27.29
CA SER B 165 -2.10 11.27 -28.41
C SER B 165 -3.39 10.68 -28.94
N LEU B 166 -3.38 10.43 -30.25
CA LEU B 166 -4.53 9.86 -30.91
C LEU B 166 -4.55 8.36 -30.63
N SER B 167 -5.72 7.84 -30.28
CA SER B 167 -5.86 6.46 -29.88
C SER B 167 -5.31 5.53 -30.97
N ALA B 168 -5.56 5.89 -32.23
CA ALA B 168 -5.20 5.06 -33.37
C ALA B 168 -3.68 4.92 -33.53
N ILE B 169 -2.96 6.01 -33.27
CA ILE B 169 -1.50 6.01 -33.35
C ILE B 169 -0.93 5.10 -32.26
N ASP B 170 -1.52 5.14 -31.06
CA ASP B 170 -1.08 4.32 -29.95
C ASP B 170 -1.19 2.86 -30.33
N ARG B 171 -2.38 2.49 -30.81
CA ARG B 171 -2.65 1.12 -31.17
C ARG B 171 -1.63 0.61 -32.19
N ALA B 172 -1.23 1.45 -33.15
CA ALA B 172 -0.40 1.03 -34.28
C ALA B 172 0.99 0.61 -33.81
N GLY B 173 1.76 -0.02 -34.72
CA GLY B 173 3.08 -0.55 -34.40
C GLY B 173 4.12 0.54 -34.23
N ALA B 174 5.31 0.18 -33.72
CA ALA B 174 6.36 1.13 -33.39
C ALA B 174 7.00 1.76 -34.64
N GLU B 175 6.81 1.13 -35.81
CA GLU B 175 7.29 1.67 -37.08
C GLU B 175 6.57 2.99 -37.37
N VAL B 176 5.23 2.98 -37.22
CA VAL B 176 4.40 4.17 -37.42
C VAL B 176 4.44 5.06 -36.17
N LYS B 177 4.64 4.47 -34.99
CA LYS B 177 4.73 5.26 -33.77
C LYS B 177 6.00 6.10 -33.78
N SER B 178 7.04 5.61 -34.44
CA SER B 178 8.30 6.33 -34.50
C SER B 178 8.22 7.52 -35.45
N ARG B 179 7.37 7.45 -36.48
CA ARG B 179 7.26 8.54 -37.43
C ARG B 179 6.05 9.42 -37.10
N THR B 180 5.80 9.63 -35.79
CA THR B 180 4.69 10.46 -35.32
C THR B 180 5.17 11.36 -34.18
N THR B 181 5.04 12.68 -34.34
CA THR B 181 5.45 13.59 -33.28
C THR B 181 4.23 14.30 -32.69
N LEU B 182 4.35 14.77 -31.45
CA LEU B 182 3.40 15.70 -30.85
C LEU B 182 4.10 17.04 -30.63
N PHE B 183 3.34 18.09 -30.27
CA PHE B 183 3.91 19.43 -30.33
C PHE B 183 3.62 20.20 -29.03
N ARG B 184 4.71 20.74 -28.46
CA ARG B 184 4.72 21.42 -27.17
C ARG B 184 6.10 22.03 -26.92
N LYS B 185 7.13 21.17 -26.80
CA LYS B 185 8.48 21.55 -26.35
C LYS B 185 9.28 22.17 -27.50
N ILE B 186 10.49 22.66 -27.18
CA ILE B 186 11.37 23.26 -28.18
C ILE B 186 11.80 22.20 -29.18
N GLY B 187 12.28 21.06 -28.68
CA GLY B 187 12.74 19.99 -29.53
C GLY B 187 11.67 19.55 -30.53
N ASP B 188 10.40 19.67 -30.12
CA ASP B 188 9.27 19.33 -30.96
C ASP B 188 9.28 20.24 -32.18
N PHE B 189 9.65 21.50 -32.00
CA PHE B 189 9.79 22.41 -33.12
C PHE B 189 11.01 22.10 -33.97
N ARG B 190 12.16 22.02 -33.29
CA ARG B 190 13.46 21.81 -33.94
C ARG B 190 13.45 20.56 -34.81
N ALA B 191 12.82 19.50 -34.31
CA ALA B 191 12.77 18.25 -35.05
C ALA B 191 11.81 18.36 -36.24
N LEU B 192 10.64 19.00 -36.03
CA LEU B 192 9.63 19.08 -37.08
C LEU B 192 10.06 20.10 -38.13
N GLU B 193 10.94 21.01 -37.74
CA GLU B 193 11.55 21.87 -38.72
C GLU B 193 12.39 21.04 -39.68
N LYS B 194 13.22 20.13 -39.14
CA LYS B 194 14.10 19.28 -39.94
C LYS B 194 13.26 18.39 -40.86
N ILE B 195 12.23 17.77 -40.26
CA ILE B 195 11.36 16.83 -40.96
C ILE B 195 10.65 17.55 -42.10
N SER B 196 10.45 18.86 -41.97
CA SER B 196 9.81 19.65 -43.01
C SER B 196 10.67 19.74 -44.26
N ARG B 197 11.98 19.58 -44.05
CA ARG B 197 12.94 19.72 -45.12
C ARG B 197 13.35 18.34 -45.63
N GLU B 198 12.74 17.27 -45.07
CA GLU B 198 13.14 15.91 -45.42
C GLU B 198 12.05 15.19 -46.21
N VAL B 199 10.81 15.20 -45.72
CA VAL B 199 9.74 14.39 -46.28
C VAL B 199 9.03 15.17 -47.40
N LYS B 200 8.19 14.45 -48.16
CA LYS B 200 7.44 15.06 -49.25
C LYS B 200 6.03 15.44 -48.76
N SER B 201 5.54 14.82 -47.69
CA SER B 201 4.17 15.02 -47.25
C SER B 201 4.06 14.86 -45.74
N ILE B 202 3.53 15.90 -45.08
CA ILE B 202 3.24 15.88 -43.66
C ILE B 202 1.74 16.03 -43.45
N THR B 203 1.18 15.15 -42.64
CA THR B 203 -0.22 15.26 -42.28
C THR B 203 -0.34 15.60 -40.79
N VAL B 204 -1.09 16.68 -40.54
CA VAL B 204 -1.47 17.14 -39.21
C VAL B 204 -2.87 16.62 -38.88
N ILE B 205 -3.03 15.91 -37.75
CA ILE B 205 -4.33 15.40 -37.33
C ILE B 205 -4.84 16.27 -36.18
N GLY B 206 -6.06 16.77 -36.33
CA GLY B 206 -6.65 17.69 -35.38
C GLY B 206 -6.70 19.10 -35.96
N GLY B 207 -7.86 19.75 -35.79
CA GLY B 207 -8.11 21.09 -36.27
C GLY B 207 -8.15 22.11 -35.14
N GLY B 208 -7.22 21.96 -34.19
CA GLY B 208 -7.19 22.82 -33.01
C GLY B 208 -6.37 24.08 -33.25
N PHE B 209 -6.22 24.90 -32.21
CA PHE B 209 -5.33 26.04 -32.21
C PHE B 209 -3.99 25.65 -32.81
N LEU B 210 -3.38 24.61 -32.25
CA LEU B 210 -2.08 24.16 -32.69
C LEU B 210 -2.19 23.49 -34.05
N GLY B 211 -3.12 22.53 -34.17
CA GLY B 211 -3.41 21.92 -35.45
C GLY B 211 -3.34 22.94 -36.58
N SER B 212 -4.13 24.01 -36.44
CA SER B 212 -4.30 25.00 -37.49
C SER B 212 -3.02 25.81 -37.65
N GLU B 213 -2.43 26.24 -36.54
CA GLU B 213 -1.26 27.10 -36.59
C GLU B 213 -0.09 26.36 -37.27
N LEU B 214 0.01 25.04 -37.05
CA LEU B 214 1.09 24.27 -37.64
C LEU B 214 0.81 24.11 -39.14
N ALA B 215 -0.45 23.76 -39.46
CA ALA B 215 -0.86 23.58 -40.83
C ALA B 215 -0.47 24.80 -41.65
N CYS B 216 -0.70 25.99 -41.09
CA CYS B 216 -0.44 27.23 -41.80
C CYS B 216 1.05 27.56 -41.81
N ALA B 217 1.77 27.09 -40.77
CA ALA B 217 3.22 27.27 -40.72
C ALA B 217 3.86 26.43 -41.83
N LEU B 218 3.46 25.16 -41.91
CA LEU B 218 3.95 24.26 -42.94
C LEU B 218 3.47 24.69 -44.33
N GLY B 219 2.23 25.17 -44.39
CA GLY B 219 1.64 25.64 -45.63
C GLY B 219 2.40 26.82 -46.23
N ARG B 220 2.98 27.68 -45.37
CA ARG B 220 3.72 28.83 -45.88
C ARG B 220 5.09 28.35 -46.34
N LYS B 221 5.69 27.41 -45.61
CA LYS B 221 6.99 26.88 -46.00
C LYS B 221 6.86 26.10 -47.30
N SER B 222 5.66 25.55 -47.56
CA SER B 222 5.38 24.78 -48.76
C SER B 222 5.34 25.68 -50.01
N GLN B 223 5.20 26.99 -49.81
CA GLN B 223 5.27 27.93 -50.92
C GLN B 223 6.65 27.81 -51.58
N ALA B 224 7.70 27.73 -50.76
CA ALA B 224 9.05 27.55 -51.28
C ALA B 224 9.31 26.06 -51.52
N SER B 225 9.09 25.24 -50.49
CA SER B 225 9.52 23.84 -50.49
C SER B 225 8.63 22.97 -51.37
N GLY B 226 7.39 23.40 -51.64
CA GLY B 226 6.47 22.63 -52.47
C GLY B 226 5.87 21.42 -51.75
N ILE B 227 6.26 21.22 -50.50
CA ILE B 227 5.86 20.03 -49.77
C ILE B 227 4.35 19.97 -49.69
N GLU B 228 3.81 18.74 -49.62
CA GLU B 228 2.38 18.51 -49.43
C GLU B 228 2.07 18.68 -47.96
N VAL B 229 1.07 19.52 -47.66
CA VAL B 229 0.64 19.76 -46.29
C VAL B 229 -0.83 19.36 -46.16
N ILE B 230 -1.09 18.32 -45.37
CA ILE B 230 -2.45 17.82 -45.20
C ILE B 230 -2.85 18.09 -43.76
N GLN B 231 -4.14 18.42 -43.57
CA GLN B 231 -4.70 18.55 -42.24
C GLN B 231 -6.08 17.92 -42.25
N LEU B 232 -6.35 17.02 -41.30
CA LEU B 232 -7.64 16.36 -41.23
C LEU B 232 -8.12 16.32 -39.79
N PHE B 233 -9.42 16.51 -39.62
CA PHE B 233 -10.01 16.62 -38.30
C PHE B 233 -11.48 16.25 -38.38
N PRO B 234 -12.10 15.81 -37.27
CA PRO B 234 -13.49 15.35 -37.32
C PRO B 234 -14.56 16.44 -37.45
N GLU B 235 -14.21 17.70 -37.14
CA GLU B 235 -15.14 18.82 -37.27
C GLU B 235 -15.43 19.14 -38.74
N LYS B 236 -16.54 19.87 -38.98
CA LYS B 236 -16.95 20.26 -40.31
C LYS B 236 -16.05 21.38 -40.81
N GLY B 237 -15.47 22.15 -39.88
CA GLY B 237 -14.58 23.26 -40.21
C GLY B 237 -13.49 23.48 -39.17
N ASN B 238 -12.43 24.17 -39.60
CA ASN B 238 -11.30 24.47 -38.74
C ASN B 238 -11.76 25.14 -37.46
N MET B 239 -11.05 24.82 -36.37
CA MET B 239 -11.25 25.45 -35.09
C MET B 239 -12.71 25.23 -34.66
N GLY B 240 -13.22 24.02 -34.91
CA GLY B 240 -14.65 23.75 -34.72
C GLY B 240 -15.09 23.81 -33.26
N LYS B 241 -14.16 23.91 -32.32
CA LYS B 241 -14.53 23.89 -30.92
C LYS B 241 -14.73 25.30 -30.37
N ILE B 242 -14.27 26.33 -31.08
CA ILE B 242 -14.37 27.69 -30.58
C ILE B 242 -15.04 28.62 -31.60
N LEU B 243 -15.15 28.20 -32.86
CA LEU B 243 -15.70 29.09 -33.88
C LEU B 243 -17.09 28.62 -34.27
N PRO B 244 -18.05 29.56 -34.48
CA PRO B 244 -19.37 29.20 -34.97
C PRO B 244 -19.24 28.71 -36.41
N GLN B 245 -20.18 27.85 -36.83
CA GLN B 245 -20.08 27.05 -38.05
C GLN B 245 -19.71 27.88 -39.28
N TYR B 246 -20.39 29.02 -39.47
CA TYR B 246 -20.16 29.84 -40.64
C TYR B 246 -18.68 30.24 -40.68
N LEU B 247 -18.24 30.90 -39.61
CA LEU B 247 -16.89 31.43 -39.51
C LEU B 247 -15.90 30.26 -39.54
N SER B 248 -16.24 29.18 -38.82
CA SER B 248 -15.46 27.95 -38.84
C SER B 248 -15.16 27.58 -40.28
N ASN B 249 -16.20 27.56 -41.11
CA ASN B 249 -16.06 27.14 -42.49
C ASN B 249 -15.22 28.16 -43.25
N TRP B 250 -15.50 29.44 -43.02
CA TRP B 250 -14.80 30.51 -43.71
C TRP B 250 -13.31 30.45 -43.39
N THR B 251 -13.00 30.14 -42.13
CA THR B 251 -11.62 30.07 -41.70
C THR B 251 -10.94 28.86 -42.31
N MET B 252 -11.68 27.76 -42.46
CA MET B 252 -11.16 26.57 -43.11
C MET B 252 -10.69 26.94 -44.51
N GLU B 253 -11.50 27.73 -45.23
CA GLU B 253 -11.21 28.07 -46.61
C GLU B 253 -9.98 29.01 -46.69
N LYS B 254 -9.80 29.84 -45.66
CA LYS B 254 -8.66 30.76 -45.60
C LYS B 254 -7.36 30.03 -45.29
N VAL B 255 -7.48 28.90 -44.56
CA VAL B 255 -6.37 28.00 -44.29
C VAL B 255 -5.98 27.29 -45.59
N LYS B 256 -6.99 26.78 -46.30
CA LYS B 256 -6.76 26.14 -47.58
C LYS B 256 -5.86 27.06 -48.40
N ARG B 257 -6.22 28.34 -48.48
CA ARG B 257 -5.47 29.31 -49.29
C ARG B 257 -3.99 29.36 -48.92
N GLU B 258 -3.60 29.00 -47.68
CA GLU B 258 -2.22 29.16 -47.24
C GLU B 258 -1.36 28.01 -47.73
N GLY B 259 -1.99 27.00 -48.32
CA GLY B 259 -1.31 25.90 -48.99
C GLY B 259 -1.54 24.58 -48.26
N VAL B 260 -2.80 24.33 -47.89
CA VAL B 260 -3.13 23.22 -47.02
C VAL B 260 -4.22 22.39 -47.68
N LYS B 261 -4.05 21.06 -47.68
CA LYS B 261 -5.09 20.14 -48.05
C LYS B 261 -5.92 19.75 -46.82
N VAL B 262 -7.08 20.41 -46.65
CA VAL B 262 -7.91 20.28 -45.46
C VAL B 262 -8.98 19.21 -45.71
N MET B 263 -9.14 18.29 -44.75
CA MET B 263 -10.09 17.20 -44.88
C MET B 263 -11.02 17.17 -43.67
N PRO B 264 -12.11 17.97 -43.68
CA PRO B 264 -13.04 17.97 -42.55
C PRO B 264 -13.86 16.68 -42.53
N ASN B 265 -14.40 16.36 -41.35
CA ASN B 265 -15.22 15.18 -41.17
C ASN B 265 -14.37 13.92 -41.32
N ALA B 266 -13.15 13.99 -40.76
CA ALA B 266 -12.21 12.88 -40.76
C ALA B 266 -12.11 12.27 -39.37
N ILE B 267 -12.54 11.00 -39.28
CA ILE B 267 -12.37 10.19 -38.08
C ILE B 267 -11.42 9.06 -38.46
N VAL B 268 -10.18 9.13 -37.92
CA VAL B 268 -9.12 8.20 -38.24
C VAL B 268 -9.53 6.82 -37.73
N GLN B 269 -9.30 5.80 -38.55
CA GLN B 269 -9.62 4.46 -38.10
C GLN B 269 -8.34 3.71 -37.75
N SER B 270 -7.33 3.79 -38.64
CA SER B 270 -6.10 3.06 -38.42
C SER B 270 -4.98 3.64 -39.27
N VAL B 271 -3.74 3.63 -38.72
CA VAL B 271 -2.57 4.16 -39.41
C VAL B 271 -1.49 3.09 -39.52
N GLY B 272 -1.27 2.62 -40.75
CA GLY B 272 -0.29 1.58 -41.02
C GLY B 272 0.86 2.12 -41.87
N VAL B 273 1.71 1.21 -42.35
CA VAL B 273 2.87 1.56 -43.16
C VAL B 273 2.79 0.80 -44.48
N SER B 274 2.30 1.48 -45.52
CA SER B 274 2.16 0.89 -46.84
C SER B 274 3.13 1.57 -47.81
N GLY B 275 4.04 0.78 -48.38
CA GLY B 275 4.99 1.28 -49.34
C GLY B 275 6.03 2.19 -48.69
N GLY B 276 6.36 1.91 -47.43
CA GLY B 276 7.33 2.69 -46.68
C GLY B 276 6.82 4.08 -46.33
N ARG B 277 5.50 4.29 -46.48
CA ARG B 277 4.82 5.54 -46.16
C ARG B 277 3.63 5.25 -45.26
N LEU B 278 3.36 6.15 -44.31
CA LEU B 278 2.24 6.03 -43.40
C LEU B 278 0.94 6.07 -44.21
N LEU B 279 -0.06 5.24 -43.83
CA LEU B 279 -1.34 5.24 -44.50
C LEU B 279 -2.48 5.38 -43.48
N ILE B 280 -3.19 6.52 -43.58
CA ILE B 280 -4.27 6.88 -42.69
C ILE B 280 -5.59 6.52 -43.36
N LYS B 281 -6.19 5.45 -42.88
CA LYS B 281 -7.52 5.07 -43.33
C LYS B 281 -8.52 5.73 -42.37
N LEU B 282 -9.46 6.51 -42.91
CA LEU B 282 -10.50 7.15 -42.13
C LEU B 282 -11.73 6.24 -42.07
N LYS B 283 -12.62 6.49 -41.10
CA LYS B 283 -13.82 5.68 -40.93
C LYS B 283 -14.78 5.89 -42.09
N ASP B 284 -14.73 7.08 -42.72
CA ASP B 284 -15.55 7.38 -43.89
C ASP B 284 -15.04 6.59 -45.10
N GLY B 285 -13.77 6.21 -45.09
CA GLY B 285 -13.25 5.29 -46.09
C GLY B 285 -12.10 5.91 -46.88
N ARG B 286 -11.94 7.22 -46.76
CA ARG B 286 -10.88 7.90 -47.47
C ARG B 286 -9.57 7.35 -46.93
N LYS B 287 -8.56 7.28 -47.79
CA LYS B 287 -7.22 6.91 -47.36
C LYS B 287 -6.29 8.09 -47.63
N VAL B 288 -5.20 8.19 -46.85
CA VAL B 288 -4.20 9.25 -46.96
C VAL B 288 -2.79 8.64 -46.87
N GLU B 289 -1.98 8.88 -47.90
CA GLU B 289 -0.59 8.45 -47.91
C GLU B 289 0.25 9.66 -47.51
N THR B 290 1.14 9.50 -46.53
CA THR B 290 1.98 10.58 -46.10
C THR B 290 3.28 10.00 -45.54
N ASP B 291 4.23 10.87 -45.23
CA ASP B 291 5.53 10.47 -44.74
C ASP B 291 5.65 10.68 -43.23
N HIS B 292 5.03 11.75 -42.71
CA HIS B 292 5.11 12.04 -41.29
C HIS B 292 3.79 12.57 -40.78
N ILE B 293 3.47 12.25 -39.50
CA ILE B 293 2.22 12.61 -38.89
C ILE B 293 2.49 13.35 -37.59
N VAL B 294 1.66 14.37 -37.34
CA VAL B 294 1.75 15.19 -36.16
C VAL B 294 0.34 15.29 -35.56
N THR B 295 0.16 14.78 -34.33
CA THR B 295 -1.15 14.78 -33.68
C THR B 295 -1.25 15.95 -32.70
N ALA B 296 -2.24 16.80 -32.99
CA ALA B 296 -2.58 17.96 -32.19
C ALA B 296 -4.07 17.87 -31.93
N VAL B 297 -4.41 17.02 -30.96
CA VAL B 297 -5.78 16.61 -30.75
C VAL B 297 -6.15 16.86 -29.29
N GLY B 298 -5.55 17.89 -28.67
CA GLY B 298 -5.97 18.37 -27.36
C GLY B 298 -4.86 18.26 -26.32
N LEU B 299 -5.12 18.78 -25.13
CA LEU B 299 -4.13 18.82 -24.07
C LEU B 299 -4.68 18.17 -22.80
N GLU B 300 -3.88 17.26 -22.20
CA GLU B 300 -4.22 16.59 -20.95
C GLU B 300 -3.37 17.19 -19.83
N PRO B 301 -3.95 17.72 -18.73
CA PRO B 301 -3.16 18.34 -17.67
C PRO B 301 -2.26 17.37 -16.88
N ASN B 302 -1.16 17.92 -16.35
CA ASN B 302 -0.15 17.12 -15.66
C ASN B 302 -0.50 17.07 -14.18
N VAL B 303 -1.50 16.24 -13.87
CA VAL B 303 -2.08 16.25 -12.54
C VAL B 303 -1.57 15.03 -11.78
N GLU B 304 -0.30 14.76 -11.93
CA GLU B 304 0.27 13.50 -11.48
C GLU B 304 0.31 13.49 -9.96
N LEU B 305 0.72 14.64 -9.43
CA LEU B 305 1.00 14.79 -8.02
C LEU B 305 -0.29 14.90 -7.24
N ALA B 306 -1.45 14.84 -7.91
CA ALA B 306 -2.71 14.99 -7.22
C ALA B 306 -2.95 13.81 -6.28
N LYS B 307 -2.56 12.61 -6.70
CA LYS B 307 -2.77 11.41 -5.91
C LYS B 307 -1.84 11.40 -4.69
N THR B 308 -0.58 11.70 -4.95
CA THR B 308 0.43 11.73 -3.91
C THR B 308 0.03 12.64 -2.76
N GLY B 309 -0.69 13.74 -3.08
CA GLY B 309 -0.89 14.84 -2.15
C GLY B 309 -2.30 14.88 -1.60
N GLY B 310 -3.24 14.27 -2.31
CA GLY B 310 -4.65 14.34 -1.92
C GLY B 310 -5.25 15.72 -2.19
N LEU B 311 -4.94 16.23 -3.38
CA LEU B 311 -5.56 17.44 -3.89
C LEU B 311 -6.60 17.04 -4.94
N GLU B 312 -7.59 17.90 -5.10
CA GLU B 312 -8.78 17.55 -5.86
C GLU B 312 -8.56 17.88 -7.34
N ILE B 313 -9.24 17.08 -8.17
CA ILE B 313 -9.23 17.20 -9.61
C ILE B 313 -10.63 17.56 -10.09
N ASP B 314 -10.76 18.51 -11.00
CA ASP B 314 -12.09 18.76 -11.54
C ASP B 314 -12.50 17.60 -12.44
N SER B 315 -13.57 16.91 -12.00
CA SER B 315 -14.09 15.74 -12.70
C SER B 315 -14.54 16.12 -14.11
N ASP B 316 -15.07 17.34 -14.27
CA ASP B 316 -15.64 17.81 -15.53
C ASP B 316 -14.55 18.46 -16.39
N PHE B 317 -13.80 19.39 -15.81
CA PHE B 317 -12.91 20.21 -16.62
C PHE B 317 -11.48 19.67 -16.69
N GLY B 318 -11.11 18.84 -15.70
CA GLY B 318 -9.75 18.39 -15.54
C GLY B 318 -8.88 19.44 -14.85
N GLY B 319 -7.68 19.02 -14.44
CA GLY B 319 -6.77 19.90 -13.73
C GLY B 319 -7.05 19.93 -12.24
N PHE B 320 -6.21 20.66 -11.50
CA PHE B 320 -6.37 20.75 -10.07
C PHE B 320 -7.49 21.72 -9.75
N ARG B 321 -8.21 21.46 -8.66
CA ARG B 321 -9.39 22.23 -8.37
C ARG B 321 -9.00 23.27 -7.32
N VAL B 322 -8.88 24.53 -7.78
CA VAL B 322 -8.52 25.64 -6.91
C VAL B 322 -9.68 26.62 -6.82
N ASN B 323 -9.77 27.34 -5.71
CA ASN B 323 -10.86 28.27 -5.49
C ASN B 323 -10.62 29.52 -6.35
N ALA B 324 -11.32 30.60 -6.02
CA ALA B 324 -11.28 31.82 -6.81
C ALA B 324 -9.94 32.52 -6.73
N GLU B 325 -9.15 32.31 -5.67
CA GLU B 325 -7.83 32.88 -5.56
C GLU B 325 -6.75 31.85 -5.93
N LEU B 326 -7.05 30.90 -6.83
CA LEU B 326 -6.10 29.90 -7.34
C LEU B 326 -5.42 29.12 -6.21
N GLN B 327 -6.12 28.94 -5.09
CA GLN B 327 -5.57 28.26 -3.95
C GLN B 327 -6.20 26.90 -3.85
N ALA B 328 -5.38 25.91 -3.50
CA ALA B 328 -5.86 24.53 -3.39
C ALA B 328 -5.99 24.13 -1.93
N ARG B 329 -4.85 24.27 -1.23
CA ARG B 329 -4.76 24.02 0.21
C ARG B 329 -3.94 25.13 0.83
N SER B 330 -3.79 25.04 2.15
CA SER B 330 -3.30 26.16 2.92
C SER B 330 -2.06 26.75 2.28
N ASN B 331 -1.16 25.90 1.80
CA ASN B 331 0.11 26.41 1.31
C ASN B 331 0.35 25.90 -0.11
N ILE B 332 -0.72 25.78 -0.86
CA ILE B 332 -0.59 25.23 -2.20
C ILE B 332 -1.55 25.98 -3.09
N TRP B 333 -1.00 26.54 -4.18
CA TRP B 333 -1.77 27.20 -5.21
C TRP B 333 -1.51 26.48 -6.53
N VAL B 334 -2.41 26.68 -7.50
CA VAL B 334 -2.17 26.15 -8.83
C VAL B 334 -2.47 27.25 -9.84
N ALA B 335 -1.76 27.19 -10.97
CA ALA B 335 -1.90 28.18 -12.01
C ALA B 335 -1.59 27.57 -13.39
N GLY B 336 -1.86 28.35 -14.43
CA GLY B 336 -1.50 27.95 -15.77
C GLY B 336 -2.55 27.01 -16.31
N ASP B 337 -2.14 26.14 -17.22
CA ASP B 337 -3.10 25.28 -17.88
C ASP B 337 -3.60 24.24 -16.90
N ALA B 338 -2.82 23.92 -15.86
CA ALA B 338 -3.14 22.83 -14.95
C ALA B 338 -4.21 23.23 -13.92
N ALA B 339 -4.66 24.48 -13.96
CA ALA B 339 -5.46 24.98 -12.86
C ALA B 339 -6.88 25.16 -13.35
N CYS B 340 -7.80 24.52 -12.62
CA CYS B 340 -9.22 24.66 -12.82
C CYS B 340 -9.83 25.48 -11.68
N PHE B 341 -10.02 26.78 -11.94
CA PHE B 341 -10.29 27.78 -10.90
C PHE B 341 -11.77 28.17 -10.92
N TYR B 342 -12.17 29.02 -9.97
CA TYR B 342 -13.50 29.59 -9.98
C TYR B 342 -13.40 31.06 -10.42
N ASP B 343 -13.89 31.30 -11.65
CA ASP B 343 -14.07 32.64 -12.16
C ASP B 343 -15.39 33.16 -11.58
N ILE B 344 -15.28 34.21 -10.76
CA ILE B 344 -16.41 34.70 -9.99
C ILE B 344 -17.54 35.17 -10.90
N LYS B 345 -17.21 35.62 -12.11
CA LYS B 345 -18.21 36.10 -13.07
C LYS B 345 -18.65 34.93 -13.96
N LEU B 346 -17.70 34.27 -14.64
CA LEU B 346 -18.01 33.34 -15.72
C LEU B 346 -18.29 31.91 -15.21
N GLY B 347 -17.99 31.65 -13.94
CA GLY B 347 -18.15 30.32 -13.40
C GLY B 347 -16.84 29.54 -13.47
N ARG B 348 -16.91 28.24 -13.11
CA ARG B 348 -15.72 27.43 -12.95
C ARG B 348 -15.26 26.97 -14.33
N ARG B 349 -13.96 27.02 -14.55
CA ARG B 349 -13.39 26.73 -15.86
C ARG B 349 -11.89 26.57 -15.74
N ARG B 350 -11.32 25.83 -16.67
CA ARG B 350 -9.88 25.72 -16.79
C ARG B 350 -9.53 26.27 -18.16
N VAL B 351 -8.48 27.07 -18.25
CA VAL B 351 -8.16 27.65 -19.53
C VAL B 351 -6.68 27.41 -19.84
N GLU B 352 -6.39 27.09 -21.11
CA GLU B 352 -5.07 26.63 -21.51
C GLU B 352 -4.43 27.59 -22.51
N HIS B 353 -4.32 28.88 -22.11
CA HIS B 353 -3.81 29.92 -22.98
C HIS B 353 -2.57 30.54 -22.37
N HIS B 354 -1.91 31.37 -23.16
CA HIS B 354 -0.62 31.88 -22.76
C HIS B 354 -0.83 33.02 -21.77
N ASP B 355 -1.72 33.96 -22.11
CA ASP B 355 -1.97 35.09 -21.23
C ASP B 355 -2.50 34.53 -19.92
N HIS B 356 -3.30 33.46 -19.99
CA HIS B 356 -3.84 32.89 -18.77
C HIS B 356 -2.70 32.44 -17.87
N ALA B 357 -1.77 31.66 -18.43
CA ALA B 357 -0.65 31.15 -17.66
C ALA B 357 0.05 32.30 -16.91
N VAL B 358 0.09 33.47 -17.56
CA VAL B 358 0.83 34.61 -17.07
C VAL B 358 0.00 35.38 -16.05
N VAL B 359 -1.26 35.63 -16.39
CA VAL B 359 -2.15 36.34 -15.50
C VAL B 359 -2.25 35.56 -14.18
N SER B 360 -2.63 34.28 -14.28
CA SER B 360 -2.86 33.45 -13.11
C SER B 360 -1.55 33.28 -12.34
N GLY B 361 -0.45 33.05 -13.08
CA GLY B 361 0.88 32.99 -12.50
C GLY B 361 1.19 34.20 -11.60
N ARG B 362 0.94 35.39 -12.14
CA ARG B 362 1.07 36.64 -11.42
C ARG B 362 0.24 36.59 -10.14
N LEU B 363 -1.02 36.18 -10.26
CA LEU B 363 -1.95 36.25 -9.14
C LEU B 363 -1.61 35.22 -8.07
N ALA B 364 -1.21 34.04 -8.51
CA ALA B 364 -0.77 33.03 -7.58
C ALA B 364 0.40 33.55 -6.77
N GLY B 365 1.36 34.15 -7.47
CA GLY B 365 2.53 34.75 -6.84
C GLY B 365 2.13 35.83 -5.84
N GLU B 366 1.13 36.63 -6.20
CA GLU B 366 0.61 37.67 -5.31
C GLU B 366 0.06 37.03 -4.04
N ASN B 367 -0.80 36.00 -4.21
CA ASN B 367 -1.50 35.40 -3.09
C ASN B 367 -0.53 34.61 -2.22
N MET B 368 0.53 34.11 -2.86
CA MET B 368 1.58 33.42 -2.13
C MET B 368 2.24 34.37 -1.14
N THR B 369 2.44 35.63 -1.54
CA THR B 369 3.03 36.64 -0.67
C THR B 369 1.98 37.17 0.27
N GLY B 370 0.68 37.00 -0.06
CA GLY B 370 -0.39 37.14 0.92
C GLY B 370 -1.47 38.16 0.52
N ALA B 371 -1.65 38.37 -0.78
CA ALA B 371 -2.60 39.35 -1.29
C ALA B 371 -4.03 38.83 -1.15
N ALA B 372 -4.18 37.52 -1.25
CA ALA B 372 -5.47 36.87 -1.14
C ALA B 372 -6.53 37.58 -2.01
N LYS B 373 -6.12 38.01 -3.20
CA LYS B 373 -7.04 38.64 -4.14
C LYS B 373 -7.49 37.60 -5.18
N PRO B 374 -8.77 37.67 -5.63
CA PRO B 374 -9.33 36.69 -6.56
C PRO B 374 -9.06 37.05 -8.00
N TYR B 375 -9.19 36.04 -8.87
CA TYR B 375 -9.03 36.19 -10.31
C TYR B 375 -10.18 37.04 -10.82
N TRP B 376 -9.86 38.31 -11.05
CA TRP B 376 -10.84 39.30 -11.45
C TRP B 376 -10.46 39.79 -12.84
N HIS B 377 -9.16 40.12 -12.98
CA HIS B 377 -8.63 40.50 -14.28
C HIS B 377 -8.67 39.32 -15.23
N GLN B 378 -9.27 39.50 -16.40
CA GLN B 378 -9.44 38.40 -17.33
C GLN B 378 -8.17 38.14 -18.14
N SER B 379 -7.97 36.87 -18.51
CA SER B 379 -6.91 36.52 -19.45
C SER B 379 -7.53 36.35 -20.84
N MET B 380 -6.67 36.46 -21.85
CA MET B 380 -7.12 36.37 -23.24
C MET B 380 -6.18 35.49 -24.04
N PHE B 381 -6.50 35.35 -25.33
CA PHE B 381 -5.69 34.58 -26.25
C PHE B 381 -5.85 35.16 -27.65
N TRP B 382 -4.94 34.72 -28.53
CA TRP B 382 -4.84 35.21 -29.89
C TRP B 382 -4.30 34.08 -30.75
N SER B 383 -4.84 33.96 -31.97
CA SER B 383 -4.37 33.01 -32.97
C SER B 383 -4.25 33.75 -34.30
N ASP B 384 -3.23 33.43 -35.08
CA ASP B 384 -3.05 34.03 -36.39
C ASP B 384 -2.85 32.89 -37.41
N LEU B 385 -3.84 32.69 -38.30
CA LEU B 385 -3.80 31.65 -39.32
C LEU B 385 -3.64 32.29 -40.70
N GLY B 386 -2.38 32.55 -41.05
CA GLY B 386 -2.07 33.33 -42.23
C GLY B 386 -2.33 34.80 -41.98
N PRO B 387 -2.19 35.67 -42.99
CA PRO B 387 -2.39 37.10 -42.82
C PRO B 387 -3.86 37.52 -42.88
N ASP B 388 -4.74 36.58 -43.29
CA ASP B 388 -6.15 36.88 -43.44
C ASP B 388 -6.91 36.59 -42.15
N VAL B 389 -6.32 35.74 -41.31
CA VAL B 389 -6.97 35.40 -40.05
C VAL B 389 -6.08 35.86 -38.90
N GLY B 390 -6.66 36.69 -38.03
CA GLY B 390 -6.05 37.10 -36.78
C GLY B 390 -7.10 37.57 -35.78
N TYR B 391 -7.24 36.85 -34.66
CA TYR B 391 -8.28 37.16 -33.68
C TYR B 391 -7.73 37.10 -32.26
N GLU B 392 -7.91 38.21 -31.54
CA GLU B 392 -7.90 38.25 -30.10
C GLU B 392 -9.24 37.68 -29.62
N ALA B 393 -9.27 37.05 -28.43
CA ALA B 393 -10.52 36.57 -27.84
C ALA B 393 -10.42 36.59 -26.32
N ILE B 394 -11.58 36.73 -25.64
CA ILE B 394 -11.60 36.76 -24.19
C ILE B 394 -12.79 36.01 -23.60
N GLY B 395 -12.59 35.45 -22.39
CA GLY B 395 -13.63 34.76 -21.65
C GLY B 395 -14.13 33.50 -22.35
N LEU B 396 -15.44 33.27 -22.26
CA LEU B 396 -16.08 32.00 -22.58
C LEU B 396 -16.34 31.87 -24.09
N VAL B 397 -15.28 31.48 -24.80
CA VAL B 397 -15.32 31.29 -26.23
C VAL B 397 -15.48 29.79 -26.49
N ASP B 398 -16.68 29.40 -26.89
CA ASP B 398 -17.01 27.99 -27.04
C ASP B 398 -18.08 27.91 -28.11
N SER B 399 -17.78 27.18 -29.19
CA SER B 399 -18.61 27.12 -30.39
C SER B 399 -19.99 26.53 -30.10
N SER B 400 -20.12 25.83 -28.96
CA SER B 400 -21.37 25.20 -28.57
C SER B 400 -22.42 26.25 -28.15
N LEU B 401 -21.97 27.43 -27.70
CA LEU B 401 -22.86 28.48 -27.20
C LEU B 401 -23.55 29.19 -28.35
N PRO B 402 -24.64 29.96 -28.10
CA PRO B 402 -25.22 30.85 -29.11
C PRO B 402 -24.43 32.13 -29.36
N THR B 403 -24.10 32.38 -30.64
CA THR B 403 -23.22 33.48 -31.02
C THR B 403 -23.99 34.54 -31.82
N VAL B 404 -23.44 35.76 -31.78
CA VAL B 404 -23.93 36.86 -32.58
C VAL B 404 -22.72 37.54 -33.21
N GLY B 405 -22.41 37.14 -34.44
CA GLY B 405 -21.33 37.74 -35.20
C GLY B 405 -21.79 38.97 -36.00
N VAL B 406 -21.14 40.12 -35.74
CA VAL B 406 -21.40 41.38 -36.44
C VAL B 406 -20.16 41.74 -37.27
N PHE B 407 -20.29 41.77 -38.60
CA PHE B 407 -19.13 41.94 -39.47
C PHE B 407 -19.21 43.20 -40.31
N GLU B 457 -20.13 35.86 -48.82
CA GLU B 457 -20.16 36.67 -47.57
C GLU B 457 -18.73 36.89 -47.08
N ASP B 458 -18.41 38.17 -46.80
CA ASP B 458 -17.07 38.55 -46.39
C ASP B 458 -17.01 38.67 -44.87
N TYR B 459 -16.46 37.64 -44.21
CA TYR B 459 -16.19 37.63 -42.79
C TYR B 459 -14.72 37.98 -42.53
N GLY B 460 -14.22 38.99 -43.25
CA GLY B 460 -12.83 39.41 -43.13
C GLY B 460 -12.60 40.25 -41.88
N LYS B 461 -13.66 40.89 -41.37
CA LYS B 461 -13.58 41.69 -40.15
C LYS B 461 -14.95 41.88 -39.49
N GLY B 462 -14.95 41.76 -38.14
CA GLY B 462 -16.17 41.83 -37.33
C GLY B 462 -15.90 41.33 -35.91
N VAL B 463 -16.95 41.28 -35.08
CA VAL B 463 -16.85 40.85 -33.69
C VAL B 463 -17.93 39.80 -33.42
N ILE B 464 -17.58 38.80 -32.62
CA ILE B 464 -18.52 37.72 -32.32
C ILE B 464 -18.73 37.65 -30.80
N PHE B 465 -20.00 37.70 -30.41
CA PHE B 465 -20.42 37.63 -29.03
C PHE B 465 -20.90 36.22 -28.70
N TYR B 466 -20.57 35.75 -27.48
CA TYR B 466 -20.97 34.44 -27.01
C TYR B 466 -21.95 34.64 -25.86
N LEU B 467 -23.15 34.04 -26.00
CA LEU B 467 -24.22 34.26 -25.05
C LEU B 467 -24.46 33.04 -24.18
N ARG B 468 -25.15 33.30 -23.06
CA ARG B 468 -25.48 32.33 -22.04
C ARG B 468 -26.45 33.05 -21.12
N ASP B 469 -27.74 32.76 -21.28
CA ASP B 469 -28.78 33.39 -20.48
C ASP B 469 -28.92 34.85 -20.93
N LYS B 470 -28.68 35.10 -22.22
CA LYS B 470 -28.79 36.42 -22.83
C LYS B 470 -27.73 37.38 -22.28
N VAL B 471 -26.59 36.83 -21.84
CA VAL B 471 -25.49 37.63 -21.32
C VAL B 471 -24.22 37.26 -22.09
N VAL B 472 -23.45 38.28 -22.45
CA VAL B 472 -22.23 38.04 -23.19
C VAL B 472 -21.19 37.51 -22.21
N VAL B 473 -20.69 36.32 -22.54
CA VAL B 473 -19.74 35.61 -21.71
C VAL B 473 -18.40 35.50 -22.44
N GLY B 474 -18.44 35.43 -23.79
CA GLY B 474 -17.24 35.35 -24.61
C GLY B 474 -17.30 36.27 -25.82
N ILE B 475 -16.13 36.78 -26.22
CA ILE B 475 -16.03 37.68 -27.34
C ILE B 475 -14.83 37.27 -28.17
N VAL B 476 -14.98 37.37 -29.50
CA VAL B 476 -13.89 37.13 -30.43
C VAL B 476 -13.79 38.31 -31.37
N LEU B 477 -12.66 39.03 -31.28
CA LEU B 477 -12.39 40.18 -32.13
C LEU B 477 -11.77 39.69 -33.44
N TRP B 478 -12.58 39.58 -34.49
CA TRP B 478 -12.13 38.99 -35.74
C TRP B 478 -11.41 40.02 -36.61
N ASN B 479 -10.07 40.00 -36.58
CA ASN B 479 -9.24 40.94 -37.32
C ASN B 479 -9.50 42.37 -36.87
N VAL B 480 -9.98 42.53 -35.62
CA VAL B 480 -10.17 43.85 -35.05
C VAL B 480 -9.18 43.97 -33.90
N PHE B 481 -8.24 44.90 -34.02
CA PHE B 481 -7.04 44.86 -33.20
C PHE B 481 -7.05 46.00 -32.20
N ASN B 482 -6.44 45.73 -31.04
CA ASN B 482 -6.25 46.69 -29.98
C ASN B 482 -7.59 47.10 -29.38
N ARG B 483 -8.52 46.15 -29.32
CA ARG B 483 -9.86 46.44 -28.87
C ARG B 483 -10.19 45.61 -27.64
N MET B 484 -9.16 44.97 -27.09
CA MET B 484 -9.37 44.00 -26.05
C MET B 484 -9.98 44.68 -24.83
N PRO B 485 -9.52 45.88 -24.41
CA PRO B 485 -10.08 46.54 -23.24
C PRO B 485 -11.60 46.75 -23.30
N ILE B 486 -12.09 47.14 -24.49
CA ILE B 486 -13.51 47.37 -24.68
C ILE B 486 -14.23 46.07 -24.40
N ALA B 487 -13.76 44.99 -25.03
CA ALA B 487 -14.35 43.67 -24.86
C ALA B 487 -14.31 43.25 -23.39
N ARG B 488 -13.20 43.55 -22.72
CA ARG B 488 -12.96 43.16 -21.35
C ARG B 488 -14.01 43.78 -20.41
N LYS B 489 -14.47 44.98 -20.76
CA LYS B 489 -15.47 45.68 -19.98
C LYS B 489 -16.84 45.05 -20.18
N ILE B 490 -17.14 44.55 -21.38
CA ILE B 490 -18.44 43.98 -21.67
C ILE B 490 -18.67 42.69 -20.87
N ILE B 491 -17.58 41.94 -20.63
CA ILE B 491 -17.60 40.69 -19.88
C ILE B 491 -17.82 41.02 -18.40
N LYS B 492 -17.01 41.94 -17.89
CA LYS B 492 -17.20 42.47 -16.54
C LYS B 492 -18.66 42.87 -16.36
N ASP B 493 -19.20 43.68 -17.30
CA ASP B 493 -20.56 44.17 -17.21
C ASP B 493 -21.56 43.01 -17.27
N GLY B 494 -21.44 42.20 -18.32
CA GLY B 494 -22.33 41.07 -18.54
C GLY B 494 -23.79 41.51 -18.53
N GLU B 495 -24.08 42.54 -19.32
CA GLU B 495 -25.41 43.12 -19.34
C GLU B 495 -26.29 42.24 -20.26
N GLN B 496 -27.60 42.28 -20.04
CA GLN B 496 -28.55 41.62 -20.93
C GLN B 496 -29.01 42.60 -22.00
N HIS B 497 -28.10 42.87 -22.95
CA HIS B 497 -28.32 43.88 -23.96
C HIS B 497 -29.43 43.44 -24.92
N GLU B 498 -30.33 44.38 -25.24
CA GLU B 498 -31.49 44.13 -26.08
C GLU B 498 -31.06 43.92 -27.53
N ASP B 499 -30.18 44.81 -28.02
CA ASP B 499 -29.58 44.68 -29.33
C ASP B 499 -28.08 44.80 -29.17
N LEU B 500 -27.36 43.79 -29.68
CA LEU B 500 -25.91 43.72 -29.60
C LEU B 500 -25.26 44.48 -30.78
N ASN B 501 -26.07 44.91 -31.76
CA ASN B 501 -25.56 45.69 -32.87
C ASN B 501 -25.02 47.03 -32.36
N GLU B 502 -25.69 47.59 -31.34
CA GLU B 502 -25.25 48.82 -30.69
C GLU B 502 -23.92 48.57 -30.01
N VAL B 503 -23.84 47.44 -29.30
CA VAL B 503 -22.66 47.03 -28.54
C VAL B 503 -21.49 46.79 -29.50
N ALA B 504 -21.82 46.35 -30.73
CA ALA B 504 -20.83 46.14 -31.78
C ALA B 504 -20.26 47.47 -32.28
N LYS B 505 -21.06 48.53 -32.29
CA LYS B 505 -20.59 49.81 -32.78
C LYS B 505 -19.44 50.37 -31.93
N LEU B 506 -19.24 49.81 -30.75
CA LEU B 506 -18.21 50.40 -29.85
C LEU B 506 -16.81 49.99 -30.30
N PHE B 507 -16.71 49.15 -31.32
CA PHE B 507 -15.38 48.64 -31.74
C PHE B 507 -14.98 49.27 -33.07
N ASN B 508 -15.68 50.34 -33.47
CA ASN B 508 -15.38 51.01 -34.75
C ASN B 508 -14.87 49.94 -35.72
N ILE B 509 -15.74 49.02 -36.10
CA ILE B 509 -15.34 47.92 -37.03
C ILE B 509 -14.98 48.53 -38.37
N HIS B 510 -13.88 49.28 -38.43
CA HIS B 510 -13.48 49.96 -39.70
C HIS B 510 -12.06 50.48 -39.53
N GLU B 511 -11.80 51.09 -38.37
CA GLU B 511 -10.45 51.65 -38.11
C GLU B 511 -9.46 50.50 -37.93
N ASP B 512 -8.17 50.77 -38.17
CA ASP B 512 -7.13 49.70 -38.07
C ASP B 512 -7.63 48.47 -38.83
N ALA C 27 -0.21 -54.15 9.33
CA ALA C 27 -0.18 -52.82 8.69
C ALA C 27 -0.33 -52.97 7.17
N PRO C 28 -0.97 -52.00 6.48
CA PRO C 28 -1.07 -52.02 5.00
C PRO C 28 0.21 -51.58 4.28
N SER C 29 0.57 -52.33 3.23
CA SER C 29 1.88 -52.20 2.58
C SER C 29 2.02 -50.85 1.86
N HIS C 30 0.88 -50.21 1.53
CA HIS C 30 0.87 -48.89 0.93
C HIS C 30 -0.41 -48.13 1.31
N VAL C 31 -0.28 -46.81 1.49
CA VAL C 31 -1.39 -45.93 1.81
C VAL C 31 -1.12 -44.57 1.18
N PRO C 32 -2.11 -43.91 0.53
CA PRO C 32 -1.88 -42.61 -0.11
C PRO C 32 -1.52 -41.49 0.85
N PHE C 33 -2.01 -41.56 2.10
CA PHE C 33 -1.75 -40.51 3.09
C PHE C 33 -1.26 -41.11 4.41
N LEU C 34 0.02 -40.92 4.68
CA LEU C 34 0.61 -41.41 5.91
C LEU C 34 0.92 -40.24 6.83
N LEU C 35 0.38 -40.28 8.04
CA LEU C 35 0.63 -39.24 9.01
C LEU C 35 1.46 -39.85 10.13
N ILE C 36 2.75 -39.54 10.13
CA ILE C 36 3.62 -39.94 11.22
C ILE C 36 3.30 -39.02 12.38
N GLY C 37 2.89 -39.64 13.50
CA GLY C 37 2.78 -38.96 14.78
C GLY C 37 1.35 -38.65 15.17
N GLY C 38 0.67 -39.64 15.77
CA GLY C 38 -0.74 -39.55 16.06
C GLY C 38 -1.03 -38.68 17.27
N GLY C 39 -0.96 -37.37 17.06
CA GLY C 39 -1.28 -36.37 18.07
C GLY C 39 -2.38 -35.42 17.60
N THR C 40 -2.30 -34.18 18.10
CA THR C 40 -3.29 -33.17 17.79
C THR C 40 -3.11 -32.72 16.34
N ALA C 41 -1.86 -32.74 15.85
CA ALA C 41 -1.54 -32.24 14.50
C ALA C 41 -2.02 -33.21 13.42
N ALA C 42 -1.77 -34.51 13.67
CA ALA C 42 -2.15 -35.57 12.76
C ALA C 42 -3.66 -35.62 12.56
N PHE C 43 -4.42 -35.37 13.62
CA PHE C 43 -5.86 -35.48 13.51
C PHE C 43 -6.39 -34.39 12.57
N ALA C 44 -5.94 -33.15 12.78
CA ALA C 44 -6.43 -31.98 12.06
C ALA C 44 -6.14 -32.13 10.57
N ALA C 45 -4.96 -32.68 10.30
CA ALA C 45 -4.56 -32.97 8.93
C ALA C 45 -5.51 -34.01 8.29
N ALA C 46 -5.67 -35.16 8.94
CA ALA C 46 -6.51 -36.24 8.44
C ALA C 46 -7.92 -35.72 8.18
N ARG C 47 -8.45 -34.97 9.13
CA ARG C 47 -9.76 -34.35 8.96
C ARG C 47 -9.77 -33.51 7.70
N SER C 48 -8.71 -32.70 7.50
CA SER C 48 -8.64 -31.75 6.40
C SER C 48 -8.40 -32.43 5.06
N ILE C 49 -7.64 -33.54 5.07
CA ILE C 49 -7.45 -34.35 3.88
C ILE C 49 -8.80 -34.91 3.48
N ARG C 50 -9.46 -35.57 4.43
CA ARG C 50 -10.73 -36.23 4.15
C ARG C 50 -11.72 -35.19 3.64
N ALA C 51 -11.63 -33.98 4.20
CA ALA C 51 -12.52 -32.92 3.78
C ALA C 51 -12.23 -32.50 2.34
N ARG C 52 -11.01 -32.02 2.08
CA ARG C 52 -10.71 -31.47 0.77
C ARG C 52 -10.89 -32.54 -0.30
N ASP C 53 -10.39 -33.75 -0.02
CA ASP C 53 -10.54 -34.89 -0.91
C ASP C 53 -11.35 -35.94 -0.17
N PRO C 54 -12.68 -36.10 -0.47
CA PRO C 54 -13.52 -37.13 0.13
C PRO C 54 -13.21 -38.49 -0.46
N GLY C 55 -13.35 -39.53 0.37
CA GLY C 55 -12.92 -40.88 0.04
C GLY C 55 -11.40 -41.12 0.15
N ALA C 56 -10.66 -40.19 0.74
CA ALA C 56 -9.23 -40.39 0.92
C ALA C 56 -9.02 -41.58 1.85
N ARG C 57 -7.79 -42.10 1.82
CA ARG C 57 -7.42 -43.19 2.70
C ARG C 57 -6.21 -42.72 3.53
N VAL C 58 -6.42 -42.51 4.84
CA VAL C 58 -5.38 -41.89 5.67
C VAL C 58 -5.00 -42.85 6.80
N LEU C 59 -3.69 -42.97 7.02
CA LEU C 59 -3.20 -43.82 8.09
C LEU C 59 -2.36 -42.98 9.06
N ILE C 60 -2.81 -42.93 10.31
CA ILE C 60 -2.08 -42.28 11.38
C ILE C 60 -1.29 -43.34 12.15
N VAL C 61 0.03 -43.24 12.08
CA VAL C 61 0.92 -44.12 12.81
C VAL C 61 1.40 -43.46 14.11
N SER C 62 0.94 -43.98 15.26
CA SER C 62 1.18 -43.33 16.55
C SER C 62 1.90 -44.29 17.52
N GLU C 63 3.06 -43.84 18.03
CA GLU C 63 3.82 -44.63 19.00
C GLU C 63 3.03 -44.68 20.31
N ASP C 64 2.25 -43.63 20.57
CA ASP C 64 1.32 -43.64 21.68
C ASP C 64 0.28 -44.72 21.43
N PRO C 65 -0.11 -45.51 22.46
CA PRO C 65 -1.23 -46.44 22.34
C PRO C 65 -2.58 -45.73 22.39
N GLU C 66 -2.58 -44.52 22.94
CA GLU C 66 -3.80 -43.73 23.01
C GLU C 66 -4.11 -43.16 21.63
N LEU C 67 -5.38 -43.30 21.20
CA LEU C 67 -5.89 -42.63 20.02
C LEU C 67 -5.75 -41.12 20.20
N PRO C 68 -5.67 -40.33 19.12
CA PRO C 68 -5.53 -38.88 19.22
C PRO C 68 -6.49 -38.24 20.22
N TYR C 69 -5.91 -37.47 21.16
CA TYR C 69 -6.62 -36.70 22.17
C TYR C 69 -5.98 -35.32 22.28
N MET C 70 -6.65 -34.39 22.95
CA MET C 70 -6.10 -33.06 23.17
C MET C 70 -5.40 -33.00 24.52
N ARG C 71 -4.39 -32.14 24.63
CA ARG C 71 -3.51 -32.14 25.79
C ARG C 71 -3.90 -31.07 26.82
N PRO C 72 -4.39 -29.87 26.42
CA PRO C 72 -4.76 -28.84 27.41
C PRO C 72 -5.50 -29.29 28.67
N PRO C 73 -6.56 -30.14 28.60
CA PRO C 73 -7.29 -30.54 29.80
C PRO C 73 -6.38 -31.14 30.86
N LEU C 74 -5.30 -31.79 30.42
CA LEU C 74 -4.46 -32.55 31.34
C LEU C 74 -3.78 -31.62 32.35
N SER C 75 -3.74 -30.31 32.07
CA SER C 75 -3.15 -29.34 32.99
C SER C 75 -4.19 -28.43 33.63
N LYS C 76 -5.41 -28.44 33.10
CA LYS C 76 -6.43 -27.51 33.54
C LYS C 76 -7.75 -28.24 33.81
N GLU C 77 -8.45 -28.60 32.74
CA GLU C 77 -9.88 -28.87 32.83
C GLU C 77 -10.12 -30.11 33.68
N LEU C 78 -9.26 -31.12 33.56
CA LEU C 78 -9.53 -32.41 34.17
C LEU C 78 -9.26 -32.33 35.68
N TRP C 79 -8.40 -31.39 36.09
CA TRP C 79 -8.08 -31.24 37.49
C TRP C 79 -9.24 -30.64 38.28
N PHE C 80 -10.19 -30.00 37.58
CA PHE C 80 -11.29 -29.28 38.22
C PHE C 80 -12.60 -30.04 38.05
N SER C 81 -12.52 -31.27 37.53
CA SER C 81 -13.70 -32.10 37.42
C SER C 81 -14.12 -32.58 38.81
N ASP C 82 -15.40 -32.39 39.15
CA ASP C 82 -15.93 -32.80 40.45
C ASP C 82 -16.06 -34.32 40.54
N ASP C 83 -16.47 -34.92 39.41
CA ASP C 83 -16.56 -36.37 39.30
C ASP C 83 -15.22 -36.98 39.67
N PRO C 84 -15.15 -37.77 40.77
CA PRO C 84 -13.91 -38.45 41.14
C PRO C 84 -13.54 -39.52 40.13
N ASN C 85 -14.45 -39.85 39.20
CA ASN C 85 -14.16 -40.82 38.15
C ASN C 85 -13.55 -40.15 36.92
N VAL C 86 -12.98 -38.96 37.09
CA VAL C 86 -12.44 -38.22 35.95
C VAL C 86 -11.25 -38.97 35.34
N THR C 87 -10.47 -39.71 36.17
CA THR C 87 -9.27 -40.40 35.73
C THR C 87 -9.58 -41.65 34.89
N LYS C 88 -10.85 -42.09 34.86
CA LYS C 88 -11.28 -43.20 34.04
C LYS C 88 -12.18 -42.73 32.90
N THR C 89 -13.02 -41.70 33.11
CA THR C 89 -13.94 -41.20 32.09
C THR C 89 -13.25 -40.26 31.10
N LEU C 90 -12.25 -39.51 31.59
CA LEU C 90 -11.47 -38.57 30.77
C LEU C 90 -12.40 -37.59 30.07
N GLN C 91 -13.42 -37.11 30.79
CA GLN C 91 -14.30 -36.10 30.27
C GLN C 91 -14.17 -34.85 31.14
N PHE C 92 -14.72 -33.76 30.61
CA PHE C 92 -14.69 -32.47 31.30
C PHE C 92 -15.85 -31.62 30.78
N ARG C 93 -16.30 -30.66 31.62
CA ARG C 93 -17.29 -29.67 31.21
C ARG C 93 -16.55 -28.43 30.72
N GLN C 94 -16.79 -28.09 29.46
CA GLN C 94 -16.14 -26.96 28.81
C GLN C 94 -16.58 -25.69 29.52
N TRP C 95 -15.96 -24.56 29.12
CA TRP C 95 -16.29 -23.26 29.68
C TRP C 95 -17.68 -22.76 29.26
N ASN C 96 -18.45 -23.61 28.56
CA ASN C 96 -19.81 -23.30 28.13
C ASN C 96 -20.82 -24.28 28.74
N GLY C 97 -20.39 -25.09 29.71
CA GLY C 97 -21.29 -25.97 30.44
C GLY C 97 -21.48 -27.34 29.78
N LYS C 98 -20.97 -27.51 28.56
CA LYS C 98 -21.16 -28.73 27.78
C LYS C 98 -20.07 -29.72 28.15
N GLU C 99 -20.44 -31.01 28.28
CA GLU C 99 -19.49 -32.05 28.67
C GLU C 99 -19.05 -32.84 27.44
N ARG C 100 -17.73 -32.99 27.28
CA ARG C 100 -17.14 -33.78 26.20
C ARG C 100 -15.94 -34.58 26.74
N SER C 101 -15.31 -35.33 25.82
CA SER C 101 -14.13 -36.15 26.10
C SER C 101 -12.89 -35.47 25.51
N ILE C 102 -11.69 -35.83 26.01
CA ILE C 102 -10.46 -35.25 25.49
C ILE C 102 -10.18 -35.84 24.11
N TYR C 103 -10.68 -37.06 23.86
CA TYR C 103 -10.48 -37.71 22.58
C TYR C 103 -11.21 -36.89 21.52
N PHE C 104 -10.62 -36.78 20.32
CA PHE C 104 -11.19 -35.97 19.26
C PHE C 104 -12.47 -36.62 18.73
N GLN C 105 -12.41 -37.94 18.49
CA GLN C 105 -13.60 -38.70 18.15
C GLN C 105 -13.45 -40.13 18.68
N PRO C 106 -14.58 -40.84 18.90
CA PRO C 106 -14.54 -42.20 19.43
C PRO C 106 -13.79 -43.18 18.53
N PRO C 107 -13.33 -44.34 19.09
CA PRO C 107 -12.76 -45.42 18.28
C PRO C 107 -13.61 -45.85 17.09
N SER C 108 -14.93 -45.76 17.25
CA SER C 108 -15.89 -46.21 16.25
C SER C 108 -15.78 -45.44 14.93
N PHE C 109 -15.29 -44.19 14.98
CA PHE C 109 -15.20 -43.35 13.80
C PHE C 109 -13.83 -43.44 13.15
N TYR C 110 -13.07 -44.49 13.47
CA TYR C 110 -11.79 -44.77 12.82
C TYR C 110 -11.88 -46.16 12.21
N VAL C 111 -11.37 -46.31 11.00
CA VAL C 111 -11.36 -47.60 10.34
C VAL C 111 -10.13 -48.39 10.81
N SER C 112 -10.03 -49.66 10.39
CA SER C 112 -8.94 -50.51 10.78
C SER C 112 -7.87 -50.54 9.70
N ALA C 113 -6.63 -50.86 10.11
CA ALA C 113 -5.45 -50.76 9.27
C ALA C 113 -5.49 -51.80 8.17
N GLN C 114 -6.08 -52.96 8.46
CA GLN C 114 -6.24 -53.93 7.39
C GLN C 114 -7.33 -53.46 6.43
N ASP C 115 -8.46 -52.94 6.95
CA ASP C 115 -9.63 -52.66 6.14
C ASP C 115 -9.54 -51.28 5.47
N LEU C 116 -8.48 -50.51 5.77
CA LEU C 116 -8.33 -49.16 5.23
C LEU C 116 -8.17 -49.19 3.71
N PRO C 117 -7.29 -50.03 3.11
CA PRO C 117 -7.12 -50.03 1.65
C PRO C 117 -8.24 -50.69 0.85
N ASN C 118 -9.41 -50.96 1.47
CA ASN C 118 -10.55 -51.58 0.79
C ASN C 118 -11.85 -50.82 1.04
N ILE C 119 -12.13 -50.50 2.32
CA ILE C 119 -13.35 -49.82 2.73
C ILE C 119 -13.70 -48.76 1.69
N GLU C 120 -15.00 -48.64 1.31
CA GLU C 120 -15.30 -47.63 0.30
C GLU C 120 -15.44 -46.25 0.95
N ASN C 121 -14.94 -45.25 0.20
CA ASN C 121 -14.82 -43.88 0.63
C ASN C 121 -13.69 -43.76 1.67
N GLY C 122 -12.69 -44.63 1.56
CA GLY C 122 -11.52 -44.57 2.42
C GLY C 122 -11.88 -44.37 3.89
N GLY C 123 -11.15 -43.46 4.57
CA GLY C 123 -11.37 -43.23 5.99
C GLY C 123 -10.04 -43.00 6.70
N VAL C 124 -10.08 -42.98 8.03
CA VAL C 124 -8.88 -42.74 8.81
C VAL C 124 -8.61 -43.91 9.75
N ALA C 125 -7.47 -44.56 9.54
CA ALA C 125 -7.05 -45.67 10.38
C ALA C 125 -5.91 -45.20 11.29
N VAL C 126 -5.94 -45.62 12.55
CA VAL C 126 -4.90 -45.24 13.49
C VAL C 126 -4.15 -46.51 13.92
N LEU C 127 -2.84 -46.51 13.64
CA LEU C 127 -1.94 -47.56 14.11
C LEU C 127 -1.37 -47.19 15.47
N THR C 128 -2.01 -47.70 16.52
CA THR C 128 -1.59 -47.44 17.89
C THR C 128 -0.38 -48.30 18.21
N GLY C 129 0.50 -47.78 19.09
CA GLY C 129 1.65 -48.53 19.55
C GLY C 129 2.58 -48.95 18.41
N LYS C 130 2.88 -47.98 17.53
CA LYS C 130 3.77 -48.23 16.41
C LYS C 130 4.55 -46.95 16.08
N LYS C 131 5.88 -47.01 16.27
CA LYS C 131 6.80 -45.92 16.00
C LYS C 131 7.47 -46.09 14.65
N VAL C 132 7.51 -45.00 13.88
CA VAL C 132 8.31 -44.94 12.67
C VAL C 132 9.77 -44.74 13.12
N VAL C 133 10.67 -45.53 12.54
CA VAL C 133 12.06 -45.51 12.98
C VAL C 133 12.97 -45.17 11.79
N HIS C 134 12.41 -45.04 10.58
CA HIS C 134 13.19 -44.66 9.41
C HIS C 134 12.28 -44.09 8.32
N LEU C 135 12.71 -42.96 7.74
CA LEU C 135 11.98 -42.31 6.67
C LEU C 135 12.83 -42.33 5.40
N ASP C 136 12.50 -43.26 4.49
CA ASP C 136 13.20 -43.37 3.23
C ASP C 136 12.59 -42.38 2.25
N VAL C 137 13.12 -41.15 2.28
CA VAL C 137 12.54 -40.04 1.55
C VAL C 137 12.54 -40.37 0.06
N ARG C 138 13.73 -40.83 -0.40
CA ARG C 138 13.99 -41.11 -1.80
C ARG C 138 12.92 -42.09 -2.30
N GLY C 139 12.59 -43.10 -1.49
CA GLY C 139 11.69 -44.17 -1.90
C GLY C 139 10.26 -44.04 -1.36
N ASN C 140 9.91 -42.88 -0.80
CA ASN C 140 8.56 -42.65 -0.33
C ASN C 140 8.05 -43.82 0.51
N MET C 141 8.87 -44.23 1.49
CA MET C 141 8.59 -45.36 2.34
C MET C 141 8.97 -45.02 3.78
N VAL C 142 8.25 -45.62 4.74
CA VAL C 142 8.65 -45.58 6.13
C VAL C 142 8.86 -47.01 6.62
N LYS C 143 9.83 -47.17 7.53
CA LYS C 143 10.12 -48.43 8.20
C LYS C 143 9.66 -48.27 9.66
N LEU C 144 8.85 -49.23 10.13
CA LEU C 144 8.33 -49.24 11.49
C LEU C 144 9.27 -50.00 12.41
N ASN C 145 9.08 -49.80 13.71
CA ASN C 145 9.89 -50.44 14.74
C ASN C 145 9.87 -51.97 14.62
N ASP C 146 8.76 -52.54 14.11
CA ASP C 146 8.60 -53.98 14.04
C ASP C 146 9.10 -54.54 12.70
N GLY C 147 9.76 -53.70 11.89
CA GLY C 147 10.27 -54.11 10.59
C GLY C 147 9.34 -53.71 9.44
N SER C 148 8.02 -53.85 9.65
CA SER C 148 7.01 -53.67 8.61
C SER C 148 7.13 -52.30 7.98
N GLN C 149 7.10 -52.27 6.65
CA GLN C 149 7.31 -51.04 5.87
C GLN C 149 5.98 -50.62 5.23
N ILE C 150 5.82 -49.30 5.05
CA ILE C 150 4.65 -48.72 4.43
C ILE C 150 5.09 -47.63 3.47
N THR C 151 4.72 -47.76 2.19
CA THR C 151 4.97 -46.75 1.18
C THR C 151 3.78 -45.79 1.12
N PHE C 152 4.06 -44.56 0.71
CA PHE C 152 3.07 -43.52 0.74
C PHE C 152 3.20 -42.66 -0.49
N GLU C 153 2.10 -41.97 -0.83
CA GLU C 153 2.10 -40.93 -1.84
C GLU C 153 2.50 -39.61 -1.18
N LYS C 154 1.72 -39.22 -0.18
CA LYS C 154 2.01 -38.02 0.60
C LYS C 154 2.28 -38.48 2.03
N CYS C 155 3.15 -37.74 2.71
CA CYS C 155 3.47 -38.04 4.10
C CYS C 155 3.49 -36.75 4.90
N LEU C 156 3.05 -36.85 6.16
CA LEU C 156 3.15 -35.74 7.10
C LEU C 156 3.88 -36.17 8.36
N ILE C 157 4.89 -35.39 8.72
CA ILE C 157 5.56 -35.56 9.99
C ILE C 157 4.84 -34.67 10.99
N ALA C 158 4.33 -35.31 12.05
CA ALA C 158 3.67 -34.61 13.14
C ALA C 158 4.11 -35.19 14.47
N THR C 159 5.43 -35.30 14.68
CA THR C 159 5.95 -36.05 15.82
C THR C 159 5.82 -35.24 17.10
N GLY C 160 5.47 -33.95 17.01
CA GLY C 160 5.30 -33.11 18.18
C GLY C 160 6.61 -32.90 18.95
N GLY C 161 6.69 -33.43 20.17
CA GLY C 161 7.88 -33.27 20.98
C GLY C 161 7.82 -34.00 22.34
N THR C 162 8.99 -34.13 22.95
CA THR C 162 9.16 -34.82 24.21
C THR C 162 9.57 -33.78 25.25
N PRO C 163 9.06 -33.82 26.52
CA PRO C 163 9.36 -32.77 27.49
C PRO C 163 10.83 -32.85 27.89
N ARG C 164 11.44 -31.68 28.11
CA ARG C 164 12.84 -31.61 28.49
C ARG C 164 12.96 -32.01 29.96
N SER C 165 14.06 -32.70 30.26
CA SER C 165 14.42 -33.09 31.60
C SER C 165 15.45 -32.12 32.16
N LEU C 166 15.40 -31.96 33.48
CA LEU C 166 16.32 -31.06 34.16
C LEU C 166 17.64 -31.80 34.36
N SER C 167 18.73 -31.09 34.10
CA SER C 167 20.05 -31.70 34.09
C SER C 167 20.36 -32.33 35.45
N ALA C 168 19.98 -31.65 36.53
CA ALA C 168 20.28 -32.11 37.88
C ALA C 168 19.55 -33.41 38.21
N ILE C 169 18.33 -33.56 37.68
CA ILE C 169 17.54 -34.77 37.89
C ILE C 169 18.24 -35.94 37.23
N ASP C 170 18.73 -35.74 36.00
CA ASP C 170 19.45 -36.79 35.28
C ASP C 170 20.64 -37.24 36.11
N ARG C 171 21.42 -36.25 36.60
CA ARG C 171 22.68 -36.54 37.28
C ARG C 171 22.45 -37.33 38.56
N ALA C 172 21.30 -37.16 39.20
CA ALA C 172 21.01 -37.80 40.48
C ALA C 172 20.79 -39.31 40.30
N GLY C 173 20.76 -40.03 41.43
CA GLY C 173 20.62 -41.49 41.43
C GLY C 173 19.20 -41.92 41.11
N ALA C 174 19.01 -43.23 40.85
CA ALA C 174 17.75 -43.77 40.38
C ALA C 174 16.67 -43.79 41.48
N GLU C 175 17.05 -43.49 42.74
CA GLU C 175 16.09 -43.40 43.83
C GLU C 175 15.30 -42.09 43.69
N VAL C 176 16.02 -40.99 43.40
CA VAL C 176 15.40 -39.69 43.17
C VAL C 176 14.80 -39.64 41.75
N LYS C 177 15.43 -40.32 40.77
CA LYS C 177 14.95 -40.34 39.40
C LYS C 177 13.61 -41.06 39.28
N SER C 178 13.36 -42.04 40.15
CA SER C 178 12.11 -42.80 40.12
C SER C 178 10.97 -41.95 40.66
N ARG C 179 11.28 -40.98 41.53
CA ARG C 179 10.27 -40.12 42.12
C ARG C 179 10.22 -38.78 41.40
N THR C 180 10.39 -38.79 40.07
CA THR C 180 10.38 -37.55 39.28
C THR C 180 9.61 -37.75 37.97
N THR C 181 8.51 -37.02 37.79
CA THR C 181 7.67 -37.21 36.62
C THR C 181 7.79 -35.99 35.70
N LEU C 182 7.55 -36.24 34.40
CA LEU C 182 7.39 -35.19 33.41
C LEU C 182 5.96 -35.21 32.88
N PHE C 183 5.52 -34.14 32.18
CA PHE C 183 4.10 -34.00 31.88
C PHE C 183 3.83 -33.70 30.40
N ARG C 184 2.99 -34.58 29.83
CA ARG C 184 2.66 -34.60 28.41
C ARG C 184 1.48 -35.55 28.20
N LYS C 185 1.68 -36.85 28.50
CA LYS C 185 0.74 -37.91 28.12
C LYS C 185 -0.41 -38.02 29.15
N ILE C 186 -1.40 -38.89 28.85
CA ILE C 186 -2.54 -39.15 29.73
C ILE C 186 -2.09 -39.77 31.05
N GLY C 187 -1.32 -40.85 30.94
CA GLY C 187 -0.72 -41.49 32.11
C GLY C 187 -0.02 -40.48 33.00
N ASP C 188 0.61 -39.47 32.40
CA ASP C 188 1.32 -38.45 33.15
C ASP C 188 0.32 -37.78 34.09
N PHE C 189 -0.88 -37.54 33.58
CA PHE C 189 -1.96 -36.99 34.38
C PHE C 189 -2.43 -38.01 35.41
N ARG C 190 -2.79 -39.21 34.95
CA ARG C 190 -3.40 -40.23 35.80
C ARG C 190 -2.48 -40.61 36.95
N ALA C 191 -1.16 -40.58 36.71
CA ALA C 191 -0.19 -40.95 37.72
C ALA C 191 0.01 -39.83 38.74
N LEU C 192 0.09 -38.58 38.26
CA LEU C 192 0.33 -37.45 39.15
C LEU C 192 -0.95 -37.08 39.91
N GLU C 193 -2.10 -37.52 39.40
CA GLU C 193 -3.37 -37.40 40.10
C GLU C 193 -3.36 -38.30 41.36
N LYS C 194 -2.85 -39.52 41.21
CA LYS C 194 -2.71 -40.44 42.34
C LYS C 194 -1.69 -39.89 43.32
N ILE C 195 -0.53 -39.48 42.79
CA ILE C 195 0.57 -39.00 43.60
C ILE C 195 0.13 -37.80 44.44
N SER C 196 -0.84 -37.04 43.93
CA SER C 196 -1.37 -35.89 44.65
C SER C 196 -2.08 -36.30 45.93
N ARG C 197 -2.71 -37.49 45.91
CA ARG C 197 -3.52 -37.97 47.02
C ARG C 197 -2.68 -38.82 47.97
N GLU C 198 -1.37 -38.88 47.72
CA GLU C 198 -0.47 -39.77 48.45
C GLU C 198 0.53 -38.93 49.24
N VAL C 199 1.25 -38.01 48.57
CA VAL C 199 2.36 -37.30 49.20
C VAL C 199 1.85 -36.07 49.95
N LYS C 200 2.73 -35.51 50.77
CA LYS C 200 2.43 -34.34 51.58
C LYS C 200 2.98 -33.07 50.96
N SER C 201 3.83 -33.21 49.92
CA SER C 201 4.46 -32.07 49.28
C SER C 201 4.94 -32.43 47.88
N ILE C 202 4.50 -31.63 46.90
CA ILE C 202 4.93 -31.74 45.52
C ILE C 202 5.62 -30.45 45.11
N THR C 203 6.84 -30.58 44.56
CA THR C 203 7.55 -29.44 43.99
C THR C 203 7.52 -29.55 42.46
N VAL C 204 7.06 -28.47 41.84
CA VAL C 204 7.10 -28.27 40.40
C VAL C 204 8.31 -27.38 40.10
N ILE C 205 9.19 -27.84 39.18
CA ILE C 205 10.35 -27.08 38.74
C ILE C 205 10.09 -26.55 37.33
N GLY C 206 10.26 -25.24 37.19
CA GLY C 206 9.99 -24.52 35.94
C GLY C 206 8.76 -23.64 36.10
N GLY C 207 8.83 -22.42 35.54
CA GLY C 207 7.73 -21.48 35.58
C GLY C 207 7.05 -21.29 34.23
N GLY C 208 6.98 -22.36 33.43
CA GLY C 208 6.43 -22.27 32.10
C GLY C 208 4.90 -22.31 32.11
N PHE C 209 4.33 -22.38 30.91
CA PHE C 209 2.91 -22.62 30.70
C PHE C 209 2.44 -23.76 31.58
N LEU C 210 3.08 -24.93 31.38
CA LEU C 210 2.71 -26.16 32.07
C LEU C 210 3.14 -26.06 33.52
N GLY C 211 4.37 -25.59 33.77
CA GLY C 211 4.78 -25.33 35.15
C GLY C 211 3.66 -24.67 35.95
N SER C 212 3.24 -23.49 35.47
CA SER C 212 2.29 -22.68 36.20
C SER C 212 0.94 -23.39 36.28
N GLU C 213 0.46 -23.91 35.16
CA GLU C 213 -0.89 -24.47 35.12
C GLU C 213 -0.98 -25.65 36.09
N LEU C 214 0.14 -26.36 36.27
CA LEU C 214 0.15 -27.49 37.18
C LEU C 214 0.20 -26.98 38.61
N ALA C 215 1.03 -25.97 38.86
CA ALA C 215 1.12 -25.42 40.19
C ALA C 215 -0.28 -24.99 40.66
N CYS C 216 -1.07 -24.38 39.76
CA CYS C 216 -2.38 -23.84 40.10
C CYS C 216 -3.43 -24.95 40.16
N ALA C 217 -3.21 -26.04 39.40
CA ALA C 217 -4.10 -27.19 39.41
C ALA C 217 -3.95 -27.93 40.73
N LEU C 218 -2.70 -28.11 41.19
CA LEU C 218 -2.40 -28.71 42.49
C LEU C 218 -2.72 -27.71 43.60
N GLY C 219 -2.49 -26.42 43.35
CA GLY C 219 -2.82 -25.39 44.31
C GLY C 219 -4.30 -25.37 44.69
N ARG C 220 -5.20 -25.68 43.74
CA ARG C 220 -6.62 -25.64 44.01
C ARG C 220 -7.07 -26.93 44.67
N LYS C 221 -6.38 -28.05 44.41
CA LYS C 221 -6.70 -29.31 45.05
C LYS C 221 -6.19 -29.30 46.50
N SER C 222 -5.19 -28.44 46.78
CA SER C 222 -4.62 -28.28 48.12
C SER C 222 -5.54 -27.50 49.03
N GLN C 223 -6.52 -26.81 48.45
CA GLN C 223 -7.56 -26.17 49.23
C GLN C 223 -8.28 -27.24 50.05
N ALA C 224 -8.57 -28.40 49.42
CA ALA C 224 -9.24 -29.50 50.08
C ALA C 224 -8.21 -30.40 50.80
N SER C 225 -7.14 -30.78 50.09
CA SER C 225 -6.22 -31.81 50.55
C SER C 225 -5.21 -31.27 51.57
N GLY C 226 -4.93 -29.95 51.53
CA GLY C 226 -4.00 -29.33 52.45
C GLY C 226 -2.54 -29.66 52.13
N ILE C 227 -2.29 -30.23 50.94
CA ILE C 227 -0.95 -30.60 50.49
C ILE C 227 -0.13 -29.32 50.27
N GLU C 228 1.17 -29.40 50.53
CA GLU C 228 2.09 -28.32 50.21
C GLU C 228 2.34 -28.37 48.70
N VAL C 229 2.22 -27.21 48.04
CA VAL C 229 2.51 -27.09 46.62
C VAL C 229 3.61 -26.05 46.42
N ILE C 230 4.76 -26.49 45.91
CA ILE C 230 5.90 -25.61 45.71
C ILE C 230 6.16 -25.53 44.21
N GLN C 231 6.56 -24.36 43.74
CA GLN C 231 7.00 -24.18 42.38
C GLN C 231 8.22 -23.25 42.37
N LEU C 232 9.31 -23.69 41.75
CA LEU C 232 10.52 -22.88 41.73
C LEU C 232 11.02 -22.81 40.29
N PHE C 233 11.61 -21.66 39.95
CA PHE C 233 12.05 -21.43 38.59
C PHE C 233 13.09 -20.31 38.60
N PRO C 234 13.98 -20.25 37.59
CA PRO C 234 15.09 -19.29 37.60
C PRO C 234 14.77 -17.85 37.22
N GLU C 235 13.59 -17.63 36.61
CA GLU C 235 13.10 -16.30 36.33
C GLU C 235 12.62 -15.58 37.61
N LYS C 236 12.51 -14.24 37.52
CA LYS C 236 12.12 -13.38 38.63
C LYS C 236 10.62 -13.48 38.89
N GLY C 237 9.84 -13.95 37.90
CA GLY C 237 8.41 -14.09 38.06
C GLY C 237 7.86 -15.17 37.13
N ASN C 238 6.64 -15.63 37.41
CA ASN C 238 6.02 -16.69 36.63
C ASN C 238 5.94 -16.30 35.16
N MET C 239 5.98 -17.31 34.29
CA MET C 239 5.86 -17.14 32.86
C MET C 239 6.83 -16.04 32.38
N GLY C 240 8.08 -16.04 32.88
CA GLY C 240 9.05 -14.99 32.59
C GLY C 240 9.59 -15.01 31.14
N LYS C 241 9.27 -16.06 30.39
CA LYS C 241 9.71 -16.12 29.00
C LYS C 241 8.74 -15.38 28.09
N ILE C 242 7.47 -15.19 28.50
CA ILE C 242 6.46 -14.60 27.61
C ILE C 242 5.85 -13.33 28.20
N LEU C 243 5.94 -13.14 29.52
CA LEU C 243 5.32 -11.98 30.14
C LEU C 243 6.38 -10.92 30.46
N PRO C 244 6.04 -9.63 30.27
CA PRO C 244 6.91 -8.53 30.71
C PRO C 244 6.94 -8.46 32.23
N GLN C 245 8.04 -7.96 32.77
CA GLN C 245 8.42 -8.16 34.17
C GLN C 245 7.33 -7.80 35.19
N TYR C 246 6.64 -6.67 34.96
CA TYR C 246 5.62 -6.18 35.88
C TYR C 246 4.51 -7.23 35.98
N LEU C 247 3.95 -7.59 34.83
CA LEU C 247 2.86 -8.54 34.71
C LEU C 247 3.32 -9.93 35.17
N SER C 248 4.53 -10.30 34.78
CA SER C 248 5.15 -11.55 35.21
C SER C 248 5.10 -11.62 36.73
N ASN C 249 5.44 -10.51 37.41
CA ASN C 249 5.48 -10.49 38.87
C ASN C 249 4.08 -10.48 39.48
N TRP C 250 3.19 -9.71 38.87
CA TRP C 250 1.81 -9.66 39.29
C TRP C 250 1.18 -11.05 39.18
N THR C 251 1.44 -11.72 38.05
CA THR C 251 0.89 -13.05 37.80
C THR C 251 1.44 -14.04 38.82
N MET C 252 2.71 -13.86 39.21
CA MET C 252 3.32 -14.70 40.23
C MET C 252 2.51 -14.58 41.53
N GLU C 253 2.18 -13.34 41.88
CA GLU C 253 1.47 -13.08 43.12
C GLU C 253 0.06 -13.67 43.07
N LYS C 254 -0.53 -13.73 41.88
CA LYS C 254 -1.86 -14.30 41.71
C LYS C 254 -1.82 -15.82 41.73
N VAL C 255 -0.68 -16.39 41.33
CA VAL C 255 -0.45 -17.82 41.46
C VAL C 255 -0.28 -18.13 42.94
N LYS C 256 0.55 -17.36 43.62
CA LYS C 256 0.67 -17.52 45.06
C LYS C 256 -0.72 -17.71 45.67
N ARG C 257 -1.66 -16.79 45.35
CA ARG C 257 -2.99 -16.77 45.94
C ARG C 257 -3.70 -18.12 45.79
N GLU C 258 -3.40 -18.89 44.73
CA GLU C 258 -4.15 -20.10 44.45
C GLU C 258 -3.67 -21.23 45.35
N GLY C 259 -2.60 -20.98 46.09
CA GLY C 259 -2.13 -21.91 47.08
C GLY C 259 -0.80 -22.51 46.67
N VAL C 260 0.16 -21.63 46.38
CA VAL C 260 1.45 -22.06 45.88
C VAL C 260 2.56 -21.34 46.66
N LYS C 261 3.57 -22.10 47.06
CA LYS C 261 4.84 -21.55 47.52
C LYS C 261 5.76 -21.36 46.33
N VAL C 262 5.85 -20.13 45.82
CA VAL C 262 6.60 -19.82 44.61
C VAL C 262 8.00 -19.35 44.98
N MET C 263 9.01 -19.89 44.30
CA MET C 263 10.37 -19.58 44.62
C MET C 263 11.11 -19.10 43.39
N PRO C 264 10.99 -17.80 43.05
CA PRO C 264 11.69 -17.26 41.89
C PRO C 264 13.20 -17.22 42.12
N ASN C 265 13.93 -17.07 41.01
CA ASN C 265 15.38 -16.92 41.02
C ASN C 265 16.05 -18.19 41.57
N ALA C 266 15.43 -19.32 41.25
CA ALA C 266 15.89 -20.62 41.70
C ALA C 266 16.64 -21.33 40.56
N ILE C 267 17.92 -21.60 40.80
CA ILE C 267 18.75 -22.41 39.92
C ILE C 267 19.08 -23.68 40.71
N VAL C 268 18.49 -24.82 40.30
CA VAL C 268 18.67 -26.09 40.99
C VAL C 268 20.13 -26.51 40.87
N GLN C 269 20.74 -26.93 41.99
CA GLN C 269 22.12 -27.39 41.98
C GLN C 269 22.19 -28.92 42.04
N SER C 270 21.45 -29.53 42.97
CA SER C 270 21.46 -30.97 43.08
C SER C 270 20.20 -31.44 43.80
N VAL C 271 19.72 -32.64 43.46
CA VAL C 271 18.56 -33.21 44.11
C VAL C 271 18.93 -34.59 44.65
N GLY C 272 19.07 -34.69 45.98
CA GLY C 272 19.35 -35.95 46.66
C GLY C 272 18.12 -36.50 47.38
N VAL C 273 18.33 -37.53 48.23
CA VAL C 273 17.28 -38.13 49.02
C VAL C 273 17.69 -38.06 50.50
N SER C 274 17.12 -37.10 51.25
CA SER C 274 17.45 -36.92 52.66
C SER C 274 16.21 -37.13 53.54
N GLY C 275 16.33 -38.07 54.50
CA GLY C 275 15.25 -38.43 55.41
C GLY C 275 14.05 -39.07 54.69
N GLY C 276 14.34 -39.79 53.60
CA GLY C 276 13.32 -40.44 52.79
C GLY C 276 12.60 -39.47 51.86
N ARG C 277 13.04 -38.21 51.82
CA ARG C 277 12.37 -37.18 51.06
C ARG C 277 13.38 -36.48 50.18
N LEU C 278 12.93 -36.10 48.97
CA LEU C 278 13.75 -35.43 47.98
C LEU C 278 14.17 -34.07 48.52
N LEU C 279 15.46 -33.73 48.35
CA LEU C 279 15.99 -32.46 48.82
C LEU C 279 16.63 -31.70 47.66
N ILE C 280 16.06 -30.50 47.41
CA ILE C 280 16.42 -29.63 46.31
C ILE C 280 17.32 -28.51 46.83
N LYS C 281 18.63 -28.64 46.62
CA LYS C 281 19.56 -27.59 47.01
C LYS C 281 19.77 -26.70 45.79
N LEU C 282 19.47 -25.41 45.96
CA LEU C 282 19.57 -24.45 44.88
C LEU C 282 20.94 -23.80 44.93
N LYS C 283 21.33 -23.14 43.83
CA LYS C 283 22.65 -22.52 43.73
C LYS C 283 22.73 -21.28 44.62
N ASP C 284 21.60 -20.65 44.92
CA ASP C 284 21.61 -19.52 45.83
C ASP C 284 21.81 -19.98 47.26
N GLY C 285 21.49 -21.25 47.55
CA GLY C 285 21.77 -21.82 48.86
C GLY C 285 20.53 -22.31 49.58
N ARG C 286 19.36 -21.98 49.04
CA ARG C 286 18.12 -22.40 49.64
C ARG C 286 18.01 -23.92 49.46
N LYS C 287 17.36 -24.58 50.44
CA LYS C 287 17.06 -26.00 50.35
C LYS C 287 15.55 -26.16 50.39
N VAL C 288 15.05 -27.28 49.84
CA VAL C 288 13.62 -27.58 49.83
C VAL C 288 13.44 -29.08 50.01
N GLU C 289 12.62 -29.44 51.00
CA GLU C 289 12.29 -30.83 51.25
C GLU C 289 10.92 -31.10 50.63
N THR C 290 10.85 -32.12 49.77
CA THR C 290 9.59 -32.50 49.15
C THR C 290 9.56 -34.01 48.94
N ASP C 291 8.40 -34.51 48.54
CA ASP C 291 8.17 -35.95 48.36
C ASP C 291 8.27 -36.31 46.88
N HIS C 292 7.78 -35.43 45.99
CA HIS C 292 7.78 -35.74 44.58
C HIS C 292 8.12 -34.47 43.80
N ILE C 293 8.68 -34.65 42.60
CA ILE C 293 9.13 -33.54 41.78
C ILE C 293 8.60 -33.72 40.37
N VAL C 294 8.16 -32.61 39.76
CA VAL C 294 7.66 -32.63 38.40
C VAL C 294 8.39 -31.54 37.60
N THR C 295 9.13 -31.93 36.57
CA THR C 295 9.91 -30.98 35.83
C THR C 295 9.16 -30.59 34.56
N ALA C 296 8.80 -29.31 34.51
CA ALA C 296 8.24 -28.69 33.32
C ALA C 296 9.19 -27.57 32.94
N VAL C 297 10.26 -27.94 32.23
CA VAL C 297 11.32 -26.99 31.94
C VAL C 297 11.55 -26.96 30.44
N GLY C 298 10.50 -27.18 29.66
CA GLY C 298 10.58 -26.96 28.23
C GLY C 298 10.26 -28.23 27.45
N LEU C 299 10.26 -28.08 26.11
CA LEU C 299 9.89 -29.14 25.22
C LEU C 299 10.92 -29.26 24.09
N GLU C 300 11.41 -30.48 23.86
CA GLU C 300 12.35 -30.77 22.78
C GLU C 300 11.60 -31.48 21.65
N PRO C 301 11.67 -31.00 20.38
CA PRO C 301 10.94 -31.65 19.28
C PRO C 301 11.43 -33.07 19.01
N ASN C 302 10.53 -33.93 18.51
CA ASN C 302 10.88 -35.30 18.18
C ASN C 302 11.38 -35.36 16.75
N VAL C 303 12.62 -34.90 16.55
CA VAL C 303 13.16 -34.75 15.21
C VAL C 303 14.12 -35.91 14.96
N GLU C 304 13.66 -37.12 15.22
CA GLU C 304 14.56 -38.27 15.26
C GLU C 304 14.81 -38.75 13.83
N LEU C 305 13.75 -38.68 13.02
CA LEU C 305 13.79 -39.19 11.66
C LEU C 305 14.48 -38.19 10.72
N ALA C 306 15.02 -37.09 11.25
CA ALA C 306 15.65 -36.05 10.42
C ALA C 306 16.92 -36.55 9.77
N LYS C 307 17.72 -37.27 10.55
CA LYS C 307 18.96 -37.87 10.06
C LYS C 307 18.66 -38.99 9.07
N THR C 308 17.75 -39.89 9.44
CA THR C 308 17.41 -41.03 8.62
C THR C 308 16.94 -40.61 7.24
N GLY C 309 16.37 -39.41 7.12
CA GLY C 309 15.76 -38.95 5.88
C GLY C 309 16.57 -37.86 5.15
N GLY C 310 17.45 -37.17 5.90
CA GLY C 310 18.19 -36.04 5.35
C GLY C 310 17.28 -34.82 5.17
N LEU C 311 16.51 -34.56 6.23
CA LEU C 311 15.66 -33.37 6.30
C LEU C 311 16.30 -32.40 7.27
N GLU C 312 16.08 -31.12 6.98
CA GLU C 312 16.81 -30.05 7.62
C GLU C 312 16.16 -29.70 8.96
N ILE C 313 17.03 -29.35 9.90
CA ILE C 313 16.66 -28.93 11.24
C ILE C 313 16.96 -27.44 11.36
N ASP C 314 16.05 -26.69 12.00
CA ASP C 314 16.36 -25.29 12.27
C ASP C 314 17.37 -25.23 13.41
N SER C 315 18.59 -24.72 13.09
CA SER C 315 19.70 -24.62 14.04
C SER C 315 19.28 -23.79 15.26
N ASP C 316 18.54 -22.69 14.99
CA ASP C 316 18.22 -21.68 15.98
C ASP C 316 16.97 -22.08 16.76
N PHE C 317 15.90 -22.47 16.04
CA PHE C 317 14.58 -22.65 16.63
C PHE C 317 14.27 -24.08 17.00
N GLY C 318 14.91 -25.05 16.32
CA GLY C 318 14.65 -26.47 16.54
C GLY C 318 13.52 -26.95 15.65
N GLY C 319 13.38 -28.27 15.53
CA GLY C 319 12.33 -28.86 14.70
C GLY C 319 12.73 -28.93 13.24
N PHE C 320 11.84 -29.51 12.41
CA PHE C 320 12.07 -29.66 10.97
C PHE C 320 11.90 -28.31 10.28
N ARG C 321 12.76 -28.03 9.29
CA ARG C 321 12.70 -26.76 8.61
C ARG C 321 11.79 -26.90 7.38
N VAL C 322 10.58 -26.33 7.46
CA VAL C 322 9.62 -26.38 6.36
C VAL C 322 9.37 -24.95 5.87
N ASN C 323 9.00 -24.83 4.60
CA ASN C 323 8.81 -23.52 4.01
C ASN C 323 7.45 -22.99 4.44
N ALA C 324 7.01 -21.92 3.78
CA ALA C 324 5.80 -21.19 4.15
C ALA C 324 4.53 -22.05 4.04
N GLU C 325 4.55 -23.09 3.21
CA GLU C 325 3.41 -23.99 3.12
C GLU C 325 3.64 -25.27 3.92
N LEU C 326 4.52 -25.24 4.94
CA LEU C 326 4.77 -26.35 5.87
C LEU C 326 5.34 -27.58 5.14
N GLN C 327 6.04 -27.34 4.04
CA GLN C 327 6.53 -28.41 3.18
C GLN C 327 8.04 -28.52 3.33
N ALA C 328 8.54 -29.76 3.44
CA ALA C 328 9.95 -29.98 3.68
C ALA C 328 10.62 -30.40 2.39
N ARG C 329 10.04 -31.44 1.76
CA ARG C 329 10.47 -31.99 0.49
C ARG C 329 9.21 -32.24 -0.35
N SER C 330 9.40 -32.83 -1.53
CA SER C 330 8.34 -32.95 -2.51
C SER C 330 7.08 -33.58 -1.94
N ASN C 331 7.26 -34.65 -1.16
CA ASN C 331 6.11 -35.41 -0.68
C ASN C 331 6.12 -35.51 0.84
N ILE C 332 6.58 -34.47 1.51
CA ILE C 332 6.68 -34.52 2.95
C ILE C 332 6.38 -33.13 3.50
N TRP C 333 5.41 -33.07 4.40
CA TRP C 333 5.07 -31.85 5.12
C TRP C 333 5.30 -32.08 6.60
N VAL C 334 5.50 -31.00 7.37
CA VAL C 334 5.57 -31.12 8.81
C VAL C 334 4.63 -30.10 9.45
N ALA C 335 4.07 -30.49 10.60
CA ALA C 335 3.14 -29.64 11.31
C ALA C 335 3.22 -29.87 12.81
N GLY C 336 2.56 -28.98 13.55
CA GLY C 336 2.49 -29.12 14.98
C GLY C 336 3.68 -28.47 15.66
N ASP C 337 4.03 -29.01 16.83
CA ASP C 337 5.11 -28.44 17.58
C ASP C 337 6.40 -28.68 16.82
N ALA C 338 6.47 -29.79 16.06
CA ALA C 338 7.71 -30.26 15.46
C ALA C 338 8.15 -29.42 14.24
N ALA C 339 7.33 -28.44 13.85
CA ALA C 339 7.54 -27.75 12.58
C ALA C 339 8.04 -26.35 12.85
N CYS C 340 9.14 -26.03 12.16
CA CYS C 340 9.70 -24.71 12.10
C CYS C 340 9.45 -24.13 10.72
N PHE C 341 8.33 -23.40 10.60
CA PHE C 341 7.83 -22.91 9.33
C PHE C 341 8.23 -21.45 9.12
N TYR C 342 7.98 -20.92 7.91
CA TYR C 342 8.21 -19.52 7.57
C TYR C 342 6.86 -18.78 7.52
N ASP C 343 6.61 -18.03 8.58
CA ASP C 343 5.47 -17.14 8.66
C ASP C 343 5.79 -15.90 7.84
N ILE C 344 5.04 -15.71 6.76
CA ILE C 344 5.39 -14.71 5.77
C ILE C 344 5.41 -13.31 6.39
N LYS C 345 4.63 -13.09 7.47
CA LYS C 345 4.57 -11.80 8.12
C LYS C 345 5.65 -11.74 9.20
N LEU C 346 5.56 -12.66 10.16
CA LEU C 346 6.32 -12.56 11.40
C LEU C 346 7.73 -13.12 11.28
N GLY C 347 8.09 -13.68 10.12
CA GLY C 347 9.37 -14.34 9.94
C GLY C 347 9.33 -15.77 10.47
N ARG C 348 10.48 -16.46 10.42
CA ARG C 348 10.57 -17.88 10.71
C ARG C 348 10.45 -18.14 12.21
N ARG C 349 9.73 -19.19 12.58
CA ARG C 349 9.47 -19.49 13.97
C ARG C 349 8.93 -20.89 14.08
N ARG C 350 9.03 -21.45 15.29
CA ARG C 350 8.43 -22.72 15.62
C ARG C 350 7.57 -22.51 16.86
N VAL C 351 6.32 -22.96 16.82
CA VAL C 351 5.38 -22.69 17.88
C VAL C 351 4.79 -24.00 18.37
N GLU C 352 4.60 -24.08 19.69
CA GLU C 352 4.28 -25.35 20.34
C GLU C 352 2.96 -25.23 21.08
N HIS C 353 1.92 -24.73 20.39
CA HIS C 353 0.63 -24.46 21.00
C HIS C 353 -0.41 -25.39 20.38
N HIS C 354 -1.64 -25.34 20.92
CA HIS C 354 -2.69 -26.30 20.56
C HIS C 354 -3.45 -25.84 19.32
N ASP C 355 -3.84 -24.56 19.30
CA ASP C 355 -4.44 -24.05 18.09
C ASP C 355 -3.43 -24.19 16.94
N HIS C 356 -2.14 -23.93 17.18
CA HIS C 356 -1.18 -24.04 16.10
C HIS C 356 -1.23 -25.44 15.50
N ALA C 357 -1.06 -26.45 16.36
CA ALA C 357 -1.06 -27.84 15.92
C ALA C 357 -2.28 -28.12 15.05
N VAL C 358 -3.38 -27.47 15.37
CA VAL C 358 -4.61 -27.66 14.63
C VAL C 358 -4.58 -26.87 13.34
N VAL C 359 -4.23 -25.59 13.44
CA VAL C 359 -4.24 -24.72 12.28
C VAL C 359 -3.27 -25.28 11.25
N SER C 360 -2.08 -25.63 11.72
CA SER C 360 -1.02 -26.11 10.86
C SER C 360 -1.42 -27.48 10.29
N GLY C 361 -1.91 -28.36 11.16
CA GLY C 361 -2.41 -29.66 10.74
C GLY C 361 -3.37 -29.53 9.56
N ARG C 362 -4.38 -28.68 9.72
CA ARG C 362 -5.36 -28.42 8.68
C ARG C 362 -4.68 -28.02 7.38
N LEU C 363 -3.73 -27.08 7.46
CA LEU C 363 -3.13 -26.50 6.27
C LEU C 363 -2.23 -27.52 5.58
N ALA C 364 -1.56 -28.36 6.37
CA ALA C 364 -0.74 -29.42 5.82
C ALA C 364 -1.62 -30.39 5.04
N GLY C 365 -2.75 -30.74 5.65
CA GLY C 365 -3.72 -31.60 4.99
C GLY C 365 -4.21 -31.02 3.67
N GLU C 366 -4.45 -29.71 3.64
CA GLU C 366 -4.87 -29.04 2.42
C GLU C 366 -3.76 -29.16 1.38
N ASN C 367 -2.52 -28.84 1.75
CA ASN C 367 -1.43 -28.78 0.78
C ASN C 367 -1.05 -30.19 0.32
N MET C 368 -1.32 -31.19 1.15
CA MET C 368 -1.10 -32.57 0.76
C MET C 368 -2.08 -32.97 -0.34
N THR C 369 -3.32 -32.46 -0.28
CA THR C 369 -4.30 -32.74 -1.31
C THR C 369 -4.13 -31.82 -2.52
N GLY C 370 -3.37 -30.71 -2.34
CA GLY C 370 -2.83 -29.94 -3.46
C GLY C 370 -3.23 -28.47 -3.48
N ALA C 371 -3.43 -27.87 -2.31
CA ALA C 371 -3.87 -26.50 -2.23
C ALA C 371 -2.70 -25.55 -2.45
N ALA C 372 -1.53 -25.94 -1.94
CA ALA C 372 -0.32 -25.14 -2.02
C ALA C 372 -0.53 -23.71 -1.50
N LYS C 373 -1.36 -23.57 -0.46
CA LYS C 373 -1.58 -22.26 0.13
C LYS C 373 -0.69 -22.12 1.35
N PRO C 374 -0.20 -20.90 1.65
CA PRO C 374 0.76 -20.70 2.73
C PRO C 374 0.08 -20.47 4.07
N TYR C 375 0.86 -20.55 5.16
CA TYR C 375 0.41 -20.24 6.50
C TYR C 375 0.17 -18.73 6.57
N TRP C 376 -1.11 -18.38 6.50
CA TRP C 376 -1.54 -17.00 6.50
C TRP C 376 -2.41 -16.79 7.73
N HIS C 377 -3.37 -17.70 7.93
CA HIS C 377 -4.20 -17.64 9.10
C HIS C 377 -3.36 -17.93 10.33
N GLN C 378 -3.47 -17.06 11.34
CA GLN C 378 -2.65 -17.11 12.55
C GLN C 378 -3.24 -18.10 13.55
N SER C 379 -2.34 -18.83 14.26
CA SER C 379 -2.73 -19.66 15.38
C SER C 379 -2.48 -18.89 16.67
N MET C 380 -3.21 -19.28 17.72
CA MET C 380 -3.15 -18.57 18.98
C MET C 380 -3.04 -19.57 20.13
N PHE C 381 -2.99 -19.04 21.35
CA PHE C 381 -2.95 -19.86 22.55
C PHE C 381 -3.64 -19.13 23.70
N TRP C 382 -3.88 -19.88 24.78
CA TRP C 382 -4.59 -19.40 25.94
C TRP C 382 -4.08 -20.16 27.16
N SER C 383 -3.91 -19.44 28.27
CA SER C 383 -3.58 -20.05 29.56
C SER C 383 -4.54 -19.48 30.59
N ASP C 384 -4.92 -20.30 31.57
CA ASP C 384 -5.80 -19.87 32.65
C ASP C 384 -5.16 -20.28 33.98
N LEU C 385 -4.59 -19.31 34.71
CA LEU C 385 -3.94 -19.57 36.00
C LEU C 385 -4.86 -19.09 37.12
N GLY C 386 -5.72 -20.00 37.58
CA GLY C 386 -6.75 -19.65 38.53
C GLY C 386 -7.74 -18.72 37.85
N PRO C 387 -8.78 -18.27 38.56
CA PRO C 387 -9.85 -17.47 37.96
C PRO C 387 -9.43 -16.03 37.70
N ASP C 388 -8.29 -15.62 38.26
CA ASP C 388 -7.87 -14.22 38.20
C ASP C 388 -6.98 -13.99 36.99
N VAL C 389 -6.39 -15.06 36.46
CA VAL C 389 -5.54 -14.94 35.30
C VAL C 389 -6.14 -15.78 34.18
N GLY C 390 -6.35 -15.14 33.02
CA GLY C 390 -6.81 -15.82 31.81
C GLY C 390 -6.55 -14.97 30.58
N TYR C 391 -5.73 -15.47 29.65
CA TYR C 391 -5.29 -14.64 28.54
C TYR C 391 -5.24 -15.46 27.26
N GLU C 392 -5.88 -14.90 26.22
CA GLU C 392 -5.60 -15.27 24.85
C GLU C 392 -4.37 -14.47 24.41
N ALA C 393 -3.63 -15.03 23.42
CA ALA C 393 -2.45 -14.39 22.87
C ALA C 393 -2.18 -14.90 21.45
N ILE C 394 -1.57 -14.04 20.63
CA ILE C 394 -1.34 -14.36 19.22
C ILE C 394 0.00 -13.78 18.77
N GLY C 395 0.58 -14.47 17.78
CA GLY C 395 1.80 -14.00 17.15
C GLY C 395 2.95 -13.97 18.14
N LEU C 396 3.89 -13.05 17.90
CA LEU C 396 5.22 -13.07 18.51
C LEU C 396 5.15 -12.59 19.95
N VAL C 397 4.79 -13.51 20.84
CA VAL C 397 4.72 -13.20 22.26
C VAL C 397 6.00 -13.72 22.88
N ASP C 398 6.89 -12.79 23.26
CA ASP C 398 8.21 -13.09 23.78
C ASP C 398 8.59 -11.96 24.73
N SER C 399 8.89 -12.31 25.99
CA SER C 399 9.14 -11.34 27.06
C SER C 399 10.35 -10.45 26.73
N SER C 400 11.23 -10.93 25.84
CA SER C 400 12.46 -10.23 25.55
C SER C 400 12.17 -8.95 24.75
N LEU C 401 11.05 -8.90 24.03
CA LEU C 401 10.75 -7.78 23.15
C LEU C 401 10.26 -6.59 23.97
N PRO C 402 10.22 -5.37 23.40
CA PRO C 402 9.58 -4.21 24.05
C PRO C 402 8.05 -4.23 23.98
N THR C 403 7.39 -4.10 25.15
CA THR C 403 5.96 -4.28 25.23
C THR C 403 5.26 -3.00 25.65
N VAL C 404 3.99 -2.90 25.26
CA VAL C 404 3.18 -1.75 25.65
C VAL C 404 1.89 -2.30 26.23
N GLY C 405 1.84 -2.36 27.56
CA GLY C 405 0.65 -2.81 28.26
C GLY C 405 -0.32 -1.66 28.56
N VAL C 406 -1.56 -1.80 28.09
CA VAL C 406 -2.62 -0.84 28.37
C VAL C 406 -3.67 -1.55 29.22
N PHE C 407 -3.84 -1.09 30.46
CA PHE C 407 -4.73 -1.77 31.39
C PHE C 407 -5.88 -0.84 31.78
N ALA C 408 -6.83 -1.37 32.55
CA ALA C 408 -7.97 -0.62 33.06
C ALA C 408 -7.62 -0.05 34.44
N LYS C 409 -8.13 1.12 34.81
CA LYS C 409 -7.80 1.71 36.11
C LYS C 409 -9.02 1.54 37.02
N ALA C 410 -9.56 2.60 37.63
CA ALA C 410 -10.73 2.41 38.49
C ALA C 410 -11.25 3.74 39.05
N GLU C 457 -0.91 -1.49 41.85
CA GLU C 457 -1.38 -1.33 40.45
C GLU C 457 -2.21 -2.55 40.07
N ASP C 458 -3.40 -2.32 39.49
CA ASP C 458 -4.32 -3.39 39.17
C ASP C 458 -4.20 -3.74 37.70
N TYR C 459 -3.45 -4.83 37.42
CA TYR C 459 -3.29 -5.35 36.07
C TYR C 459 -4.35 -6.43 35.83
N GLY C 460 -5.55 -6.23 36.38
CA GLY C 460 -6.58 -7.25 36.33
C GLY C 460 -7.04 -7.47 34.90
N LYS C 461 -6.97 -6.40 34.09
CA LYS C 461 -7.50 -6.46 32.73
C LYS C 461 -6.86 -5.40 31.84
N GLY C 462 -6.56 -5.78 30.60
CA GLY C 462 -5.85 -4.93 29.67
C GLY C 462 -5.29 -5.71 28.47
N VAL C 463 -4.57 -4.99 27.60
CA VAL C 463 -4.03 -5.59 26.40
C VAL C 463 -2.54 -5.20 26.31
N ILE C 464 -1.69 -6.18 25.92
CA ILE C 464 -0.25 -6.00 25.86
C ILE C 464 0.21 -6.18 24.43
N PHE C 465 0.92 -5.18 23.91
CA PHE C 465 1.46 -5.23 22.57
C PHE C 465 2.95 -5.57 22.64
N TYR C 466 3.41 -6.36 21.66
CA TYR C 466 4.81 -6.72 21.48
C TYR C 466 5.34 -6.11 20.18
N LEU C 467 6.45 -5.36 20.30
CA LEU C 467 6.96 -4.56 19.20
C LEU C 467 8.29 -5.09 18.67
N ARG C 468 8.50 -4.82 17.38
CA ARG C 468 9.72 -5.14 16.68
C ARG C 468 9.80 -4.23 15.45
N ASP C 469 10.65 -3.20 15.56
CA ASP C 469 10.76 -2.14 14.56
C ASP C 469 9.53 -1.25 14.59
N LYS C 470 9.02 -0.96 15.80
CA LYS C 470 7.83 -0.14 16.04
C LYS C 470 6.57 -0.75 15.39
N VAL C 471 6.58 -2.09 15.19
CA VAL C 471 5.49 -2.83 14.58
C VAL C 471 5.02 -3.93 15.55
N VAL C 472 3.70 -3.99 15.74
CA VAL C 472 3.15 -4.93 16.68
C VAL C 472 3.23 -6.31 16.04
N VAL C 473 3.91 -7.20 16.75
CA VAL C 473 4.19 -8.55 16.29
C VAL C 473 3.48 -9.58 17.17
N GLY C 474 3.23 -9.23 18.43
CA GLY C 474 2.50 -10.13 19.30
C GLY C 474 1.56 -9.37 20.20
N ILE C 475 0.46 -10.03 20.56
CA ILE C 475 -0.55 -9.41 21.40
C ILE C 475 -0.91 -10.42 22.49
N VAL C 476 -1.18 -9.90 23.69
CA VAL C 476 -1.70 -10.71 24.78
C VAL C 476 -2.92 -10.03 25.38
N LEU C 477 -4.08 -10.66 25.16
CA LEU C 477 -5.33 -10.13 25.67
C LEU C 477 -5.47 -10.59 27.12
N TRP C 478 -5.21 -9.66 28.05
CA TRP C 478 -5.15 -10.00 29.46
C TRP C 478 -6.53 -9.91 30.09
N ASN C 479 -7.18 -11.07 30.25
CA ASN C 479 -8.54 -11.16 30.76
C ASN C 479 -9.52 -10.41 29.87
N VAL C 480 -9.06 -9.99 28.69
CA VAL C 480 -9.99 -9.39 27.71
C VAL C 480 -10.35 -10.54 26.79
N PHE C 481 -11.64 -10.89 26.70
CA PHE C 481 -11.99 -12.12 25.96
C PHE C 481 -12.78 -11.85 24.68
N ASN C 482 -12.83 -12.83 23.80
CA ASN C 482 -13.57 -12.72 22.52
C ASN C 482 -13.08 -11.48 21.77
N ARG C 483 -11.78 -11.20 21.82
CA ARG C 483 -11.21 -10.03 21.12
C ARG C 483 -10.11 -10.47 20.14
N MET C 484 -9.90 -11.77 20.02
CA MET C 484 -8.84 -12.30 19.12
C MET C 484 -8.97 -11.69 17.73
N PRO C 485 -10.15 -11.74 17.06
CA PRO C 485 -10.24 -11.25 15.69
C PRO C 485 -9.58 -9.89 15.49
N ILE C 486 -9.78 -9.00 16.47
CA ILE C 486 -9.27 -7.63 16.42
C ILE C 486 -7.76 -7.68 16.46
N ALA C 487 -7.22 -8.43 17.43
CA ALA C 487 -5.78 -8.61 17.54
C ALA C 487 -5.23 -9.13 16.22
N ARG C 488 -5.87 -10.19 15.72
CA ARG C 488 -5.39 -10.92 14.56
C ARG C 488 -5.20 -9.96 13.41
N LYS C 489 -6.08 -8.93 13.33
CA LYS C 489 -6.03 -7.95 12.26
C LYS C 489 -4.88 -6.97 12.47
N ILE C 490 -4.54 -6.69 13.73
CA ILE C 490 -3.47 -5.77 14.02
C ILE C 490 -2.13 -6.38 13.61
N ILE C 491 -2.03 -7.72 13.69
CA ILE C 491 -0.83 -8.44 13.29
C ILE C 491 -0.72 -8.46 11.78
N LYS C 492 -1.84 -8.77 11.11
CA LYS C 492 -1.90 -8.74 9.66
C LYS C 492 -1.44 -7.36 9.19
N ASP C 493 -2.05 -6.30 9.74
CA ASP C 493 -1.74 -4.93 9.34
C ASP C 493 -0.27 -4.59 9.55
N GLY C 494 0.23 -4.89 10.76
CA GLY C 494 1.61 -4.59 11.12
C GLY C 494 1.93 -3.14 10.80
N GLU C 495 1.09 -2.23 11.28
CA GLU C 495 1.20 -0.82 10.98
C GLU C 495 2.21 -0.20 11.97
N GLN C 496 2.82 0.92 11.59
CA GLN C 496 3.69 1.64 12.51
C GLN C 496 2.88 2.73 13.22
N HIS C 497 2.08 2.30 14.19
CA HIS C 497 1.13 3.17 14.88
C HIS C 497 1.87 4.12 15.81
N GLU C 498 1.47 5.39 15.77
CA GLU C 498 2.11 6.48 16.51
C GLU C 498 1.79 6.34 17.99
N ASP C 499 0.51 6.10 18.30
CA ASP C 499 0.07 5.88 19.66
C ASP C 499 -0.77 4.60 19.68
N LEU C 500 -0.36 3.65 20.53
CA LEU C 500 -1.02 2.36 20.65
C LEU C 500 -2.21 2.48 21.61
N ASN C 501 -2.34 3.61 22.31
CA ASN C 501 -3.47 3.79 23.19
C ASN C 501 -4.75 3.78 22.35
N GLU C 502 -4.71 4.45 21.19
CA GLU C 502 -5.84 4.48 20.28
C GLU C 502 -6.16 3.05 19.88
N VAL C 503 -5.09 2.31 19.57
CA VAL C 503 -5.20 0.93 19.14
C VAL C 503 -5.81 0.12 20.29
N ALA C 504 -5.45 0.47 21.53
CA ALA C 504 -5.98 -0.22 22.69
C ALA C 504 -7.50 -0.05 22.73
N LYS C 505 -7.99 1.13 22.37
CA LYS C 505 -9.40 1.45 22.52
C LYS C 505 -10.27 0.50 21.70
N LEU C 506 -9.69 -0.13 20.67
CA LEU C 506 -10.43 -1.02 19.80
C LEU C 506 -10.93 -2.26 20.54
N PHE C 507 -10.24 -2.59 21.64
CA PHE C 507 -10.62 -3.80 22.40
C PHE C 507 -11.62 -3.43 23.48
N ASN C 508 -12.26 -2.27 23.32
CA ASN C 508 -13.31 -1.86 24.29
C ASN C 508 -12.95 -2.47 25.64
N ILE C 509 -11.84 -2.03 26.21
CA ILE C 509 -11.39 -2.58 27.52
C ILE C 509 -12.41 -2.20 28.58
N HIS C 510 -13.47 -3.01 28.71
CA HIS C 510 -14.52 -2.76 29.73
C HIS C 510 -15.17 -4.11 30.04
N GLU C 511 -16.02 -4.17 31.08
CA GLU C 511 -16.62 -5.47 31.47
C GLU C 511 -17.16 -6.14 30.21
N ASP C 512 -16.87 -7.44 30.04
CA ASP C 512 -17.31 -8.16 28.82
C ASP C 512 -17.62 -9.62 29.17
N PRO D 28 3.88 -12.85 -24.48
CA PRO D 28 2.82 -13.86 -24.32
C PRO D 28 2.19 -13.84 -22.92
N SER D 29 0.86 -13.67 -22.88
CA SER D 29 0.11 -13.44 -21.65
C SER D 29 0.26 -14.62 -20.69
N HIS D 30 0.56 -15.82 -21.22
CA HIS D 30 0.80 -16.99 -20.40
C HIS D 30 1.87 -17.86 -21.06
N VAL D 31 2.61 -18.58 -20.20
CA VAL D 31 3.63 -19.53 -20.64
C VAL D 31 3.79 -20.58 -19.54
N PRO D 32 3.81 -21.91 -19.86
CA PRO D 32 3.92 -22.94 -18.81
C PRO D 32 5.21 -22.87 -17.98
N PHE D 33 6.34 -22.51 -18.60
CA PHE D 33 7.62 -22.47 -17.90
C PHE D 33 8.23 -21.07 -18.02
N LEU D 34 8.22 -20.33 -16.92
CA LEU D 34 8.79 -19.00 -16.92
C LEU D 34 10.11 -18.99 -16.14
N LEU D 35 11.18 -18.55 -16.80
CA LEU D 35 12.49 -18.50 -16.15
C LEU D 35 12.92 -17.06 -16.00
N ILE D 36 12.81 -16.52 -14.78
CA ILE D 36 13.26 -15.17 -14.49
C ILE D 36 14.78 -15.20 -14.37
N GLY D 37 15.45 -14.37 -15.18
CA GLY D 37 16.87 -14.14 -15.05
C GLY D 37 17.69 -14.93 -16.05
N GLY D 38 17.86 -14.34 -17.25
CA GLY D 38 18.45 -15.04 -18.38
C GLY D 38 19.97 -15.06 -18.31
N GLY D 39 20.50 -15.94 -17.45
CA GLY D 39 21.93 -16.16 -17.31
C GLY D 39 22.28 -17.62 -17.56
N THR D 40 23.31 -18.09 -16.86
CA THR D 40 23.82 -19.43 -17.05
C THR D 40 22.80 -20.43 -16.49
N ALA D 41 22.18 -20.06 -15.36
CA ALA D 41 21.27 -20.94 -14.65
C ALA D 41 20.01 -21.19 -15.47
N ALA D 42 19.50 -20.10 -16.05
CA ALA D 42 18.26 -20.15 -16.81
C ALA D 42 18.41 -21.11 -17.98
N PHE D 43 19.57 -21.08 -18.63
CA PHE D 43 19.76 -21.83 -19.87
C PHE D 43 19.72 -23.33 -19.56
N ALA D 44 20.47 -23.75 -18.53
CA ALA D 44 20.58 -25.15 -18.15
C ALA D 44 19.20 -25.71 -17.83
N ALA D 45 18.43 -24.91 -17.09
CA ALA D 45 17.07 -25.24 -16.72
C ALA D 45 16.27 -25.53 -17.98
N ALA D 46 16.20 -24.54 -18.89
CA ALA D 46 15.36 -24.63 -20.07
C ALA D 46 15.72 -25.89 -20.85
N ARG D 47 17.03 -26.11 -20.98
CA ARG D 47 17.55 -27.27 -21.67
C ARG D 47 16.97 -28.53 -21.02
N SER D 48 17.10 -28.59 -19.70
CA SER D 48 16.66 -29.75 -18.94
C SER D 48 15.14 -29.89 -19.01
N ILE D 49 14.43 -28.77 -19.01
CA ILE D 49 12.98 -28.79 -19.17
C ILE D 49 12.68 -29.42 -20.51
N ARG D 50 13.26 -28.84 -21.57
CA ARG D 50 12.99 -29.29 -22.92
C ARG D 50 13.34 -30.77 -23.06
N ALA D 51 14.38 -31.21 -22.34
CA ALA D 51 14.86 -32.58 -22.41
C ALA D 51 13.86 -33.52 -21.72
N ARG D 52 13.58 -33.28 -20.45
CA ARG D 52 12.70 -34.18 -19.72
C ARG D 52 11.32 -34.19 -20.37
N ASP D 53 10.76 -33.01 -20.64
CA ASP D 53 9.47 -32.85 -21.31
C ASP D 53 9.72 -32.26 -22.69
N PRO D 54 9.68 -33.07 -23.77
CA PRO D 54 9.84 -32.56 -25.13
C PRO D 54 8.58 -31.80 -25.56
N GLY D 55 8.77 -30.80 -26.43
CA GLY D 55 7.70 -29.91 -26.84
C GLY D 55 7.27 -28.92 -25.75
N ALA D 56 8.09 -28.73 -24.71
CA ALA D 56 7.75 -27.77 -23.66
C ALA D 56 7.75 -26.37 -24.27
N ARG D 57 7.16 -25.42 -23.56
CA ARG D 57 7.21 -24.02 -23.96
C ARG D 57 7.85 -23.24 -22.84
N VAL D 58 9.06 -22.71 -23.09
CA VAL D 58 9.87 -22.06 -22.07
C VAL D 58 10.13 -20.61 -22.49
N LEU D 59 10.01 -19.68 -21.54
CA LEU D 59 10.31 -18.28 -21.80
C LEU D 59 11.33 -17.76 -20.77
N ILE D 60 12.49 -17.33 -21.28
CA ILE D 60 13.53 -16.77 -20.43
C ILE D 60 13.42 -15.25 -20.50
N VAL D 61 13.13 -14.63 -19.35
CA VAL D 61 13.02 -13.19 -19.27
C VAL D 61 14.31 -12.65 -18.65
N SER D 62 15.09 -11.88 -19.44
CA SER D 62 16.39 -11.38 -19.02
C SER D 62 16.45 -9.86 -19.14
N GLU D 63 16.87 -9.21 -18.05
CA GLU D 63 17.02 -7.77 -18.02
C GLU D 63 18.24 -7.41 -18.86
N ASP D 64 19.16 -8.36 -18.99
CA ASP D 64 20.29 -8.22 -19.90
C ASP D 64 19.77 -8.30 -21.34
N PRO D 65 20.20 -7.39 -22.25
CA PRO D 65 19.85 -7.48 -23.67
C PRO D 65 20.56 -8.62 -24.39
N GLU D 66 21.69 -9.05 -23.83
CA GLU D 66 22.44 -10.18 -24.38
C GLU D 66 21.67 -11.47 -24.09
N LEU D 67 21.60 -12.34 -25.11
CA LEU D 67 21.12 -13.71 -24.93
C LEU D 67 22.06 -14.45 -23.98
N PRO D 68 21.59 -15.53 -23.31
CA PRO D 68 22.43 -16.28 -22.37
C PRO D 68 23.81 -16.65 -22.88
N TYR D 69 24.85 -16.21 -22.14
CA TYR D 69 26.24 -16.49 -22.42
C TYR D 69 26.96 -16.90 -21.13
N MET D 70 28.14 -17.50 -21.27
CA MET D 70 28.91 -17.93 -20.12
C MET D 70 29.89 -16.84 -19.73
N ARG D 71 30.19 -16.79 -18.43
CA ARG D 71 30.97 -15.69 -17.85
C ARG D 71 32.45 -16.03 -17.70
N PRO D 72 32.88 -17.28 -17.40
CA PRO D 72 34.32 -17.57 -17.22
C PRO D 72 35.29 -17.00 -18.26
N PRO D 73 34.99 -17.03 -19.59
CA PRO D 73 35.90 -16.45 -20.59
C PRO D 73 36.22 -14.98 -20.39
N LEU D 74 35.28 -14.23 -19.81
CA LEU D 74 35.44 -12.79 -19.68
C LEU D 74 36.60 -12.42 -18.74
N SER D 75 37.08 -13.38 -17.92
CA SER D 75 38.20 -13.11 -17.02
C SER D 75 39.46 -13.86 -17.44
N LYS D 76 39.31 -14.84 -18.36
CA LYS D 76 40.39 -15.75 -18.69
C LYS D 76 40.57 -15.86 -20.20
N GLU D 77 39.64 -16.58 -20.86
CA GLU D 77 39.87 -17.14 -22.19
C GLU D 77 39.94 -16.04 -23.25
N LEU D 78 39.07 -15.02 -23.12
CA LEU D 78 38.95 -13.94 -24.11
C LEU D 78 40.12 -12.96 -24.00
N TRP D 79 40.82 -12.93 -22.85
CA TRP D 79 41.98 -12.06 -22.67
C TRP D 79 43.23 -12.64 -23.36
N PHE D 80 43.21 -13.93 -23.71
CA PHE D 80 44.37 -14.57 -24.29
C PHE D 80 44.13 -14.92 -25.76
N SER D 81 43.02 -14.44 -26.33
CA SER D 81 42.76 -14.58 -27.75
C SER D 81 43.73 -13.69 -28.55
N ASP D 82 44.43 -14.30 -29.52
CA ASP D 82 45.37 -13.59 -30.37
C ASP D 82 44.63 -12.70 -31.37
N ASP D 83 43.44 -13.17 -31.80
CA ASP D 83 42.61 -12.45 -32.75
C ASP D 83 42.21 -11.11 -32.13
N PRO D 84 42.68 -9.96 -32.68
CA PRO D 84 42.33 -8.66 -32.13
C PRO D 84 40.84 -8.34 -32.25
N ASN D 85 40.10 -9.10 -33.08
CA ASN D 85 38.67 -8.92 -33.24
C ASN D 85 37.92 -9.69 -32.18
N VAL D 86 38.61 -10.05 -31.09
CA VAL D 86 37.99 -10.85 -30.03
C VAL D 86 36.84 -10.07 -29.40
N THR D 87 36.98 -8.75 -29.28
CA THR D 87 35.95 -7.92 -28.66
C THR D 87 34.69 -7.84 -29.52
N LYS D 88 34.74 -8.30 -30.78
CA LYS D 88 33.59 -8.29 -31.66
C LYS D 88 33.09 -9.71 -31.96
N THR D 89 34.01 -10.67 -32.13
CA THR D 89 33.64 -12.06 -32.43
C THR D 89 33.17 -12.81 -31.18
N LEU D 90 33.72 -12.45 -30.01
CA LEU D 90 33.41 -13.08 -28.73
C LEU D 90 33.57 -14.60 -28.82
N GLN D 91 34.68 -15.03 -29.43
CA GLN D 91 35.04 -16.43 -29.53
C GLN D 91 36.40 -16.67 -28.87
N PHE D 92 36.67 -17.94 -28.58
CA PHE D 92 37.88 -18.35 -27.91
C PHE D 92 38.17 -19.81 -28.26
N ARG D 93 39.45 -20.18 -28.24
CA ARG D 93 39.86 -21.57 -28.41
C ARG D 93 39.94 -22.22 -27.04
N GLN D 94 39.14 -23.28 -26.85
CA GLN D 94 39.09 -23.99 -25.58
C GLN D 94 40.45 -24.64 -25.31
N TRP D 95 40.57 -25.24 -24.11
CA TRP D 95 41.81 -25.88 -23.72
C TRP D 95 42.08 -27.16 -24.52
N ASN D 96 41.21 -27.45 -25.51
CA ASN D 96 41.35 -28.63 -26.36
C ASN D 96 41.56 -28.21 -27.83
N GLY D 97 41.79 -26.92 -28.09
CA GLY D 97 42.13 -26.44 -29.42
C GLY D 97 40.90 -26.05 -30.25
N LYS D 98 39.70 -26.40 -29.76
CA LYS D 98 38.45 -26.17 -30.50
C LYS D 98 37.94 -24.77 -30.20
N GLU D 99 37.51 -24.05 -31.25
CA GLU D 99 37.05 -22.68 -31.10
C GLU D 99 35.52 -22.65 -31.01
N ARG D 100 35.00 -21.88 -30.05
CA ARG D 100 33.56 -21.72 -29.90
C ARG D 100 33.26 -20.28 -29.49
N SER D 101 31.98 -20.01 -29.24
CA SER D 101 31.53 -18.70 -28.79
C SER D 101 31.09 -18.79 -27.33
N ILE D 102 31.05 -17.65 -26.63
CA ILE D 102 30.66 -17.63 -25.24
C ILE D 102 29.15 -17.87 -25.14
N TYR D 103 28.41 -17.55 -26.20
CA TYR D 103 26.98 -17.75 -26.20
C TYR D 103 26.70 -19.25 -26.20
N PHE D 104 25.63 -19.66 -25.51
CA PHE D 104 25.33 -21.07 -25.33
C PHE D 104 24.88 -21.66 -26.65
N GLN D 105 23.92 -20.99 -27.30
CA GLN D 105 23.58 -21.34 -28.66
C GLN D 105 23.31 -20.04 -29.43
N PRO D 106 23.32 -20.08 -30.77
CA PRO D 106 23.01 -18.92 -31.59
C PRO D 106 21.55 -18.46 -31.51
N PRO D 107 21.28 -17.18 -31.84
CA PRO D 107 19.90 -16.68 -31.82
C PRO D 107 18.91 -17.56 -32.59
N SER D 108 19.37 -18.23 -33.65
CA SER D 108 18.49 -18.99 -34.53
C SER D 108 17.89 -20.19 -33.81
N PHE D 109 18.49 -20.61 -32.68
CA PHE D 109 18.01 -21.77 -31.93
C PHE D 109 17.11 -21.36 -30.76
N TYR D 110 16.58 -20.14 -30.81
CA TYR D 110 15.57 -19.70 -29.86
C TYR D 110 14.35 -19.28 -30.65
N VAL D 111 13.15 -19.49 -30.09
CA VAL D 111 11.94 -19.05 -30.75
C VAL D 111 11.60 -17.63 -30.26
N SER D 112 10.64 -16.97 -30.94
CA SER D 112 10.24 -15.62 -30.61
C SER D 112 9.14 -15.63 -29.56
N ALA D 113 9.01 -14.52 -28.82
CA ALA D 113 8.09 -14.43 -27.68
C ALA D 113 6.64 -14.49 -28.16
N GLN D 114 6.41 -14.02 -29.38
CA GLN D 114 5.08 -14.01 -29.95
C GLN D 114 4.72 -15.43 -30.40
N ASP D 115 5.66 -16.12 -31.06
CA ASP D 115 5.35 -17.39 -31.70
C ASP D 115 5.49 -18.56 -30.72
N LEU D 116 5.93 -18.30 -29.48
CA LEU D 116 6.22 -19.38 -28.54
C LEU D 116 4.95 -20.16 -28.21
N PRO D 117 3.83 -19.52 -27.83
CA PRO D 117 2.63 -20.26 -27.46
C PRO D 117 1.87 -20.81 -28.66
N ASN D 118 2.51 -20.90 -29.83
CA ASN D 118 1.91 -21.50 -31.01
C ASN D 118 2.82 -22.57 -31.60
N ILE D 119 4.10 -22.23 -31.79
CA ILE D 119 5.04 -23.10 -32.49
C ILE D 119 4.89 -24.54 -32.02
N GLU D 120 5.02 -25.46 -32.98
CA GLU D 120 4.85 -26.88 -32.76
C GLU D 120 6.10 -27.42 -32.03
N ASN D 121 5.87 -28.20 -30.97
CA ASN D 121 6.93 -28.72 -30.11
C ASN D 121 7.59 -27.58 -29.34
N GLY D 122 6.82 -26.52 -29.02
CA GLY D 122 7.28 -25.42 -28.20
C GLY D 122 8.68 -24.93 -28.59
N GLY D 123 9.55 -24.78 -27.59
CA GLY D 123 10.89 -24.22 -27.79
C GLY D 123 11.22 -23.23 -26.68
N VAL D 124 12.36 -22.53 -26.85
CA VAL D 124 12.83 -21.59 -25.85
C VAL D 124 12.86 -20.18 -26.46
N ALA D 125 12.06 -19.28 -25.87
CA ALA D 125 12.05 -17.87 -26.24
C ALA D 125 12.75 -17.05 -25.15
N VAL D 126 13.56 -16.08 -25.58
CA VAL D 126 14.29 -15.23 -24.65
C VAL D 126 13.83 -13.80 -24.83
N LEU D 127 13.26 -13.25 -23.76
CA LEU D 127 12.83 -11.86 -23.70
C LEU D 127 13.97 -10.98 -23.24
N THR D 128 14.71 -10.42 -24.21
CA THR D 128 15.87 -9.59 -23.91
C THR D 128 15.41 -8.20 -23.50
N GLY D 129 16.16 -7.60 -22.56
CA GLY D 129 15.92 -6.24 -22.10
C GLY D 129 14.59 -6.09 -21.38
N LYS D 130 14.25 -7.09 -20.54
CA LYS D 130 13.02 -7.05 -19.76
C LYS D 130 13.30 -7.58 -18.35
N LYS D 131 13.07 -6.72 -17.34
CA LYS D 131 13.22 -7.06 -15.93
C LYS D 131 11.85 -7.37 -15.31
N VAL D 132 11.78 -8.49 -14.58
CA VAL D 132 10.64 -8.78 -13.73
C VAL D 132 10.75 -7.94 -12.47
N VAL D 133 9.68 -7.22 -12.13
CA VAL D 133 9.72 -6.28 -11.04
C VAL D 133 8.75 -6.68 -9.93
N HIS D 134 8.01 -7.77 -10.12
CA HIS D 134 7.08 -8.24 -9.11
C HIS D 134 6.72 -9.69 -9.36
N LEU D 135 6.76 -10.49 -8.29
CA LEU D 135 6.38 -11.88 -8.35
C LEU D 135 5.12 -12.08 -7.49
N ASP D 136 3.97 -12.19 -8.18
CA ASP D 136 2.72 -12.50 -7.52
C ASP D 136 2.60 -14.01 -7.32
N VAL D 137 3.08 -14.49 -6.17
CA VAL D 137 3.22 -15.91 -5.94
C VAL D 137 1.84 -16.55 -5.86
N ARG D 138 0.93 -15.85 -5.16
CA ARG D 138 -0.40 -16.35 -4.88
C ARG D 138 -1.11 -16.60 -6.21
N GLY D 139 -0.93 -15.70 -7.17
CA GLY D 139 -1.63 -15.76 -8.46
C GLY D 139 -0.78 -16.25 -9.63
N ASN D 140 0.39 -16.85 -9.31
CA ASN D 140 1.26 -17.45 -10.31
C ASN D 140 1.45 -16.48 -11.48
N MET D 141 1.86 -15.25 -11.16
CA MET D 141 1.96 -14.23 -12.18
C MET D 141 3.17 -13.36 -11.87
N VAL D 142 3.82 -12.88 -12.94
CA VAL D 142 4.89 -11.89 -12.86
C VAL D 142 4.46 -10.63 -13.60
N LYS D 143 4.91 -9.48 -13.08
CA LYS D 143 4.70 -8.19 -13.70
C LYS D 143 6.05 -7.69 -14.18
N LEU D 144 6.11 -7.27 -15.46
CA LEU D 144 7.36 -6.80 -16.04
C LEU D 144 7.47 -5.28 -15.84
N ASN D 145 8.68 -4.76 -16.12
CA ASN D 145 9.00 -3.36 -15.92
C ASN D 145 8.11 -2.47 -16.79
N ASP D 146 7.59 -3.02 -17.90
CA ASP D 146 6.79 -2.26 -18.85
C ASP D 146 5.29 -2.42 -18.61
N GLY D 147 4.90 -2.96 -17.45
CA GLY D 147 3.49 -3.14 -17.13
C GLY D 147 2.99 -4.53 -17.49
N SER D 148 3.43 -5.05 -18.65
CA SER D 148 2.96 -6.32 -19.19
C SER D 148 3.19 -7.48 -18.21
N GLN D 149 2.13 -8.26 -17.97
CA GLN D 149 2.16 -9.33 -16.98
C GLN D 149 2.17 -10.66 -17.71
N ILE D 150 2.77 -11.68 -17.07
CA ILE D 150 2.80 -13.02 -17.62
C ILE D 150 2.47 -14.01 -16.50
N THR D 151 1.51 -14.91 -16.75
CA THR D 151 1.19 -16.00 -15.83
C THR D 151 1.95 -17.25 -16.25
N PHE D 152 2.21 -18.13 -15.27
CA PHE D 152 3.05 -19.30 -15.45
C PHE D 152 2.46 -20.48 -14.70
N GLU D 153 2.83 -21.70 -15.12
CA GLU D 153 2.51 -22.88 -14.36
C GLU D 153 3.68 -23.14 -13.40
N LYS D 154 4.89 -23.16 -13.97
CA LYS D 154 6.11 -23.35 -13.20
C LYS D 154 6.99 -22.14 -13.46
N CYS D 155 7.75 -21.77 -12.43
CA CYS D 155 8.62 -20.63 -12.55
C CYS D 155 9.93 -20.90 -11.83
N LEU D 156 11.02 -20.42 -12.42
CA LEU D 156 12.32 -20.52 -11.81
C LEU D 156 12.91 -19.14 -11.64
N ILE D 157 13.44 -18.88 -10.45
CA ILE D 157 14.20 -17.67 -10.22
C ILE D 157 15.65 -18.03 -10.43
N ALA D 158 16.30 -17.29 -11.32
CA ALA D 158 17.71 -17.47 -11.62
C ALA D 158 18.33 -16.10 -11.86
N THR D 159 18.11 -15.17 -10.91
CA THR D 159 18.52 -13.78 -11.08
C THR D 159 20.03 -13.64 -10.91
N GLY D 160 20.67 -14.66 -10.32
CA GLY D 160 22.11 -14.66 -10.15
C GLY D 160 22.54 -13.62 -9.10
N GLY D 161 23.25 -12.58 -9.55
CA GLY D 161 23.73 -11.57 -8.63
C GLY D 161 24.49 -10.43 -9.31
N THR D 162 24.63 -9.35 -8.54
CA THR D 162 25.28 -8.13 -8.98
C THR D 162 26.58 -8.00 -8.20
N PRO D 163 27.70 -7.50 -8.78
CA PRO D 163 28.96 -7.38 -8.05
C PRO D 163 28.91 -6.31 -6.96
N ARG D 164 29.50 -6.60 -5.79
CA ARG D 164 29.50 -5.65 -4.68
C ARG D 164 30.44 -4.49 -4.98
N SER D 165 30.01 -3.28 -4.58
CA SER D 165 30.80 -2.08 -4.73
C SER D 165 31.57 -1.80 -3.43
N LEU D 166 32.75 -1.20 -3.57
CA LEU D 166 33.55 -0.88 -2.41
C LEU D 166 32.99 0.39 -1.79
N SER D 167 32.91 0.41 -0.46
CA SER D 167 32.26 1.48 0.28
C SER D 167 32.94 2.83 0.01
N ALA D 168 34.28 2.80 -0.13
CA ALA D 168 35.07 4.02 -0.33
C ALA D 168 34.85 4.61 -1.72
N ILE D 169 34.58 3.75 -2.70
CA ILE D 169 34.29 4.19 -4.05
C ILE D 169 32.97 4.93 -4.08
N ASP D 170 31.99 4.42 -3.34
CA ASP D 170 30.66 4.99 -3.27
C ASP D 170 30.70 6.38 -2.64
N ARG D 171 31.47 6.51 -1.55
CA ARG D 171 31.60 7.77 -0.82
C ARG D 171 32.29 8.85 -1.65
N ALA D 172 33.19 8.45 -2.56
CA ALA D 172 33.95 9.40 -3.36
C ALA D 172 33.05 10.15 -4.35
N GLY D 173 33.59 11.23 -4.93
CA GLY D 173 32.86 12.07 -5.88
C GLY D 173 32.72 11.40 -7.24
N ALA D 174 31.87 11.98 -8.10
CA ALA D 174 31.50 11.34 -9.37
C ALA D 174 32.66 11.35 -10.36
N GLU D 175 33.72 12.13 -10.10
CA GLU D 175 34.89 12.18 -10.96
C GLU D 175 35.66 10.85 -10.84
N VAL D 176 35.82 10.38 -9.60
CA VAL D 176 36.47 9.10 -9.32
C VAL D 176 35.49 7.95 -9.56
N LYS D 177 34.20 8.19 -9.33
CA LYS D 177 33.18 7.18 -9.54
C LYS D 177 33.07 6.81 -11.01
N SER D 178 33.27 7.80 -11.89
CA SER D 178 33.16 7.59 -13.34
C SER D 178 34.31 6.73 -13.84
N ARG D 179 35.46 6.78 -13.16
CA ARG D 179 36.66 6.05 -13.57
C ARG D 179 36.80 4.76 -12.75
N THR D 180 35.67 4.10 -12.45
CA THR D 180 35.64 2.88 -11.66
C THR D 180 34.63 1.88 -12.24
N THR D 181 35.13 0.71 -12.65
CA THR D 181 34.29 -0.31 -13.27
C THR D 181 34.21 -1.54 -12.36
N LEU D 182 33.08 -2.24 -12.45
CA LEU D 182 32.92 -3.55 -11.84
C LEU D 182 32.88 -4.59 -12.95
N PHE D 183 32.92 -5.88 -12.59
CA PHE D 183 33.08 -6.90 -13.63
C PHE D 183 32.04 -8.01 -13.45
N ARG D 184 31.29 -8.23 -14.54
CA ARG D 184 30.23 -9.22 -14.64
C ARG D 184 29.81 -9.38 -16.11
N LYS D 185 29.28 -8.31 -16.71
CA LYS D 185 28.63 -8.39 -18.01
C LYS D 185 29.68 -8.43 -19.13
N ILE D 186 29.19 -8.53 -20.40
CA ILE D 186 30.02 -8.49 -21.59
C ILE D 186 30.61 -7.09 -21.75
N GLY D 187 29.78 -6.06 -21.65
CA GLY D 187 30.22 -4.68 -21.75
C GLY D 187 31.33 -4.37 -20.76
N ASP D 188 31.34 -5.06 -19.61
CA ASP D 188 32.36 -4.91 -18.60
C ASP D 188 33.72 -5.33 -19.16
N PHE D 189 33.74 -6.41 -19.95
CA PHE D 189 34.96 -6.90 -20.60
C PHE D 189 35.40 -5.97 -21.75
N ARG D 190 34.46 -5.67 -22.65
CA ARG D 190 34.73 -4.88 -23.84
C ARG D 190 35.25 -3.48 -23.47
N ALA D 191 34.76 -2.91 -22.36
CA ALA D 191 35.14 -1.57 -21.96
C ALA D 191 36.51 -1.58 -21.29
N LEU D 192 36.77 -2.58 -20.45
CA LEU D 192 38.04 -2.67 -19.73
C LEU D 192 39.14 -3.20 -20.64
N GLU D 193 38.75 -3.85 -21.77
CA GLU D 193 39.69 -4.22 -22.81
C GLU D 193 40.22 -2.95 -23.49
N LYS D 194 39.32 -1.98 -23.70
CA LYS D 194 39.67 -0.69 -24.28
C LYS D 194 40.52 0.12 -23.30
N ILE D 195 40.08 0.14 -22.03
CA ILE D 195 40.73 0.91 -20.98
C ILE D 195 42.15 0.38 -20.74
N SER D 196 42.38 -0.91 -21.03
CA SER D 196 43.71 -1.51 -20.90
C SER D 196 44.69 -0.92 -21.93
N ARG D 197 44.18 -0.52 -23.10
CA ARG D 197 45.02 0.00 -24.17
C ARG D 197 45.11 1.51 -24.08
N GLU D 198 44.55 2.12 -23.03
CA GLU D 198 44.48 3.57 -22.94
C GLU D 198 45.30 4.09 -21.76
N VAL D 199 45.08 3.54 -20.57
CA VAL D 199 45.70 4.06 -19.37
C VAL D 199 47.09 3.44 -19.18
N LYS D 200 47.89 4.06 -18.29
CA LYS D 200 49.25 3.61 -18.01
C LYS D 200 49.26 2.74 -16.75
N SER D 201 48.19 2.77 -15.95
CA SER D 201 48.14 2.05 -14.69
C SER D 201 46.70 1.69 -14.33
N ILE D 202 46.41 0.38 -14.14
CA ILE D 202 45.12 -0.12 -13.67
C ILE D 202 45.32 -0.82 -12.32
N THR D 203 44.49 -0.46 -11.33
CA THR D 203 44.50 -1.06 -10.01
C THR D 203 43.22 -1.85 -9.76
N VAL D 204 43.38 -3.15 -9.51
CA VAL D 204 42.29 -4.04 -9.14
C VAL D 204 42.24 -4.12 -7.62
N ILE D 205 41.06 -3.85 -7.04
CA ILE D 205 40.89 -3.95 -5.60
C ILE D 205 40.11 -5.23 -5.31
N GLY D 206 40.65 -6.05 -4.39
CA GLY D 206 40.09 -7.33 -4.05
C GLY D 206 40.94 -8.47 -4.60
N GLY D 207 41.16 -9.50 -3.78
CA GLY D 207 42.01 -10.62 -4.14
C GLY D 207 41.19 -11.89 -4.41
N GLY D 208 40.01 -11.71 -5.01
CA GLY D 208 39.07 -12.80 -5.17
C GLY D 208 39.35 -13.60 -6.43
N PHE D 209 38.48 -14.59 -6.69
CA PHE D 209 38.46 -15.31 -7.95
C PHE D 209 38.67 -14.31 -9.08
N LEU D 210 37.74 -13.36 -9.21
CA LEU D 210 37.73 -12.40 -10.29
C LEU D 210 38.91 -11.46 -10.14
N GLY D 211 39.12 -10.97 -8.92
CA GLY D 211 40.24 -10.09 -8.64
C GLY D 211 41.53 -10.62 -9.26
N SER D 212 41.88 -11.85 -8.86
CA SER D 212 43.12 -12.46 -9.27
C SER D 212 43.14 -12.72 -10.78
N GLU D 213 42.00 -13.22 -11.32
CA GLU D 213 41.95 -13.64 -12.72
C GLU D 213 42.07 -12.42 -13.64
N LEU D 214 41.59 -11.27 -13.18
CA LEU D 214 41.71 -10.05 -13.95
C LEU D 214 43.14 -9.54 -13.84
N ALA D 215 43.70 -9.59 -12.62
CA ALA D 215 45.07 -9.16 -12.37
C ALA D 215 46.03 -9.90 -13.28
N CYS D 216 45.83 -11.22 -13.43
CA CYS D 216 46.70 -12.04 -14.25
C CYS D 216 46.37 -11.87 -15.74
N ALA D 217 45.12 -11.53 -16.05
CA ALA D 217 44.72 -11.29 -17.44
C ALA D 217 45.40 -10.02 -17.95
N LEU D 218 45.37 -8.98 -17.11
CA LEU D 218 46.03 -7.71 -17.37
C LEU D 218 47.55 -7.83 -17.26
N GLY D 219 48.02 -8.66 -16.31
CA GLY D 219 49.44 -8.92 -16.12
C GLY D 219 50.10 -9.51 -17.36
N ARG D 220 49.37 -10.33 -18.12
CA ARG D 220 49.90 -10.99 -19.31
C ARG D 220 49.85 -10.03 -20.51
N LYS D 221 48.87 -9.13 -20.53
CA LYS D 221 48.78 -8.13 -21.59
C LYS D 221 49.83 -7.06 -21.37
N SER D 222 50.22 -6.89 -20.10
CA SER D 222 51.27 -5.96 -19.71
C SER D 222 52.63 -6.39 -20.23
N GLN D 223 52.78 -7.69 -20.54
CA GLN D 223 54.03 -8.19 -21.11
C GLN D 223 54.28 -7.43 -22.40
N ALA D 224 53.22 -7.24 -23.20
CA ALA D 224 53.33 -6.54 -24.46
C ALA D 224 53.15 -5.03 -24.24
N SER D 225 52.10 -4.64 -23.52
CA SER D 225 51.70 -3.24 -23.44
C SER D 225 52.61 -2.44 -22.50
N GLY D 226 53.20 -3.12 -21.52
CA GLY D 226 54.07 -2.47 -20.54
C GLY D 226 53.28 -1.66 -19.51
N ILE D 227 51.96 -1.90 -19.42
CA ILE D 227 51.09 -1.21 -18.48
C ILE D 227 51.42 -1.65 -17.05
N GLU D 228 51.26 -0.75 -16.08
CA GLU D 228 51.36 -1.09 -14.67
C GLU D 228 50.08 -1.80 -14.23
N VAL D 229 50.24 -2.95 -13.58
CA VAL D 229 49.10 -3.71 -13.08
C VAL D 229 49.28 -3.85 -11.56
N ILE D 230 48.37 -3.22 -10.81
CA ILE D 230 48.40 -3.28 -9.36
C ILE D 230 47.17 -4.05 -8.89
N GLN D 231 47.33 -4.80 -7.79
CA GLN D 231 46.22 -5.49 -7.14
C GLN D 231 46.44 -5.37 -5.64
N LEU D 232 45.40 -4.92 -4.92
CA LEU D 232 45.49 -4.80 -3.49
C LEU D 232 44.23 -5.36 -2.85
N PHE D 233 44.43 -5.96 -1.67
CA PHE D 233 43.38 -6.68 -0.96
C PHE D 233 43.79 -6.81 0.51
N PRO D 234 42.80 -6.90 1.44
CA PRO D 234 43.08 -6.92 2.87
C PRO D 234 43.67 -8.23 3.40
N GLU D 235 43.55 -9.31 2.61
CA GLU D 235 44.08 -10.60 3.01
C GLU D 235 45.61 -10.56 2.90
N LYS D 236 46.24 -11.54 3.56
CA LYS D 236 47.69 -11.66 3.64
C LYS D 236 48.23 -12.28 2.34
N GLY D 237 47.37 -13.04 1.63
CA GLY D 237 47.75 -13.61 0.35
C GLY D 237 46.52 -13.76 -0.55
N ASN D 238 46.78 -13.87 -1.85
CA ASN D 238 45.73 -14.00 -2.86
C ASN D 238 44.77 -15.14 -2.50
N MET D 239 43.50 -14.96 -2.88
CA MET D 239 42.48 -15.97 -2.69
C MET D 239 42.47 -16.43 -1.24
N GLY D 240 42.53 -15.47 -0.31
CA GLY D 240 42.67 -15.76 1.11
C GLY D 240 41.38 -16.24 1.77
N LYS D 241 40.27 -16.29 1.00
CA LYS D 241 38.99 -16.77 1.51
C LYS D 241 38.81 -18.26 1.24
N ILE D 242 39.57 -18.83 0.30
CA ILE D 242 39.41 -20.24 -0.03
C ILE D 242 40.75 -21.00 0.07
N LEU D 243 41.90 -20.30 0.11
CA LEU D 243 43.18 -20.98 0.13
C LEU D 243 43.79 -20.90 1.52
N PRO D 244 44.41 -22.00 2.02
CA PRO D 244 45.12 -21.97 3.30
C PRO D 244 46.41 -21.16 3.18
N GLN D 245 46.81 -20.51 4.28
CA GLN D 245 47.78 -19.41 4.27
C GLN D 245 49.05 -19.71 3.46
N TYR D 246 49.65 -20.88 3.67
CA TYR D 246 50.87 -21.21 2.96
C TYR D 246 50.61 -21.09 1.46
N LEU D 247 49.63 -21.84 0.96
CA LEU D 247 49.31 -21.90 -0.45
C LEU D 247 48.87 -20.51 -0.94
N SER D 248 48.06 -19.83 -0.12
CA SER D 248 47.60 -18.47 -0.40
C SER D 248 48.82 -17.62 -0.74
N ASN D 249 49.85 -17.71 0.10
CA ASN D 249 51.02 -16.87 -0.08
C ASN D 249 51.78 -17.29 -1.32
N TRP D 250 51.91 -18.61 -1.50
CA TRP D 250 52.63 -19.16 -2.64
C TRP D 250 51.94 -18.71 -3.92
N THR D 251 50.60 -18.69 -3.91
CA THR D 251 49.80 -18.31 -5.07
C THR D 251 49.99 -16.82 -5.36
N MET D 252 50.14 -16.03 -4.29
CA MET D 252 50.35 -14.59 -4.41
C MET D 252 51.64 -14.33 -5.18
N GLU D 253 52.68 -15.12 -4.87
CA GLU D 253 53.98 -14.97 -5.49
C GLU D 253 53.97 -15.42 -6.95
N LYS D 254 53.11 -16.38 -7.30
CA LYS D 254 52.96 -16.85 -8.68
C LYS D 254 52.19 -15.84 -9.52
N VAL D 255 51.21 -15.15 -8.90
CA VAL D 255 50.51 -14.04 -9.52
C VAL D 255 51.55 -12.95 -9.82
N LYS D 256 52.36 -12.58 -8.81
CA LYS D 256 53.39 -11.57 -8.97
C LYS D 256 54.17 -11.86 -10.25
N ARG D 257 54.52 -13.14 -10.44
CA ARG D 257 55.29 -13.58 -11.61
C ARG D 257 54.59 -13.21 -12.92
N GLU D 258 53.26 -13.07 -12.92
CA GLU D 258 52.53 -12.86 -14.17
C GLU D 258 52.54 -11.38 -14.58
N GLY D 259 53.12 -10.53 -13.74
CA GLY D 259 53.28 -9.13 -14.07
C GLY D 259 52.28 -8.28 -13.29
N VAL D 260 52.29 -8.45 -11.97
CA VAL D 260 51.33 -7.81 -11.09
C VAL D 260 52.07 -7.25 -9.87
N LYS D 261 51.72 -6.00 -9.51
CA LYS D 261 52.12 -5.38 -8.24
C LYS D 261 51.07 -5.66 -7.18
N VAL D 262 51.32 -6.70 -6.34
CA VAL D 262 50.35 -7.18 -5.37
C VAL D 262 50.62 -6.52 -4.02
N MET D 263 49.56 -5.98 -3.41
CA MET D 263 49.69 -5.26 -2.15
C MET D 263 48.82 -5.92 -1.08
N PRO D 264 49.28 -6.97 -0.38
CA PRO D 264 48.47 -7.61 0.66
C PRO D 264 48.38 -6.75 1.92
N ASN D 265 47.28 -6.94 2.67
CA ASN D 265 47.04 -6.23 3.92
C ASN D 265 46.65 -4.77 3.64
N ALA D 266 45.89 -4.57 2.56
CA ALA D 266 45.47 -3.25 2.11
C ALA D 266 44.00 -3.03 2.45
N ILE D 267 43.74 -2.10 3.39
CA ILE D 267 42.39 -1.67 3.72
C ILE D 267 42.24 -0.25 3.17
N VAL D 268 41.47 -0.11 2.08
CA VAL D 268 41.31 1.17 1.40
C VAL D 268 40.60 2.12 2.35
N GLN D 269 41.05 3.39 2.41
CA GLN D 269 40.44 4.41 3.28
C GLN D 269 39.67 5.45 2.48
N SER D 270 40.25 5.92 1.37
CA SER D 270 39.59 6.88 0.51
C SER D 270 40.29 6.93 -0.84
N VAL D 271 39.50 7.18 -1.91
CA VAL D 271 40.04 7.30 -3.25
C VAL D 271 39.64 8.66 -3.82
N GLY D 272 40.64 9.55 -3.98
CA GLY D 272 40.43 10.87 -4.56
C GLY D 272 40.99 10.95 -5.97
N VAL D 273 41.07 12.18 -6.50
CA VAL D 273 41.65 12.44 -7.80
C VAL D 273 42.77 13.46 -7.64
N SER D 274 44.02 12.98 -7.65
CA SER D 274 45.18 13.81 -7.45
C SER D 274 46.05 13.82 -8.70
N GLY D 275 46.20 15.00 -9.32
CA GLY D 275 47.02 15.17 -10.50
C GLY D 275 46.37 14.56 -11.74
N GLY D 276 45.03 14.53 -11.74
CA GLY D 276 44.27 13.94 -12.83
C GLY D 276 44.31 12.40 -12.81
N ARG D 277 44.82 11.83 -11.70
CA ARG D 277 44.90 10.39 -11.54
C ARG D 277 44.30 10.00 -10.20
N LEU D 278 43.66 8.82 -10.15
CA LEU D 278 43.02 8.33 -8.94
C LEU D 278 44.10 8.05 -7.88
N LEU D 279 43.82 8.41 -6.62
CA LEU D 279 44.78 8.17 -5.55
C LEU D 279 44.11 7.37 -4.45
N ILE D 280 44.68 6.19 -4.19
CA ILE D 280 44.16 5.25 -3.21
C ILE D 280 45.02 5.36 -1.96
N LYS D 281 44.47 5.99 -0.92
CA LYS D 281 45.13 6.08 0.36
C LYS D 281 44.58 4.96 1.24
N LEU D 282 45.48 4.08 1.71
CA LEU D 282 45.10 2.93 2.52
C LEU D 282 45.13 3.35 3.99
N LYS D 283 44.51 2.53 4.86
CA LYS D 283 44.49 2.80 6.29
C LYS D 283 45.88 2.61 6.91
N ASP D 284 46.71 1.75 6.31
CA ASP D 284 48.07 1.50 6.77
C ASP D 284 48.97 2.71 6.47
N GLY D 285 48.57 3.55 5.52
CA GLY D 285 49.27 4.79 5.24
C GLY D 285 49.78 4.85 3.81
N ARG D 286 49.88 3.69 3.15
CA ARG D 286 50.44 3.62 1.81
C ARG D 286 49.48 4.33 0.85
N LYS D 287 50.04 4.96 -0.19
CA LYS D 287 49.27 5.63 -1.22
C LYS D 287 49.56 4.95 -2.56
N VAL D 288 48.58 4.99 -3.48
CA VAL D 288 48.73 4.40 -4.80
C VAL D 288 48.17 5.37 -5.83
N GLU D 289 48.97 5.67 -6.86
CA GLU D 289 48.53 6.51 -7.98
C GLU D 289 48.25 5.61 -9.17
N THR D 290 47.08 5.78 -9.77
CA THR D 290 46.66 4.95 -10.89
C THR D 290 45.67 5.74 -11.74
N ASP D 291 45.32 5.18 -12.91
CA ASP D 291 44.46 5.85 -13.86
C ASP D 291 43.03 5.30 -13.79
N HIS D 292 42.86 3.98 -13.58
CA HIS D 292 41.56 3.34 -13.52
C HIS D 292 41.53 2.27 -12.42
N ILE D 293 40.35 2.05 -11.84
CA ILE D 293 40.17 1.12 -10.74
C ILE D 293 39.07 0.13 -11.07
N VAL D 294 39.27 -1.14 -10.70
CA VAL D 294 38.27 -2.18 -10.90
C VAL D 294 38.07 -2.92 -9.59
N THR D 295 36.83 -2.90 -9.07
CA THR D 295 36.51 -3.50 -7.79
C THR D 295 35.83 -4.87 -8.00
N ALA D 296 36.54 -5.89 -7.54
CA ALA D 296 36.05 -7.25 -7.45
C ALA D 296 36.15 -7.66 -6.00
N VAL D 297 35.17 -7.20 -5.22
CA VAL D 297 35.19 -7.36 -3.78
C VAL D 297 33.94 -8.11 -3.35
N GLY D 298 33.45 -8.99 -4.23
CA GLY D 298 32.39 -9.92 -3.86
C GLY D 298 31.13 -9.76 -4.72
N LEU D 299 30.16 -10.66 -4.45
CA LEU D 299 28.91 -10.72 -5.17
C LEU D 299 27.73 -10.69 -4.20
N GLU D 300 26.76 -9.81 -4.51
CA GLU D 300 25.50 -9.69 -3.79
C GLU D 300 24.37 -10.27 -4.67
N PRO D 301 23.56 -11.23 -4.15
CA PRO D 301 22.50 -11.83 -4.96
C PRO D 301 21.39 -10.84 -5.33
N ASN D 302 20.72 -11.09 -6.46
CA ASN D 302 19.62 -10.24 -6.89
C ASN D 302 18.31 -10.79 -6.32
N VAL D 303 18.10 -10.52 -5.03
CA VAL D 303 16.98 -11.05 -4.29
C VAL D 303 15.90 -9.98 -4.17
N GLU D 304 15.61 -9.32 -5.29
CA GLU D 304 14.79 -8.13 -5.28
C GLU D 304 13.35 -8.59 -5.07
N LEU D 305 12.98 -9.64 -5.81
CA LEU D 305 11.60 -10.10 -5.89
C LEU D 305 11.18 -10.83 -4.62
N ALA D 306 12.08 -10.93 -3.63
CA ALA D 306 11.82 -11.68 -2.42
C ALA D 306 10.70 -11.04 -1.63
N LYS D 307 10.80 -9.72 -1.47
CA LYS D 307 9.83 -8.97 -0.70
C LYS D 307 8.50 -8.95 -1.45
N THR D 308 8.55 -8.77 -2.77
CA THR D 308 7.34 -8.67 -3.58
C THR D 308 6.53 -9.96 -3.47
N GLY D 309 7.23 -11.10 -3.34
CA GLY D 309 6.60 -12.41 -3.37
C GLY D 309 6.45 -13.04 -2.00
N GLY D 310 7.18 -12.53 -1.00
CA GLY D 310 7.15 -13.10 0.34
C GLY D 310 7.86 -14.44 0.37
N LEU D 311 9.03 -14.47 -0.28
CA LEU D 311 9.92 -15.62 -0.27
C LEU D 311 11.06 -15.35 0.71
N GLU D 312 11.62 -16.43 1.24
CA GLU D 312 12.51 -16.35 2.37
C GLU D 312 13.95 -16.16 1.89
N ILE D 313 14.70 -15.38 2.66
CA ILE D 313 16.10 -15.09 2.42
C ILE D 313 16.96 -15.74 3.50
N ASP D 314 18.06 -16.37 3.10
CA ASP D 314 18.98 -16.89 4.08
C ASP D 314 19.70 -15.72 4.76
N SER D 315 19.45 -15.59 6.07
CA SER D 315 20.03 -14.54 6.91
C SER D 315 21.56 -14.58 6.87
N ASP D 316 22.08 -15.80 6.92
CA ASP D 316 23.50 -16.04 7.07
C ASP D 316 24.17 -16.03 5.71
N PHE D 317 23.58 -16.73 4.73
CA PHE D 317 24.27 -16.99 3.48
C PHE D 317 23.82 -16.08 2.34
N GLY D 318 22.67 -15.42 2.50
CA GLY D 318 22.14 -14.61 1.41
C GLY D 318 21.55 -15.50 0.32
N GLY D 319 20.79 -14.86 -0.58
CA GLY D 319 20.08 -15.58 -1.62
C GLY D 319 18.76 -16.16 -1.10
N PHE D 320 17.94 -16.67 -2.03
CA PHE D 320 16.63 -17.21 -1.70
C PHE D 320 16.83 -18.53 -0.97
N ARG D 321 15.95 -18.78 0.00
CA ARG D 321 16.06 -20.01 0.78
C ARG D 321 15.19 -21.06 0.08
N VAL D 322 15.85 -22.06 -0.50
CA VAL D 322 15.21 -23.17 -1.19
C VAL D 322 15.68 -24.48 -0.58
N ASN D 323 14.86 -25.51 -0.71
CA ASN D 323 15.09 -26.75 0.00
C ASN D 323 16.13 -27.58 -0.74
N ALA D 324 16.21 -28.89 -0.43
CA ALA D 324 17.19 -29.79 -1.00
C ALA D 324 16.98 -29.99 -2.50
N GLU D 325 15.74 -29.77 -2.99
CA GLU D 325 15.36 -29.87 -4.41
C GLU D 325 15.19 -28.48 -5.04
N LEU D 326 15.86 -27.47 -4.51
CA LEU D 326 15.92 -26.13 -5.10
C LEU D 326 14.53 -25.55 -5.27
N GLN D 327 13.63 -25.87 -4.36
CA GLN D 327 12.26 -25.39 -4.42
C GLN D 327 12.00 -24.42 -3.27
N ALA D 328 11.34 -23.31 -3.60
CA ALA D 328 11.07 -22.26 -2.64
C ALA D 328 9.63 -22.39 -2.15
N ARG D 329 8.72 -22.43 -3.13
CA ARG D 329 7.30 -22.59 -2.89
C ARG D 329 6.77 -23.61 -3.90
N SER D 330 5.44 -23.80 -3.92
CA SER D 330 4.82 -24.88 -4.68
C SER D 330 5.20 -24.84 -6.15
N ASN D 331 5.23 -23.64 -6.75
CA ASN D 331 5.50 -23.52 -8.19
C ASN D 331 6.68 -22.60 -8.47
N ILE D 332 7.62 -22.51 -7.53
CA ILE D 332 8.74 -21.61 -7.68
C ILE D 332 10.01 -22.33 -7.23
N TRP D 333 11.00 -22.34 -8.13
CA TRP D 333 12.31 -22.89 -7.83
C TRP D 333 13.35 -21.76 -7.94
N VAL D 334 14.50 -21.95 -7.29
CA VAL D 334 15.60 -21.02 -7.44
C VAL D 334 16.87 -21.81 -7.69
N ALA D 335 17.75 -21.22 -8.50
CA ALA D 335 18.96 -21.88 -8.93
C ALA D 335 20.03 -20.86 -9.28
N GLY D 336 21.25 -21.36 -9.41
CA GLY D 336 22.40 -20.52 -9.69
C GLY D 336 22.95 -19.87 -8.43
N ASP D 337 23.56 -18.70 -8.64
CA ASP D 337 24.22 -18.00 -7.55
C ASP D 337 23.16 -17.54 -6.56
N ALA D 338 21.94 -17.28 -7.05
CA ALA D 338 20.88 -16.67 -6.26
C ALA D 338 20.29 -17.66 -5.23
N ALA D 339 20.69 -18.94 -5.32
CA ALA D 339 20.01 -20.00 -4.60
C ALA D 339 20.88 -20.48 -3.44
N CYS D 340 20.32 -20.37 -2.24
CA CYS D 340 20.90 -20.95 -1.04
C CYS D 340 20.14 -22.22 -0.70
N PHE D 341 20.72 -23.37 -1.04
CA PHE D 341 19.99 -24.63 -0.96
C PHE D 341 20.45 -25.43 0.25
N TYR D 342 19.81 -26.57 0.49
CA TYR D 342 20.24 -27.52 1.51
C TYR D 342 20.92 -28.71 0.83
N ASP D 343 22.26 -28.69 0.87
CA ASP D 343 23.06 -29.81 0.45
C ASP D 343 22.94 -30.89 1.52
N ILE D 344 22.36 -32.04 1.15
CA ILE D 344 22.01 -33.08 2.10
C ILE D 344 23.24 -33.56 2.88
N LYS D 345 24.44 -33.53 2.25
CA LYS D 345 25.67 -34.01 2.87
C LYS D 345 26.36 -32.84 3.60
N LEU D 346 26.70 -31.79 2.85
CA LEU D 346 27.59 -30.74 3.32
C LEU D 346 26.86 -29.66 4.12
N GLY D 347 25.54 -29.75 4.17
CA GLY D 347 24.76 -28.76 4.89
C GLY D 347 24.36 -27.58 3.99
N ARG D 348 23.70 -26.58 4.59
CA ARG D 348 23.08 -25.50 3.87
C ARG D 348 24.17 -24.54 3.41
N ARG D 349 24.05 -24.10 2.16
CA ARG D 349 25.08 -23.27 1.56
C ARG D 349 24.52 -22.63 0.30
N ARG D 350 25.22 -21.59 -0.14
CA ARG D 350 24.96 -20.94 -1.41
C ARG D 350 26.29 -20.90 -2.12
N VAL D 351 26.29 -21.20 -3.42
CA VAL D 351 27.54 -21.28 -4.15
C VAL D 351 27.40 -20.52 -5.46
N GLU D 352 28.48 -19.80 -5.82
CA GLU D 352 28.45 -18.82 -6.89
C GLU D 352 29.47 -19.16 -7.98
N HIS D 353 29.36 -20.39 -8.50
CA HIS D 353 30.28 -20.87 -9.52
C HIS D 353 29.51 -21.24 -10.79
N HIS D 354 30.27 -21.59 -11.83
CA HIS D 354 29.69 -21.76 -13.15
C HIS D 354 29.06 -23.13 -13.27
N ASP D 355 29.79 -24.15 -12.83
CA ASP D 355 29.26 -25.49 -12.87
C ASP D 355 28.06 -25.57 -11.92
N HIS D 356 28.06 -24.81 -10.82
CA HIS D 356 26.92 -24.80 -9.92
C HIS D 356 25.67 -24.31 -10.64
N ALA D 357 25.79 -23.16 -11.32
CA ALA D 357 24.68 -22.57 -12.07
C ALA D 357 24.08 -23.56 -13.06
N VAL D 358 24.92 -24.42 -13.62
CA VAL D 358 24.52 -25.37 -14.63
C VAL D 358 23.87 -26.60 -13.98
N VAL D 359 24.53 -27.14 -12.95
CA VAL D 359 24.07 -28.36 -12.29
C VAL D 359 22.70 -28.09 -11.68
N SER D 360 22.64 -27.03 -10.87
CA SER D 360 21.42 -26.62 -10.20
C SER D 360 20.34 -26.31 -11.24
N GLY D 361 20.71 -25.51 -12.24
CA GLY D 361 19.81 -25.21 -13.34
C GLY D 361 19.21 -26.48 -13.92
N ARG D 362 20.08 -27.44 -14.26
CA ARG D 362 19.63 -28.71 -14.77
C ARG D 362 18.61 -29.32 -13.82
N LEU D 363 18.94 -29.30 -12.52
CA LEU D 363 18.15 -29.99 -11.51
C LEU D 363 16.82 -29.29 -11.29
N ALA D 364 16.83 -27.97 -11.39
CA ALA D 364 15.61 -27.19 -11.25
C ALA D 364 14.67 -27.49 -12.40
N GLY D 365 15.24 -27.57 -13.60
CA GLY D 365 14.50 -27.95 -14.79
C GLY D 365 13.82 -29.30 -14.61
N GLU D 366 14.58 -30.29 -14.11
CA GLU D 366 14.04 -31.62 -13.86
C GLU D 366 12.84 -31.54 -12.91
N ASN D 367 12.97 -30.82 -11.78
CA ASN D 367 11.97 -30.82 -10.72
C ASN D 367 10.74 -30.03 -11.17
N MET D 368 10.94 -29.07 -12.07
CA MET D 368 9.84 -28.29 -12.60
C MET D 368 8.95 -29.16 -13.48
N THR D 369 9.56 -30.15 -14.15
CA THR D 369 8.84 -31.13 -14.97
C THR D 369 8.30 -32.28 -14.10
N GLY D 370 8.84 -32.42 -12.88
CA GLY D 370 8.24 -33.24 -11.83
C GLY D 370 9.14 -34.39 -11.35
N ALA D 371 10.47 -34.21 -11.39
CA ALA D 371 11.40 -35.26 -11.01
C ALA D 371 11.49 -35.33 -9.49
N ALA D 372 11.43 -34.15 -8.84
CA ALA D 372 11.45 -34.01 -7.39
C ALA D 372 12.69 -34.65 -6.78
N LYS D 373 13.82 -34.63 -7.51
CA LYS D 373 15.05 -35.23 -7.04
C LYS D 373 15.93 -34.16 -6.40
N PRO D 374 16.63 -34.49 -5.29
CA PRO D 374 17.38 -33.49 -4.52
C PRO D 374 18.78 -33.30 -5.07
N TYR D 375 19.42 -32.20 -4.68
CA TYR D 375 20.79 -31.90 -5.05
C TYR D 375 21.70 -32.95 -4.40
N TRP D 376 22.10 -33.91 -5.23
CA TRP D 376 22.97 -35.00 -4.84
C TRP D 376 24.30 -34.86 -5.59
N HIS D 377 24.20 -34.68 -6.91
CA HIS D 377 25.38 -34.52 -7.74
C HIS D 377 26.06 -33.18 -7.45
N GLN D 378 27.36 -33.24 -7.15
CA GLN D 378 28.09 -32.07 -6.66
C GLN D 378 28.51 -31.19 -7.84
N SER D 379 28.43 -29.86 -7.67
CA SER D 379 28.98 -28.93 -8.64
C SER D 379 30.40 -28.57 -8.21
N MET D 380 31.21 -28.06 -9.15
CA MET D 380 32.61 -27.76 -8.89
C MET D 380 32.97 -26.42 -9.51
N PHE D 381 34.23 -26.03 -9.34
CA PHE D 381 34.74 -24.83 -9.98
C PHE D 381 36.21 -25.00 -10.32
N TRP D 382 36.73 -24.06 -11.10
CA TRP D 382 38.11 -24.09 -11.57
C TRP D 382 38.59 -22.65 -11.78
N SER D 383 39.85 -22.42 -11.45
CA SER D 383 40.47 -21.12 -11.67
C SER D 383 41.86 -21.37 -12.25
N ASP D 384 42.29 -20.49 -13.17
CA ASP D 384 43.63 -20.57 -13.74
C ASP D 384 44.30 -19.20 -13.59
N LEU D 385 45.31 -19.11 -12.70
CA LEU D 385 46.07 -17.90 -12.45
C LEU D 385 47.49 -18.03 -13.05
N GLY D 386 47.56 -17.81 -14.36
CA GLY D 386 48.77 -18.08 -15.12
C GLY D 386 48.88 -19.56 -15.43
N PRO D 387 49.99 -19.98 -16.07
CA PRO D 387 50.19 -21.39 -16.43
C PRO D 387 50.65 -22.23 -15.24
N ASP D 388 51.05 -21.55 -14.15
CA ASP D 388 51.59 -22.21 -12.97
C ASP D 388 50.47 -22.58 -11.99
N VAL D 389 49.39 -21.81 -11.98
CA VAL D 389 48.30 -22.08 -11.08
C VAL D 389 47.11 -22.51 -11.93
N GLY D 390 46.54 -23.66 -11.56
CA GLY D 390 45.32 -24.18 -12.17
C GLY D 390 44.70 -25.28 -11.30
N TYR D 391 43.55 -24.99 -10.67
CA TYR D 391 42.96 -25.90 -9.69
C TYR D 391 41.47 -26.08 -9.95
N GLU D 392 41.08 -27.35 -10.03
CA GLU D 392 39.71 -27.78 -9.88
C GLU D 392 39.42 -27.87 -8.38
N ALA D 393 38.14 -27.71 -7.99
CA ALA D 393 37.77 -27.81 -6.58
C ALA D 393 36.29 -28.15 -6.44
N ILE D 394 35.94 -28.83 -5.32
CA ILE D 394 34.60 -29.32 -5.05
C ILE D 394 34.25 -29.21 -3.56
N GLY D 395 32.95 -29.03 -3.31
CA GLY D 395 32.40 -29.01 -1.96
C GLY D 395 32.90 -27.82 -1.16
N LEU D 396 32.98 -28.01 0.16
CA LEU D 396 33.20 -26.93 1.11
C LEU D 396 34.67 -26.48 1.09
N VAL D 397 34.97 -25.55 0.19
CA VAL D 397 36.30 -24.98 0.07
C VAL D 397 36.30 -23.58 0.67
N ASP D 398 36.82 -23.52 1.92
CA ASP D 398 36.78 -22.34 2.74
C ASP D 398 38.06 -22.31 3.59
N SER D 399 38.82 -21.21 3.47
CA SER D 399 40.14 -21.08 4.08
C SER D 399 40.08 -21.09 5.61
N SER D 400 38.90 -20.81 6.18
CA SER D 400 38.75 -20.78 7.62
C SER D 400 38.83 -22.19 8.22
N LEU D 401 38.56 -23.24 7.42
CA LEU D 401 38.52 -24.63 7.90
C LEU D 401 39.94 -25.14 8.13
N PRO D 402 40.12 -26.28 8.84
CA PRO D 402 41.40 -26.96 8.89
C PRO D 402 41.67 -27.80 7.62
N THR D 403 42.85 -27.58 7.02
CA THR D 403 43.21 -28.19 5.74
C THR D 403 44.37 -29.17 5.91
N VAL D 404 44.47 -30.10 4.96
CA VAL D 404 45.58 -31.05 4.89
C VAL D 404 46.07 -31.09 3.44
N GLY D 405 47.04 -30.25 3.13
CA GLY D 405 47.64 -30.23 1.81
C GLY D 405 48.75 -31.29 1.67
N VAL D 406 48.58 -32.20 0.71
CA VAL D 406 49.60 -33.18 0.41
C VAL D 406 50.18 -32.85 -0.97
N PHE D 407 51.48 -32.50 -1.04
CA PHE D 407 52.10 -32.04 -2.27
C PHE D 407 53.25 -32.97 -2.71
N ALA D 408 53.89 -32.62 -3.83
CA ALA D 408 54.79 -33.53 -4.53
C ALA D 408 56.18 -33.60 -3.91
N LYS D 409 57.02 -32.57 -4.01
CA LYS D 409 58.39 -32.55 -3.47
C LYS D 409 59.40 -32.87 -4.58
N GLU D 457 59.81 -24.20 -0.62
CA GLU D 457 58.85 -25.34 -0.71
C GLU D 457 58.04 -25.23 -1.99
N ASP D 458 57.96 -26.36 -2.70
CA ASP D 458 57.32 -26.40 -4.00
C ASP D 458 55.91 -26.93 -3.84
N TYR D 459 54.96 -26.00 -3.85
CA TYR D 459 53.55 -26.33 -3.87
C TYR D 459 53.05 -26.31 -5.32
N GLY D 460 53.88 -26.84 -6.23
CA GLY D 460 53.56 -26.82 -7.64
C GLY D 460 52.42 -27.79 -7.99
N LYS D 461 52.31 -28.86 -7.20
CA LYS D 461 51.29 -29.87 -7.46
C LYS D 461 50.98 -30.65 -6.19
N GLY D 462 49.69 -30.94 -5.99
CA GLY D 462 49.24 -31.60 -4.78
C GLY D 462 47.73 -31.48 -4.61
N VAL D 463 47.20 -32.03 -3.50
CA VAL D 463 45.78 -32.04 -3.21
C VAL D 463 45.56 -31.57 -1.77
N ILE D 464 44.54 -30.73 -1.58
CA ILE D 464 44.25 -30.12 -0.29
C ILE D 464 42.86 -30.54 0.15
N PHE D 465 42.80 -31.18 1.33
CA PHE D 465 41.56 -31.61 1.93
C PHE D 465 41.08 -30.57 2.93
N TYR D 466 39.75 -30.38 3.01
CA TYR D 466 39.13 -29.48 3.97
C TYR D 466 38.33 -30.31 4.96
N LEU D 467 38.58 -30.06 6.26
CA LEU D 467 38.01 -30.91 7.30
C LEU D 467 36.97 -30.15 8.12
N ARG D 468 36.01 -30.95 8.61
CA ARG D 468 34.97 -30.50 9.51
C ARG D 468 34.48 -31.74 10.26
N ASP D 469 34.93 -31.87 11.52
CA ASP D 469 34.61 -33.01 12.37
C ASP D 469 35.37 -34.26 11.91
N LYS D 470 36.63 -34.06 11.45
CA LYS D 470 37.49 -35.12 10.95
C LYS D 470 36.92 -35.77 9.68
N VAL D 471 36.09 -35.01 8.95
CA VAL D 471 35.50 -35.47 7.72
C VAL D 471 35.83 -34.45 6.64
N VAL D 472 36.20 -34.99 5.47
CA VAL D 472 36.55 -34.18 4.32
C VAL D 472 35.26 -33.64 3.72
N VAL D 473 35.23 -32.31 3.58
CA VAL D 473 34.04 -31.59 3.13
C VAL D 473 34.36 -30.82 1.86
N GLY D 474 35.62 -30.42 1.66
CA GLY D 474 36.03 -29.76 0.43
C GLY D 474 37.41 -30.24 -0.02
N ILE D 475 37.62 -30.23 -1.33
CA ILE D 475 38.88 -30.68 -1.90
C ILE D 475 39.34 -29.62 -2.91
N VAL D 476 40.65 -29.41 -2.99
CA VAL D 476 41.23 -28.56 -4.03
C VAL D 476 42.35 -29.34 -4.74
N LEU D 477 42.10 -29.72 -6.00
CA LEU D 477 43.09 -30.40 -6.80
C LEU D 477 44.04 -29.35 -7.36
N TRP D 478 45.22 -29.24 -6.73
CA TRP D 478 46.20 -28.23 -7.07
C TRP D 478 47.07 -28.70 -8.24
N ASN D 479 46.72 -28.25 -9.45
CA ASN D 479 47.41 -28.59 -10.69
C ASN D 479 47.34 -30.10 -10.95
N VAL D 480 46.37 -30.77 -10.34
CA VAL D 480 46.13 -32.19 -10.59
C VAL D 480 44.83 -32.28 -11.38
N PHE D 481 44.90 -32.73 -12.64
CA PHE D 481 43.80 -32.53 -13.57
C PHE D 481 43.12 -33.88 -13.86
N ASN D 482 41.84 -33.79 -14.20
CA ASN D 482 41.01 -34.92 -14.58
C ASN D 482 40.87 -35.92 -13.44
N ARG D 483 40.81 -35.38 -12.21
CA ARG D 483 40.78 -36.18 -11.00
C ARG D 483 39.54 -35.84 -10.17
N MET D 484 38.59 -35.16 -10.81
CA MET D 484 37.43 -34.65 -10.10
C MET D 484 36.53 -35.81 -9.65
N PRO D 485 36.34 -36.88 -10.46
CA PRO D 485 35.50 -38.00 -10.03
C PRO D 485 35.96 -38.67 -8.73
N ILE D 486 37.28 -38.78 -8.57
CA ILE D 486 37.86 -39.38 -7.39
C ILE D 486 37.49 -38.53 -6.18
N ALA D 487 37.76 -37.22 -6.27
CA ALA D 487 37.46 -36.30 -5.19
C ALA D 487 35.97 -36.31 -4.86
N ARG D 488 35.15 -36.40 -5.92
CA ARG D 488 33.69 -36.36 -5.78
C ARG D 488 33.23 -37.51 -4.88
N LYS D 489 33.92 -38.66 -5.00
CA LYS D 489 33.54 -39.84 -4.25
C LYS D 489 33.95 -39.67 -2.80
N ILE D 490 35.03 -38.91 -2.53
CA ILE D 490 35.51 -38.73 -1.17
C ILE D 490 34.54 -37.86 -0.38
N ILE D 491 33.85 -36.94 -1.07
CA ILE D 491 32.87 -36.05 -0.47
C ILE D 491 31.57 -36.81 -0.19
N LYS D 492 31.12 -37.62 -1.15
CA LYS D 492 29.98 -38.50 -0.95
C LYS D 492 30.22 -39.39 0.26
N ASP D 493 31.42 -39.98 0.34
CA ASP D 493 31.84 -40.92 1.39
C ASP D 493 31.91 -40.25 2.74
N GLY D 494 32.63 -39.13 2.80
CA GLY D 494 32.75 -38.36 4.02
C GLY D 494 33.18 -39.25 5.18
N GLU D 495 34.24 -40.03 4.94
CA GLU D 495 34.73 -40.99 5.91
C GLU D 495 35.64 -40.26 6.91
N GLN D 496 35.73 -40.79 8.13
CA GLN D 496 36.67 -40.26 9.11
C GLN D 496 38.01 -40.97 8.98
N HIS D 497 38.73 -40.61 7.92
CA HIS D 497 39.97 -41.27 7.57
C HIS D 497 41.03 -40.97 8.62
N GLU D 498 41.75 -42.02 9.02
CA GLU D 498 42.79 -41.92 10.04
C GLU D 498 43.96 -41.11 9.47
N ASP D 499 44.41 -41.50 8.27
CA ASP D 499 45.50 -40.83 7.59
C ASP D 499 45.05 -40.48 6.17
N LEU D 500 45.16 -39.19 5.84
CA LEU D 500 44.72 -38.66 4.55
C LEU D 500 45.85 -38.76 3.52
N ASN D 501 47.04 -39.16 3.96
CA ASN D 501 48.12 -39.40 3.03
C ASN D 501 47.73 -40.58 2.12
N GLU D 502 47.08 -41.60 2.70
CA GLU D 502 46.65 -42.77 1.95
C GLU D 502 45.65 -42.34 0.90
N VAL D 503 44.72 -41.48 1.32
CA VAL D 503 43.64 -40.99 0.48
C VAL D 503 44.22 -40.14 -0.65
N ALA D 504 45.32 -39.43 -0.34
CA ALA D 504 46.01 -38.59 -1.31
C ALA D 504 46.56 -39.44 -2.45
N LYS D 505 47.01 -40.66 -2.12
CA LYS D 505 47.67 -41.53 -3.10
C LYS D 505 46.71 -41.87 -4.24
N LEU D 506 45.40 -41.72 -4.03
CA LEU D 506 44.39 -42.05 -5.02
C LEU D 506 44.46 -41.11 -6.22
N PHE D 507 44.91 -39.87 -5.98
CA PHE D 507 45.02 -38.86 -7.02
C PHE D 507 46.37 -38.94 -7.72
N ASN D 508 47.29 -39.76 -7.21
CA ASN D 508 48.60 -39.97 -7.88
C ASN D 508 49.31 -38.66 -8.22
N ILE D 509 50.27 -38.25 -7.39
CA ILE D 509 51.08 -37.03 -7.69
C ILE D 509 52.08 -37.39 -8.80
N HIS D 510 51.60 -37.92 -9.93
CA HIS D 510 52.54 -38.36 -10.99
C HIS D 510 52.64 -37.28 -12.07
N GLU D 511 51.58 -37.07 -12.84
CA GLU D 511 51.61 -36.10 -13.95
C GLU D 511 50.25 -36.12 -14.66
N SER E 2 -23.58 -19.86 7.29
CA SER E 2 -22.93 -19.04 6.24
C SER E 2 -23.94 -18.78 5.11
N TYR E 3 -25.22 -18.97 5.40
CA TYR E 3 -26.26 -18.69 4.39
C TYR E 3 -25.90 -17.41 3.67
N CYS E 4 -25.29 -17.52 2.49
CA CYS E 4 -24.94 -16.32 1.68
C CYS E 4 -25.87 -16.26 0.47
N ARG E 5 -26.56 -15.14 0.30
CA ARG E 5 -27.43 -14.98 -0.85
C ARG E 5 -27.31 -13.57 -1.41
N GLN E 6 -27.34 -13.46 -2.74
CA GLN E 6 -27.06 -12.22 -3.44
C GLN E 6 -28.37 -11.68 -4.02
N GLU E 7 -28.80 -10.51 -3.57
CA GLU E 7 -30.04 -9.94 -4.06
C GLU E 7 -29.74 -8.62 -4.79
N GLY E 8 -29.41 -8.72 -6.09
CA GLY E 8 -29.06 -7.52 -6.86
C GLY E 8 -27.69 -7.01 -6.46
N LYS E 9 -27.59 -5.71 -6.12
CA LYS E 9 -26.34 -5.09 -5.72
C LYS E 9 -26.01 -5.42 -4.25
N ASP E 10 -27.04 -5.85 -3.51
CA ASP E 10 -26.97 -6.09 -2.08
C ASP E 10 -26.77 -7.58 -1.81
N ARG E 11 -25.71 -7.91 -1.06
CA ARG E 11 -25.35 -9.28 -0.72
C ARG E 11 -25.55 -9.50 0.77
N ILE E 12 -26.17 -10.62 1.11
CA ILE E 12 -26.63 -10.89 2.45
C ILE E 12 -26.02 -12.18 2.95
N ILE E 13 -25.24 -12.07 4.01
CA ILE E 13 -24.57 -13.19 4.60
C ILE E 13 -25.08 -13.32 6.02
N PHE E 14 -25.64 -14.48 6.35
CA PHE E 14 -25.98 -14.83 7.72
C PHE E 14 -24.89 -15.71 8.30
N VAL E 15 -24.58 -15.55 9.58
CA VAL E 15 -23.58 -16.40 10.23
C VAL E 15 -24.06 -16.67 11.64
N THR E 16 -23.69 -17.84 12.16
CA THR E 16 -24.14 -18.26 13.47
C THR E 16 -23.01 -18.24 14.49
N LYS E 17 -22.19 -17.23 14.66
CA LYS E 17 -21.28 -17.27 15.79
C LYS E 17 -20.17 -18.34 15.65
N GLU E 18 -20.43 -19.60 15.23
CA GLU E 18 -19.39 -20.64 15.29
C GLU E 18 -18.23 -20.31 14.34
N ASP E 19 -16.99 -20.34 14.85
CA ASP E 19 -15.87 -19.73 14.15
C ASP E 19 -14.72 -20.73 14.02
N SER F 2 -6.18 6.73 33.75
CA SER F 2 -5.78 7.67 32.66
C SER F 2 -4.27 7.97 32.69
N TYR F 3 -3.49 7.19 33.46
CA TYR F 3 -2.11 7.52 33.78
C TYR F 3 -1.15 6.53 33.11
N CYS F 4 -0.03 7.09 32.64
CA CYS F 4 0.96 6.38 31.85
C CYS F 4 2.30 6.44 32.59
N ARG F 5 3.05 5.33 32.54
CA ARG F 5 4.39 5.30 33.11
C ARG F 5 5.25 4.36 32.26
N GLN F 6 6.53 4.72 32.10
CA GLN F 6 7.49 4.01 31.24
C GLN F 6 8.52 3.29 32.09
N GLU F 7 8.57 1.95 31.98
CA GLU F 7 9.50 1.15 32.76
C GLU F 7 10.40 0.41 31.78
N GLY F 8 11.53 1.02 31.43
CA GLY F 8 12.47 0.41 30.51
C GLY F 8 11.87 0.35 29.11
N LYS F 9 11.88 -0.86 28.51
CA LYS F 9 11.35 -1.10 27.16
C LYS F 9 9.82 -1.27 27.20
N ASP F 10 9.28 -1.46 28.41
CA ASP F 10 7.88 -1.75 28.61
C ASP F 10 7.17 -0.48 29.06
N ARG F 11 6.11 -0.13 28.33
CA ARG F 11 5.33 1.04 28.66
C ARG F 11 3.99 0.57 29.23
N ILE F 12 3.56 1.20 30.33
CA ILE F 12 2.35 0.83 31.04
C ILE F 12 1.38 2.02 31.05
N ILE F 13 0.20 1.81 30.45
CA ILE F 13 -0.86 2.80 30.47
C ILE F 13 -2.07 2.20 31.20
N PHE F 14 -2.58 2.93 32.19
CA PHE F 14 -3.85 2.62 32.82
C PHE F 14 -4.92 3.57 32.27
N VAL F 15 -6.15 3.09 32.08
CA VAL F 15 -7.21 4.04 31.63
C VAL F 15 -8.52 3.73 32.36
N THR F 16 -9.50 4.63 32.23
CA THR F 16 -10.82 4.38 32.83
C THR F 16 -11.87 4.44 31.72
N LYS F 17 -12.92 3.63 31.82
CA LYS F 17 -13.94 3.57 30.75
C LYS F 17 -14.14 4.94 30.11
N GLU F 18 -14.48 5.95 30.90
CA GLU F 18 -14.78 7.28 30.33
C GLU F 18 -13.64 7.74 29.42
N ASP F 19 -12.39 7.39 29.77
CA ASP F 19 -11.24 7.90 28.98
C ASP F 19 -11.53 7.75 27.48
N HIS F 20 -11.32 8.83 26.72
CA HIS F 20 -11.53 8.80 25.25
C HIS F 20 -12.87 8.12 24.93
N GLU F 21 -12.85 7.13 24.04
CA GLU F 21 -14.09 6.43 23.62
C GLU F 21 -15.26 6.88 24.51
N TYR G 3 -27.61 44.35 -43.08
CA TYR G 3 -28.14 43.03 -43.52
C TYR G 3 -27.96 41.99 -42.41
N CYS G 4 -29.09 41.48 -41.92
CA CYS G 4 -29.13 40.60 -40.77
C CYS G 4 -29.85 39.29 -41.12
N ARG G 5 -29.26 38.17 -40.70
CA ARG G 5 -29.86 36.87 -40.92
C ARG G 5 -29.54 35.99 -39.71
N GLN G 6 -30.49 35.11 -39.37
CA GLN G 6 -30.39 34.27 -38.19
C GLN G 6 -30.20 32.82 -38.63
N GLU G 7 -29.10 32.18 -38.22
CA GLU G 7 -28.83 30.81 -38.60
C GLU G 7 -28.75 29.94 -37.34
N GLY G 8 -29.90 29.41 -36.90
CA GLY G 8 -29.95 28.65 -35.68
C GLY G 8 -29.72 29.52 -34.46
N LYS G 9 -28.79 29.11 -33.59
CA LYS G 9 -28.45 29.84 -32.38
C LYS G 9 -27.54 31.03 -32.71
N ASP G 10 -26.95 31.01 -33.90
CA ASP G 10 -25.96 31.99 -34.30
C ASP G 10 -26.62 33.05 -35.19
N ARG G 11 -26.50 34.32 -34.78
CA ARG G 11 -27.08 35.42 -35.54
C ARG G 11 -25.96 36.19 -36.22
N ILE G 12 -26.16 36.50 -37.52
CA ILE G 12 -25.13 37.11 -38.34
C ILE G 12 -25.62 38.46 -38.84
N ILE G 13 -24.87 39.52 -38.50
CA ILE G 13 -25.18 40.86 -38.97
C ILE G 13 -23.98 41.37 -39.76
N PHE G 14 -24.26 41.83 -40.99
CA PHE G 14 -23.30 42.55 -41.80
C PHE G 14 -23.59 44.05 -41.70
N VAL G 15 -22.52 44.84 -41.53
CA VAL G 15 -22.63 46.29 -41.56
C VAL G 15 -21.44 46.83 -42.37
N THR G 16 -21.72 47.87 -43.17
CA THR G 16 -20.68 48.61 -43.86
C THR G 16 -20.15 49.60 -42.83
N LYS G 17 -19.79 50.82 -43.19
CA LYS G 17 -19.17 51.70 -42.22
C LYS G 17 -20.07 52.91 -41.96
N GLU G 18 -20.85 53.28 -42.98
CA GLU G 18 -21.83 54.34 -42.85
C GLU G 18 -22.83 53.99 -41.74
N ASP G 19 -23.20 52.70 -41.64
CA ASP G 19 -24.36 52.30 -40.87
C ASP G 19 -24.46 53.16 -39.60
N HIS G 20 -23.33 53.55 -38.97
CA HIS G 20 -23.37 54.54 -37.91
C HIS G 20 -21.97 55.11 -37.65
N CYS H 4 56.51 -33.99 6.63
CA CYS H 4 55.23 -33.61 7.29
C CYS H 4 55.48 -32.58 8.39
N ARG H 5 54.76 -31.46 8.33
CA ARG H 5 54.90 -30.40 9.32
C ARG H 5 53.51 -29.85 9.62
N GLN H 6 53.32 -29.37 10.85
CA GLN H 6 52.03 -28.85 11.29
C GLN H 6 52.12 -27.35 11.52
N GLU H 7 51.29 -26.56 10.79
CA GLU H 7 51.30 -25.10 10.86
C GLU H 7 49.91 -24.59 11.27
N GLY H 8 49.60 -24.64 12.57
CA GLY H 8 48.33 -24.17 13.09
C GLY H 8 47.22 -25.19 12.89
N LYS H 9 46.18 -24.81 12.13
CA LYS H 9 45.09 -25.70 11.77
C LYS H 9 45.45 -26.45 10.49
N ASP H 10 46.34 -25.86 9.67
CA ASP H 10 46.73 -26.42 8.37
C ASP H 10 47.94 -27.35 8.52
N ARG H 11 47.75 -28.65 8.22
CA ARG H 11 48.81 -29.64 8.20
C ARG H 11 49.31 -29.83 6.76
N ILE H 12 50.64 -29.79 6.58
CA ILE H 12 51.25 -29.86 5.26
C ILE H 12 52.11 -31.12 5.17
N ILE H 13 51.80 -31.97 4.17
CA ILE H 13 52.51 -33.22 3.91
C ILE H 13 53.09 -33.16 2.50
N PHE H 14 54.42 -33.34 2.36
CA PHE H 14 55.07 -33.45 1.06
C PHE H 14 55.32 -34.94 0.75
PA FAD I . -28.45 24.37 11.95
O1A FAD I . -29.67 24.41 11.13
O2A FAD I . -28.41 23.45 13.13
O5B FAD I . -27.99 25.85 12.37
C5B FAD I . -28.16 26.91 11.39
C4B FAD I . -28.45 28.21 12.12
O4B FAD I . -28.06 29.35 11.32
C3B FAD I . -29.93 28.45 12.44
O3B FAD I . -30.00 29.18 13.67
C2B FAD I . -30.36 29.29 11.24
O2B FAD I . -31.57 29.97 11.44
C1B FAD I . -29.17 30.24 11.17
N9A FAD I . -28.99 31.00 9.94
C8A FAD I . -29.17 30.53 8.66
N7A FAD I . -28.92 31.42 7.73
C5A FAD I . -28.55 32.55 8.43
C6A FAD I . -28.15 33.84 8.01
N6A FAD I . -28.06 34.23 6.73
N1A FAD I . -27.85 34.73 8.98
C2A FAD I . -27.94 34.34 10.26
N3A FAD I . -28.29 33.17 10.78
C4A FAD I . -28.59 32.30 9.80
N1 FAD I . -28.20 14.40 13.10
C2 FAD I . -27.60 13.26 13.57
O2 FAD I . -26.45 12.94 13.22
N3 FAD I . -28.29 12.50 14.51
C4 FAD I . -29.54 12.76 15.02
O4 FAD I . -30.05 12.02 15.84
C4X FAD I . -30.15 13.91 14.48
N5 FAD I . -31.36 14.20 14.92
C5X FAD I . -31.96 15.30 14.37
C6 FAD I . -33.27 15.62 14.78
C7 FAD I . -33.95 16.70 14.23
C7M FAD I . -35.34 17.01 14.69
C8 FAD I . -33.34 17.51 13.24
C8M FAD I . -34.06 18.68 12.62
C9 FAD I . -32.03 17.24 12.89
C9A FAD I . -31.33 16.13 13.42
N10 FAD I . -30.03 15.81 13.03
C10 FAD I . -29.41 14.68 13.52
C1' FAD I . -29.29 16.64 12.06
C2' FAD I . -28.47 17.72 12.75
O2' FAD I . -29.03 18.18 13.97
C3' FAD I . -28.32 19.00 11.94
O3' FAD I . -27.59 18.54 10.81
C4' FAD I . -27.58 20.13 12.66
O4' FAD I . -28.37 20.71 13.69
C5' FAD I . -27.16 21.24 11.71
O5' FAD I . -26.28 22.20 12.34
P FAD I . -25.81 23.51 11.56
O1P FAD I . -25.34 24.52 12.54
O2P FAD I . -24.98 23.22 10.36
O3P FAD I . -27.21 24.01 11.05
PA NAD J . -33.85 12.98 4.52
O1A NAD J . -32.82 13.58 3.60
O2A NAD J . -33.49 12.34 5.82
O5B NAD J . -34.72 11.95 3.69
C5B NAD J . -35.18 12.35 2.37
C4B NAD J . -36.54 11.74 2.13
O4B NAD J . -37.31 12.60 1.29
C3B NAD J . -36.59 10.40 1.38
O3B NAD J . -36.56 9.31 2.30
C2B NAD J . -37.95 10.43 0.66
O2B NAD J . -38.82 9.48 1.22
C1B NAD J . -38.43 11.86 0.90
N9A NAD J . -39.00 12.54 -0.26
C8A NAD J . -38.31 13.30 -1.17
N7A NAD J . -39.10 13.83 -2.08
C5A NAD J . -40.37 13.39 -1.74
C6A NAD J . -41.63 13.58 -2.34
N6A NAD J . -41.83 14.31 -3.43
N1A NAD J . -42.69 12.99 -1.75
C2A NAD J . -42.49 12.27 -0.64
N3A NAD J . -41.36 12.01 0.00
C4A NAD J . -40.32 12.60 -0.61
O3 NAD J . -34.89 14.15 4.88
PN NAD J . -35.51 14.54 6.32
O1N NAD J . -36.04 13.29 6.92
O2N NAD J . -36.42 15.73 6.14
O5D NAD J . -34.24 14.99 7.18
C5D NAD J . -34.26 16.36 7.72
C4D NAD J . -32.86 16.74 8.12
O4D NAD J . -32.61 16.23 9.45
C3D NAD J . -31.70 16.18 7.28
O3D NAD J . -30.60 17.07 7.39
C2D NAD J . -31.39 14.85 7.98
O2D NAD J . -30.06 14.40 7.89
C1D NAD J . -31.53 15.30 9.42
N1N NAD J . -31.82 14.23 10.42
C2N NAD J . -30.87 13.30 10.76
C3N NAD J . -31.17 12.35 11.73
C7N NAD J . -30.21 11.30 12.14
O7N NAD J . -29.01 11.43 11.82
N7N NAD J . -30.66 10.23 12.76
C4N NAD J . -32.38 12.40 12.41
C5N NAD J . -33.30 13.38 12.09
C6N NAD J . -33.00 14.30 11.12
PA FAD K . 3.85 24.47 -19.43
O1A FAD K . 3.50 23.08 -19.81
O2A FAD K . 3.99 25.47 -20.51
O5B FAD K . 5.13 24.38 -18.50
C5B FAD K . 5.09 23.42 -17.42
C4B FAD K . 6.47 22.81 -17.25
O4B FAD K . 6.50 22.02 -16.04
C3B FAD K . 6.88 21.88 -18.38
O3B FAD K . 8.25 22.01 -18.71
C2B FAD K . 6.62 20.49 -17.78
O2B FAD K . 7.40 19.51 -18.42
C1B FAD K . 7.05 20.75 -16.34
N9A FAD K . 6.55 19.77 -15.39
C8A FAD K . 5.48 18.91 -15.46
N7A FAD K . 5.37 18.12 -14.42
C5A FAD K . 6.44 18.46 -13.62
C6A FAD K . 6.89 17.98 -12.37
N6A FAD K . 6.32 17.00 -11.68
N1A FAD K . 8.00 18.54 -11.86
C2A FAD K . 8.60 19.53 -12.53
N3A FAD K . 8.27 20.07 -13.71
C4A FAD K . 7.17 19.48 -14.20
N1 FAD K . -1.55 30.30 -26.14
C2 FAD K . -2.05 31.45 -26.70
O2 FAD K . -2.82 32.19 -26.07
N3 FAD K . -1.65 31.80 -27.98
C4 FAD K . -0.78 31.07 -28.78
O4 FAD K . -0.48 31.43 -29.92
C4X FAD K . -0.32 29.88 -28.20
N5 FAD K . 0.47 29.12 -28.92
C5X FAD K . 0.89 27.94 -28.38
C6 FAD K . 1.70 27.10 -29.17
C7 FAD K . 2.13 25.88 -28.70
C7M FAD K . 3.02 25.02 -29.56
C8 FAD K . 1.78 25.47 -27.42
C8M FAD K . 2.26 24.14 -26.89
C9 FAD K . 1.00 26.28 -26.64
C9A FAD K . 0.53 27.52 -27.10
N10 FAD K . -0.28 28.36 -26.33
C10 FAD K . -0.76 29.55 -26.87
C1' FAD K . -0.70 27.98 -24.96
C2' FAD K . 0.22 28.46 -23.84
O2' FAD K . 1.52 28.77 -24.31
C3' FAD K . 0.34 27.42 -22.73
O3' FAD K . -0.95 27.10 -22.22
C4' FAD K . 1.19 27.90 -21.55
O4' FAD K . 2.53 27.96 -22.06
C5' FAD K . 1.08 26.98 -20.36
O5' FAD K . 2.17 27.22 -19.48
P FAD K . 2.29 26.53 -18.05
O1P FAD K . 3.37 27.19 -17.25
O2P FAD K . 0.96 26.34 -17.42
O3P FAD K . 2.79 25.06 -18.41
PA NAD L . -6.90 22.03 -28.91
O1A NAD L . -7.57 22.39 -27.64
O2A NAD L . -6.73 23.13 -29.91
O5B NAD L . -7.70 20.82 -29.57
C5B NAD L . -9.04 21.04 -30.07
C4B NAD L . -9.18 20.33 -31.40
O4B NAD L . -8.84 18.94 -31.23
C3B NAD L . -10.58 20.28 -32.02
O3B NAD L . -10.91 21.43 -32.78
C2B NAD L . -10.51 19.04 -32.91
O2B NAD L . -10.44 19.45 -34.27
C1B NAD L . -9.30 18.27 -32.39
N9A NAD L . -9.60 16.88 -32.03
C8A NAD L . -10.24 16.45 -30.89
N7A NAD L . -10.41 15.16 -30.86
C5A NAD L . -9.87 14.71 -32.05
C6A NAD L . -9.75 13.41 -32.60
N6A NAD L . -10.19 12.30 -32.00
N1A NAD L . -9.15 13.30 -33.82
C2A NAD L . -8.70 14.42 -34.41
N3A NAD L . -8.77 15.68 -33.99
C4A NAD L . -9.37 15.76 -32.78
O3 NAD L . -5.46 21.34 -28.66
PN NAD L . -4.06 21.25 -29.47
O1N NAD L . -4.40 21.73 -30.85
O2N NAD L . -3.35 19.93 -29.37
O5D NAD L . -3.21 22.38 -28.69
C5D NAD L . -2.38 22.13 -27.50
C4D NAD L . -2.66 23.20 -26.46
O4D NAD L . -2.00 24.43 -26.82
C3D NAD L . -4.14 23.56 -26.23
O3D NAD L . -4.48 23.66 -24.85
C2D NAD L . -4.33 24.93 -26.89
O2D NAD L . -5.29 25.71 -26.19
C1D NAD L . -2.92 25.52 -26.81
N1N NAD L . -2.62 26.43 -27.95
C2N NAD L . -3.22 27.66 -28.02
C3N NAD L . -2.98 28.49 -29.13
C7N NAD L . -3.59 29.86 -29.21
O7N NAD L . -4.06 30.40 -28.19
N7N NAD L . -3.63 30.45 -30.39
C4N NAD L . -2.12 28.07 -30.12
C5N NAD L . -1.53 26.82 -30.04
C6N NAD L . -1.78 26.01 -28.96
PA FAD M . 1.85 -34.30 19.91
O1A FAD M . 3.08 -34.46 20.74
O2A FAD M . 0.60 -33.93 20.61
O5B FAD M . 1.55 -35.61 19.02
C5B FAD M . 2.69 -36.43 18.58
C4B FAD M . 2.42 -37.91 18.74
O4B FAD M . 3.29 -38.65 17.84
C3B FAD M . 2.73 -38.54 20.11
O3B FAD M . 1.97 -39.75 20.21
C2B FAD M . 4.24 -38.74 19.96
O2B FAD M . 4.91 -39.51 20.93
C1B FAD M . 4.17 -39.47 18.62
N9A FAD M . 5.43 -39.65 17.92
C8A FAD M . 6.64 -38.98 17.99
N7A FAD M . 7.56 -39.47 17.19
C5A FAD M . 6.92 -40.54 16.55
C6A FAD M . 7.36 -41.48 15.59
N6A FAD M . 8.59 -41.50 15.08
N1A FAD M . 6.47 -42.42 15.17
C2A FAD M . 5.23 -42.41 15.69
N3A FAD M . 4.70 -41.58 16.59
C4A FAD M . 5.61 -40.65 16.99
N1 FAD M . -1.44 -25.31 23.93
C2 FAD M . -2.27 -24.23 23.98
O2 FAD M . -2.30 -23.40 23.07
N3 FAD M . -3.15 -24.10 25.05
C4 FAD M . -3.27 -24.97 26.12
O4 FAD M . -4.06 -24.75 27.02
C4X FAD M . -2.33 -26.06 26.09
N5 FAD M . -2.34 -26.92 27.08
C5X FAD M . -1.42 -27.94 27.07
C6 FAD M . -1.38 -28.83 28.16
C7 FAD M . -0.45 -29.85 28.23
C7M FAD M . -0.43 -30.76 29.43
C8 FAD M . 0.46 -30.03 27.18
C8M FAD M . 1.47 -31.15 27.23
C9 FAD M . 0.39 -29.21 26.07
C9A FAD M . -0.51 -28.13 26.01
N10 FAD M . -0.57 -27.23 24.93
C10 FAD M . -1.46 -26.16 24.94
C1' FAD M . 0.32 -27.38 23.77
C2' FAD M . -0.37 -28.17 22.67
O2' FAD M . -1.36 -29.06 23.22
C3' FAD M . 0.59 -28.94 21.77
O3' FAD M . 1.34 -27.96 21.04
C4' FAD M . -0.09 -29.95 20.82
O4' FAD M . -0.92 -30.89 21.50
C5' FAD M . 0.95 -30.69 19.99
O5' FAD M . 0.32 -31.57 19.03
P FAD M . 1.21 -32.26 17.92
O1P FAD M . 0.35 -33.19 17.12
O2P FAD M . 2.04 -31.19 17.34
O3P FAD M . 2.17 -33.14 18.85
PA NAD N . 7.70 -23.94 28.66
O1A NAD N . 8.65 -23.59 27.55
O2A NAD N . 6.26 -23.55 28.60
O5B NAD N . 8.34 -23.39 30.01
C5B NAD N . 9.76 -23.60 30.14
C4B NAD N . 10.16 -23.14 31.51
O4B NAD N . 11.30 -23.90 31.98
C3B NAD N . 10.62 -21.69 31.61
O3B NAD N . 9.51 -20.80 31.58
C2B NAD N . 11.38 -21.71 32.94
O2B NAD N . 10.56 -21.38 34.05
C1B NAD N . 11.89 -23.16 33.03
N9A NAD N . 13.34 -23.27 32.91
C8A NAD N . 14.16 -22.58 32.04
N7A NAD N . 15.43 -22.86 32.20
C5A NAD N . 15.45 -23.78 33.25
C6A NAD N . 16.51 -24.46 33.89
N6A NAD N . 17.78 -24.31 33.56
N1A NAD N . 16.18 -25.31 34.90
C2A NAD N . 14.88 -25.45 35.22
N3A NAD N . 13.82 -24.87 34.69
C4A NAD N . 14.17 -24.04 33.69
O3 NAD N . 7.75 -25.53 28.89
PN NAD N . 6.78 -26.60 29.61
O1N NAD N . 6.30 -25.93 30.84
O2N NAD N . 7.46 -27.94 29.74
O5D NAD N . 5.57 -26.71 28.54
C5D NAD N . 5.30 -27.95 27.82
C4D NAD N . 4.96 -27.66 26.37
O4D NAD N . 3.53 -27.66 26.20
C3D NAD N . 5.45 -26.33 25.76
O3D NAD N . 5.72 -26.43 24.37
C2D NAD N . 4.25 -25.40 25.92
O2D NAD N . 4.20 -24.40 24.90
C1D NAD N . 3.07 -26.37 25.78
N1N NAD N . 1.91 -25.98 26.61
C2N NAD N . 1.16 -24.87 26.26
C3N NAD N . 0.09 -24.47 27.06
C7N NAD N . -0.70 -23.28 26.64
O7N NAD N . -0.51 -22.76 25.52
N7N NAD N . -1.59 -22.80 27.50
C4N NAD N . -0.24 -25.21 28.19
C5N NAD N . 0.51 -26.32 28.53
C6N NAD N . 1.58 -26.70 27.75
PA FAD O . 23.84 -14.45 -13.83
O1A FAD O . 24.03 -13.25 -12.95
O2A FAD O . 25.00 -14.93 -14.63
O5B FAD O . 22.60 -14.20 -14.81
C5B FAD O . 21.42 -13.56 -14.27
C4B FAD O . 20.69 -12.81 -15.36
O4B FAD O . 19.36 -12.46 -14.90
C3B FAD O . 21.31 -11.47 -15.76
O3B FAD O . 20.82 -11.12 -17.06
C2B FAD O . 20.71 -10.57 -14.67
O2B FAD O . 20.82 -9.17 -14.86
C1B FAD O . 19.27 -11.04 -14.86
N9A FAD O . 18.33 -10.62 -13.82
C8A FAD O . 18.55 -10.29 -12.51
N7A FAD O . 17.46 -9.93 -11.87
C5A FAD O . 16.47 -10.03 -12.84
C6A FAD O . 15.08 -9.79 -12.78
N6A FAD O . 14.45 -9.39 -11.68
N1A FAD O . 14.37 -9.99 -13.93
C2A FAD O . 15.01 -10.39 -15.02
N3A FAD O . 16.31 -10.65 -15.18
C4A FAD O . 16.98 -10.45 -14.04
N1 FAD O . 32.66 -19.65 -12.25
C2 FAD O . 33.51 -20.72 -12.34
O2 FAD O . 33.25 -21.81 -11.79
N3 FAD O . 34.67 -20.59 -13.08
C4 FAD O . 35.10 -19.46 -13.75
O4 FAD O . 36.13 -19.43 -14.39
C4X FAD O . 34.22 -18.37 -13.62
N5 FAD O . 34.56 -17.26 -14.22
C5X FAD O . 33.74 -16.18 -14.09
C6 FAD O . 34.12 -14.97 -14.71
C7 FAD O . 33.35 -13.83 -14.60
C7M FAD O . 33.81 -12.56 -15.26
C8 FAD O . 32.14 -13.88 -13.86
C8M FAD O . 31.27 -12.66 -13.73
C9 FAD O . 31.74 -15.06 -13.28
C9A FAD O . 32.53 -16.22 -13.36
N10 FAD O . 32.18 -17.42 -12.75
C10 FAD O . 33.01 -18.53 -12.85
C1' FAD O . 30.91 -17.52 -12.00
C2' FAD O . 29.73 -17.88 -12.91
O2' FAD O . 29.88 -17.42 -14.26
C3' FAD O . 28.40 -17.33 -12.40
O3' FAD O . 28.27 -17.78 -11.06
C4' FAD O . 27.21 -17.79 -13.24
O4' FAD O . 27.33 -17.23 -14.57
C5' FAD O . 25.88 -17.42 -12.58
O5' FAD O . 24.82 -17.56 -13.55
P FAD O . 23.28 -17.29 -13.16
O1P FAD O . 22.38 -17.66 -14.28
O2P FAD O . 23.09 -17.87 -11.81
O3P FAD O . 23.32 -15.69 -12.97
PA NAD P . 34.99 -12.86 -4.21
O1A NAD P . 34.01 -13.35 -3.19
O2A NAD P . 36.04 -13.81 -4.68
O5B NAD P . 35.70 -11.52 -3.66
C5B NAD P . 35.99 -11.55 -2.23
C4B NAD P . 37.26 -10.77 -1.96
O4B NAD P . 36.92 -9.38 -1.75
C3B NAD P . 38.04 -11.15 -0.71
O3B NAD P . 38.88 -12.28 -0.87
C2B NAD P . 38.86 -9.88 -0.49
O2B NAD P . 40.01 -9.80 -1.31
C1B NAD P . 37.86 -8.79 -0.87
N9A NAD P . 37.17 -8.26 0.29
C8A NAD P . 36.67 -8.95 1.37
N7A NAD P . 36.13 -8.17 2.28
C5A NAD P . 36.30 -6.88 1.77
C6A NAD P . 35.94 -5.62 2.27
N6A NAD P . 35.30 -5.42 3.43
N1A NAD P . 36.26 -4.54 1.52
C2A NAD P . 36.88 -4.73 0.34
N3A NAD P . 37.27 -5.87 -0.21
C4A NAD P . 36.95 -6.93 0.55
O3 NAD P . 34.18 -12.36 -5.51
PN NAD P . 34.69 -11.72 -6.90
O1N NAD P . 36.16 -11.97 -6.96
O2N NAD P . 34.19 -10.32 -7.00
O5D NAD P . 33.98 -12.63 -8.02
C5D NAD P . 32.82 -12.15 -8.76
C4D NAD P . 31.75 -13.22 -8.76
O4D NAD P . 31.96 -14.13 -9.86
C3D NAD P . 31.73 -14.13 -7.52
O3D NAD P . 30.44 -14.72 -7.35
C2D NAD P . 32.77 -15.19 -7.88
O2D NAD P . 32.61 -16.42 -7.18
C1D NAD P . 32.47 -15.36 -9.38
N1N NAD P . 33.68 -15.75 -10.13
C2N NAD P . 34.16 -17.04 -9.99
C3N NAD P . 35.29 -17.43 -10.69
C7N NAD P . 35.76 -18.85 -10.53
O7N NAD P . 35.15 -19.61 -9.75
N7N NAD P . 36.77 -19.26 -11.28
C4N NAD P . 35.94 -16.53 -11.52
C5N NAD P . 35.47 -15.23 -11.63
C6N NAD P . 34.33 -14.85 -10.94
#